data_1UZ0
# 
_entry.id   1UZ0 
# 
_audit_conform.dict_name       mmcif_pdbx.dic 
_audit_conform.dict_version    5.382 
_audit_conform.dict_location   http://mmcif.pdb.org/dictionaries/ascii/mmcif_pdbx.dic 
# 
loop_
_database_2.database_id 
_database_2.database_code 
_database_2.pdbx_database_accession 
_database_2.pdbx_DOI 
PDB   1UZ0         pdb_00001uz0 10.2210/pdb1uz0/pdb 
PDBE  EBI-14722    ?            ?                   
WWPDB D_1290014722 ?            ?                   
# 
loop_
_pdbx_database_related.db_name 
_pdbx_database_related.db_id 
_pdbx_database_related.content_type 
_pdbx_database_related.details 
PDB 1UXZ unspecified 'CARBOHYDRATE BINDING MODULE (CBM6CM-2) FROM CELLVIBRIO MIXTUS LICHENASE 5A' 
PDB 1UY0 unspecified 
'CARBOHYDRATE BINDING MODULE (CBM6CM-2) FROM CELLVIBRIO MIXTUS LICHENASE 5A IN COMPLEX WITH GLC-1,3-GLC-1,4-GLC-1,3-GLC' 
PDB 1UYX unspecified 'CARBOHYDRATE BINDING MODULE (CBM6CM-2) FROM CELLVIBRIO MIXTUS LICHENASE 5A IN COMPLEX WITH CELLOBIOSE' 
PDB 1UYY unspecified 'CARBOHYDRATE BINDING MODULE (CBM6CM-2) FROM CELLVIBRIO MIXTUS LICHENASE 5A IN COMPLEX WITH CELLOTRIOSE' 
PDB 1UYZ unspecified 'CARBOHYDRATE BINDING MODULE (CBM6CM-2) FROM CELLVIBRIO MIXTUS LICHENASE 5A IN COMPLEX WITH XYLOTETRAOSE' 
# 
_pdbx_database_status.status_code                     REL 
_pdbx_database_status.entry_id                        1UZ0 
_pdbx_database_status.deposit_site                    PDBE 
_pdbx_database_status.process_site                    PDBE 
_pdbx_database_status.SG_entry                        . 
_pdbx_database_status.recvd_initial_deposition_date   2004-03-03 
_pdbx_database_status.pdb_format_compatible           Y 
_pdbx_database_status.status_code_sf                  REL 
_pdbx_database_status.status_code_mr                  ? 
_pdbx_database_status.status_code_cs                  ? 
_pdbx_database_status.methods_development_category    ? 
_pdbx_database_status.status_code_nmr_data            ? 
# 
loop_
_audit_author.name 
_audit_author.pdbx_ordinal 
'Czjzek, M.'     1 
'Pires, V.M.R.'  2 
'Henshaw, J.'    3 
'Prates, J.A.M.' 4 
'Bolam, D.'      5 
'Henrissat, B.'  6 
'Gilbert, H.J.'  7 
# 
_citation.id                        primary 
_citation.title                     
;The Crystal Structure of the Family 6 Carbohydrate Binding Module from Cellvibrio Mixtus Endoglucanase 5A in Complex with Oligosaccharides Reveals Two Distinct Binding Sites with Different Ligand Specificities
;
_citation.journal_abbrev            J.Biol.Chem. 
_citation.journal_volume            279 
_citation.page_first                21560 
_citation.page_last                 ? 
_citation.year                      2004 
_citation.journal_id_ASTM           JBCHA3 
_citation.country                   US 
_citation.journal_id_ISSN           0021-9258 
_citation.journal_id_CSD            0071 
_citation.book_publisher            ? 
_citation.pdbx_database_id_PubMed   15010454 
_citation.pdbx_database_id_DOI      10.1074/JBC.M401599200 
# 
loop_
_citation_author.citation_id 
_citation_author.name 
_citation_author.ordinal 
_citation_author.identifier_ORCID 
primary 'Pires, V.M.R.'    1  ? 
primary 'Henshaw, J.'      2  ? 
primary 'Prates, J.A.M.'   3  ? 
primary 'Bolam, D.'        4  ? 
primary 'Ferreira, L.M.A.' 5  ? 
primary 'Fontes, C.M.G.A.' 6  ? 
primary 'Henrissat, B.'    7  ? 
primary 'Planas, A.'       8  ? 
primary 'Gilbert, H.J.'    9  ? 
primary 'Czjzek, M.'       10 ? 
# 
_cell.entry_id           1UZ0 
_cell.length_a           37.924 
_cell.length_b           102.410 
_cell.length_c           31.686 
_cell.angle_alpha        90.00 
_cell.angle_beta         90.00 
_cell.angle_gamma        90.00 
_cell.Z_PDB              4 
_cell.pdbx_unique_axis   ? 
# 
_symmetry.entry_id                         1UZ0 
_symmetry.space_group_name_H-M             'P 21 21 2' 
_symmetry.pdbx_full_space_group_name_H-M   ? 
_symmetry.cell_setting                     ? 
_symmetry.Int_Tables_number                18 
# 
loop_
_entity.id 
_entity.type 
_entity.src_method 
_entity.pdbx_description 
_entity.formula_weight 
_entity.pdbx_number_of_molecules 
_entity.pdbx_ec 
_entity.pdbx_mutation 
_entity.pdbx_fragment 
_entity.details 
1 polymer     man 'CELLULASE B'                                                                                           
13766.938 1   ? ? 'CARBOHYDRATE BINDING MODULE, RESIDUES 493-622' ? 
2 branched    man 'beta-D-glucopyranose-(1-4)-beta-D-glucopyranose-(1-3)-beta-D-glucopyranose-(1-4)-beta-D-glucopyranose' 666.578 
1   ? ? ?                                               ? 
3 non-polymer syn 'CALCIUM ION'                                                                                           40.078 2 
? ? ?                                               ? 
4 non-polymer syn 'CHLORIDE ION'                                                                                          35.453 1 
? ? ?                                               ? 
5 non-polymer syn GLYCEROL                                                                                                92.094 1 
? ? ?                                               ? 
6 water       nat water                                                                                                   18.015 
128 ? ? ?                                               ? 
# 
_entity_poly.entity_id                      1 
_entity_poly.type                           'polypeptide(L)' 
_entity_poly.nstd_linkage                   no 
_entity_poly.nstd_monomer                   no 
_entity_poly.pdbx_seq_one_letter_code       
;MVIATIQAEDHSQQSGTQQETTTDTGGGKNVGYIDAGDWLSYAGTPVNIPSSGSYLIEYRVASQNGGGSLTFEEAGGAPV
HGTIAIPATGGWQTWTTIQHTVNLSAGSHQFGIKANAGGWNLNWIRINKTH
;
_entity_poly.pdbx_seq_one_letter_code_can   
;MVIATIQAEDHSQQSGTQQETTTDTGGGKNVGYIDAGDWLSYAGTPVNIPSSGSYLIEYRVASQNGGGSLTFEEAGGAPV
HGTIAIPATGGWQTWTTIQHTVNLSAGSHQFGIKANAGGWNLNWIRINKTH
;
_entity_poly.pdbx_strand_id                 A 
_entity_poly.pdbx_target_identifier         ? 
# 
loop_
_entity_poly_seq.entity_id 
_entity_poly_seq.num 
_entity_poly_seq.mon_id 
_entity_poly_seq.hetero 
1 1   MET n 
1 2   VAL n 
1 3   ILE n 
1 4   ALA n 
1 5   THR n 
1 6   ILE n 
1 7   GLN n 
1 8   ALA n 
1 9   GLU n 
1 10  ASP n 
1 11  HIS n 
1 12  SER n 
1 13  GLN n 
1 14  GLN n 
1 15  SER n 
1 16  GLY n 
1 17  THR n 
1 18  GLN n 
1 19  GLN n 
1 20  GLU n 
1 21  THR n 
1 22  THR n 
1 23  THR n 
1 24  ASP n 
1 25  THR n 
1 26  GLY n 
1 27  GLY n 
1 28  GLY n 
1 29  LYS n 
1 30  ASN n 
1 31  VAL n 
1 32  GLY n 
1 33  TYR n 
1 34  ILE n 
1 35  ASP n 
1 36  ALA n 
1 37  GLY n 
1 38  ASP n 
1 39  TRP n 
1 40  LEU n 
1 41  SER n 
1 42  TYR n 
1 43  ALA n 
1 44  GLY n 
1 45  THR n 
1 46  PRO n 
1 47  VAL n 
1 48  ASN n 
1 49  ILE n 
1 50  PRO n 
1 51  SER n 
1 52  SER n 
1 53  GLY n 
1 54  SER n 
1 55  TYR n 
1 56  LEU n 
1 57  ILE n 
1 58  GLU n 
1 59  TYR n 
1 60  ARG n 
1 61  VAL n 
1 62  ALA n 
1 63  SER n 
1 64  GLN n 
1 65  ASN n 
1 66  GLY n 
1 67  GLY n 
1 68  GLY n 
1 69  SER n 
1 70  LEU n 
1 71  THR n 
1 72  PHE n 
1 73  GLU n 
1 74  GLU n 
1 75  ALA n 
1 76  GLY n 
1 77  GLY n 
1 78  ALA n 
1 79  PRO n 
1 80  VAL n 
1 81  HIS n 
1 82  GLY n 
1 83  THR n 
1 84  ILE n 
1 85  ALA n 
1 86  ILE n 
1 87  PRO n 
1 88  ALA n 
1 89  THR n 
1 90  GLY n 
1 91  GLY n 
1 92  TRP n 
1 93  GLN n 
1 94  THR n 
1 95  TRP n 
1 96  THR n 
1 97  THR n 
1 98  ILE n 
1 99  GLN n 
1 100 HIS n 
1 101 THR n 
1 102 VAL n 
1 103 ASN n 
1 104 LEU n 
1 105 SER n 
1 106 ALA n 
1 107 GLY n 
1 108 SER n 
1 109 HIS n 
1 110 GLN n 
1 111 PHE n 
1 112 GLY n 
1 113 ILE n 
1 114 LYS n 
1 115 ALA n 
1 116 ASN n 
1 117 ALA n 
1 118 GLY n 
1 119 GLY n 
1 120 TRP n 
1 121 ASN n 
1 122 LEU n 
1 123 ASN n 
1 124 TRP n 
1 125 ILE n 
1 126 ARG n 
1 127 ILE n 
1 128 ASN n 
1 129 LYS n 
1 130 THR n 
1 131 HIS n 
# 
_entity_src_gen.entity_id                          1 
_entity_src_gen.pdbx_src_id                        1 
_entity_src_gen.pdbx_alt_source_flag               sample 
_entity_src_gen.pdbx_seq_type                      ? 
_entity_src_gen.pdbx_beg_seq_num                   ? 
_entity_src_gen.pdbx_end_seq_num                   ? 
_entity_src_gen.gene_src_common_name               ? 
_entity_src_gen.gene_src_genus                     ? 
_entity_src_gen.pdbx_gene_src_gene                 ? 
_entity_src_gen.gene_src_species                   ? 
_entity_src_gen.gene_src_strain                    ? 
_entity_src_gen.gene_src_tissue                    ? 
_entity_src_gen.gene_src_tissue_fraction           ? 
_entity_src_gen.gene_src_details                   ? 
_entity_src_gen.pdbx_gene_src_fragment             ? 
_entity_src_gen.pdbx_gene_src_scientific_name      'CELLVIBRIO MIXTUS' 
_entity_src_gen.pdbx_gene_src_ncbi_taxonomy_id     39650 
_entity_src_gen.pdbx_gene_src_variant              ? 
_entity_src_gen.pdbx_gene_src_cell_line            ? 
_entity_src_gen.pdbx_gene_src_atcc                 ? 
_entity_src_gen.pdbx_gene_src_organ                ? 
_entity_src_gen.pdbx_gene_src_organelle            ? 
_entity_src_gen.pdbx_gene_src_cell                 ? 
_entity_src_gen.pdbx_gene_src_cellular_location    ? 
_entity_src_gen.host_org_common_name               ? 
_entity_src_gen.pdbx_host_org_scientific_name      'ESCHERICHIA COLI' 
_entity_src_gen.pdbx_host_org_ncbi_taxonomy_id     562 
_entity_src_gen.host_org_genus                     ? 
_entity_src_gen.pdbx_host_org_gene                 ? 
_entity_src_gen.pdbx_host_org_organ                ? 
_entity_src_gen.host_org_species                   ? 
_entity_src_gen.pdbx_host_org_tissue               ? 
_entity_src_gen.pdbx_host_org_tissue_fraction      ? 
_entity_src_gen.pdbx_host_org_strain               ? 
_entity_src_gen.pdbx_host_org_variant              ? 
_entity_src_gen.pdbx_host_org_cell_line            ? 
_entity_src_gen.pdbx_host_org_atcc                 ? 
_entity_src_gen.pdbx_host_org_culture_collection   ? 
_entity_src_gen.pdbx_host_org_cell                 ? 
_entity_src_gen.pdbx_host_org_organelle            ? 
_entity_src_gen.pdbx_host_org_cellular_location    ? 
_entity_src_gen.pdbx_host_org_vector_type          ? 
_entity_src_gen.pdbx_host_org_vector               ? 
_entity_src_gen.host_org_details                   ? 
_entity_src_gen.expression_system_id               ? 
_entity_src_gen.plasmid_name                       ? 
_entity_src_gen.plasmid_details                    ? 
_entity_src_gen.pdbx_description                   ? 
# 
loop_
_struct_ref.id 
_struct_ref.db_name 
_struct_ref.db_code 
_struct_ref.entity_id 
_struct_ref.pdbx_seq_one_letter_code 
_struct_ref.pdbx_align_begin 
_struct_ref.pdbx_db_accession 
_struct_ref.pdbx_db_isoform 
1 PDB 1UZ0   1 ? ? 1UZ0   ? 
2 UNP O07653 1 ? ? O07653 ? 
# 
loop_
_struct_ref_seq.align_id 
_struct_ref_seq.ref_id 
_struct_ref_seq.pdbx_PDB_id_code 
_struct_ref_seq.pdbx_strand_id 
_struct_ref_seq.seq_align_beg 
_struct_ref_seq.pdbx_seq_align_beg_ins_code 
_struct_ref_seq.seq_align_end 
_struct_ref_seq.pdbx_seq_align_end_ins_code 
_struct_ref_seq.pdbx_db_accession 
_struct_ref_seq.db_align_beg 
_struct_ref_seq.pdbx_db_align_beg_ins_code 
_struct_ref_seq.db_align_end 
_struct_ref_seq.pdbx_db_align_end_ins_code 
_struct_ref_seq.pdbx_auth_seq_align_beg 
_struct_ref_seq.pdbx_auth_seq_align_end 
1 1 1UZ0 A 1 ? 1   ? 1UZ0   1   ? 1   ? 1 1   
2 2 1UZ0 A 2 ? 131 ? O07653 493 ? 622 ? 2 131 
# 
loop_
_chem_comp.id 
_chem_comp.type 
_chem_comp.mon_nstd_flag 
_chem_comp.name 
_chem_comp.pdbx_synonyms 
_chem_comp.formula 
_chem_comp.formula_weight 
ALA 'L-peptide linking'          y ALANINE              ?                                    'C3 H7 N O2'     89.093  
ARG 'L-peptide linking'          y ARGININE             ?                                    'C6 H15 N4 O2 1' 175.209 
ASN 'L-peptide linking'          y ASPARAGINE           ?                                    'C4 H8 N2 O3'    132.118 
ASP 'L-peptide linking'          y 'ASPARTIC ACID'      ?                                    'C4 H7 N O4'     133.103 
BGC 'D-saccharide, beta linking' . beta-D-glucopyranose 'beta-D-glucose; D-glucose; glucose' 'C6 H12 O6'      180.156 
CA  non-polymer                  . 'CALCIUM ION'        ?                                    'Ca 2'           40.078  
CL  non-polymer                  . 'CHLORIDE ION'       ?                                    'Cl -1'          35.453  
GLN 'L-peptide linking'          y GLUTAMINE            ?                                    'C5 H10 N2 O3'   146.144 
GLU 'L-peptide linking'          y 'GLUTAMIC ACID'      ?                                    'C5 H9 N O4'     147.129 
GLY 'peptide linking'            y GLYCINE              ?                                    'C2 H5 N O2'     75.067  
GOL non-polymer                  . GLYCEROL             'GLYCERIN; PROPANE-1,2,3-TRIOL'      'C3 H8 O3'       92.094  
HIS 'L-peptide linking'          y HISTIDINE            ?                                    'C6 H10 N3 O2 1' 156.162 
HOH non-polymer                  . WATER                ?                                    'H2 O'           18.015  
ILE 'L-peptide linking'          y ISOLEUCINE           ?                                    'C6 H13 N O2'    131.173 
LEU 'L-peptide linking'          y LEUCINE              ?                                    'C6 H13 N O2'    131.173 
LYS 'L-peptide linking'          y LYSINE               ?                                    'C6 H15 N2 O2 1' 147.195 
MET 'L-peptide linking'          y METHIONINE           ?                                    'C5 H11 N O2 S'  149.211 
PHE 'L-peptide linking'          y PHENYLALANINE        ?                                    'C9 H11 N O2'    165.189 
PRO 'L-peptide linking'          y PROLINE              ?                                    'C5 H9 N O2'     115.130 
SER 'L-peptide linking'          y SERINE               ?                                    'C3 H7 N O3'     105.093 
THR 'L-peptide linking'          y THREONINE            ?                                    'C4 H9 N O3'     119.119 
TRP 'L-peptide linking'          y TRYPTOPHAN           ?                                    'C11 H12 N2 O2'  204.225 
TYR 'L-peptide linking'          y TYROSINE             ?                                    'C9 H11 N O3'    181.189 
VAL 'L-peptide linking'          y VALINE               ?                                    'C5 H11 N O2'    117.146 
# 
_exptl.entry_id          1UZ0 
_exptl.method            'X-RAY DIFFRACTION' 
_exptl.crystals_number   1 
# 
_exptl_crystal.id                    1 
_exptl_crystal.density_meas          ? 
_exptl_crystal.density_Matthews      2.2 
_exptl_crystal.density_percent_sol   44.1 
_exptl_crystal.description           ? 
# 
_exptl_crystal_grow.crystal_id      1 
_exptl_crystal_grow.method          ? 
_exptl_crystal_grow.temp            ? 
_exptl_crystal_grow.temp_details    ? 
_exptl_crystal_grow.pH              7.00 
_exptl_crystal_grow.pdbx_pH_range   ? 
_exptl_crystal_grow.pdbx_details    '11% PEG 6000, 2.0 M NACL, pH 7.00' 
# 
_diffrn.id                     1 
_diffrn.ambient_temp           100.0 
_diffrn.ambient_temp_details   ? 
_diffrn.crystal_id             1 
# 
_diffrn_detector.diffrn_id              1 
_diffrn_detector.detector               ? 
_diffrn_detector.type                   ? 
_diffrn_detector.pdbx_collection_date   2003-11-15 
_diffrn_detector.details                ? 
# 
_diffrn_radiation.diffrn_id                        1 
_diffrn_radiation.wavelength_id                    1 
_diffrn_radiation.pdbx_monochromatic_or_laue_m_l   M 
_diffrn_radiation.monochromator                    ? 
_diffrn_radiation.pdbx_diffrn_protocol             'SINGLE WAVELENGTH' 
_diffrn_radiation.pdbx_scattering_type             x-ray 
# 
_diffrn_radiation_wavelength.id           1 
_diffrn_radiation_wavelength.wavelength   0.931 
_diffrn_radiation_wavelength.wt           1.0 
# 
_diffrn_source.diffrn_id                   1 
_diffrn_source.source                      SYNCHROTRON 
_diffrn_source.type                        'ESRF BEAMLINE ID14-3' 
_diffrn_source.pdbx_synchrotron_site       ESRF 
_diffrn_source.pdbx_synchrotron_beamline   ID14-3 
_diffrn_source.pdbx_wavelength             0.931 
_diffrn_source.pdbx_wavelength_list        ? 
# 
_reflns.pdbx_diffrn_id               1 
_reflns.pdbx_ordinal                 1 
_reflns.entry_id                     1UZ0 
_reflns.observed_criterion_sigma_I   ? 
_reflns.observed_criterion_sigma_F   ? 
_reflns.d_resolution_low             24.300 
_reflns.d_resolution_high            1.900 
_reflns.number_obs                   10234 
_reflns.number_all                   ? 
_reflns.percent_possible_obs         99.6 
_reflns.pdbx_Rmerge_I_obs            0.11200 
_reflns.pdbx_Rsym_value              ? 
_reflns.pdbx_netI_over_sigmaI        4.5000 
_reflns.B_iso_Wilson_estimate        ? 
_reflns.pdbx_redundancy              4.700 
# 
_reflns_shell.pdbx_diffrn_id         1 
_reflns_shell.pdbx_ordinal           1 
_reflns_shell.d_res_high             1.90 
_reflns_shell.d_res_low              1.98 
_reflns_shell.percent_possible_all   99.0 
_reflns_shell.Rmerge_I_obs           0.35300 
_reflns_shell.pdbx_Rsym_value        ? 
_reflns_shell.meanI_over_sigI_obs    2.300 
_reflns_shell.pdbx_redundancy        4.40 
# 
_refine.pdbx_refine_id                           'X-RAY DIFFRACTION' 
_refine.entry_id                                 1UZ0 
_refine.pdbx_diffrn_id                           1 
_refine.pdbx_TLS_residual_ADP_flag               ? 
_refine.ls_number_reflns_obs                     8391 
_refine.ls_number_reflns_all                     ? 
_refine.pdbx_ls_sigma_I                          ? 
_refine.pdbx_ls_sigma_F                          ? 
_refine.pdbx_data_cutoff_high_absF               ? 
_refine.pdbx_data_cutoff_low_absF                ? 
_refine.pdbx_data_cutoff_high_rms_absF           ? 
_refine.ls_d_res_low                             51.30 
_refine.ls_d_res_high                            2.00 
_refine.ls_percent_reflns_obs                    99.3 
_refine.ls_R_factor_obs                          0.152 
_refine.ls_R_factor_all                          ? 
_refine.ls_R_factor_R_work                       0.150 
_refine.ls_R_factor_R_free                       0.209 
_refine.ls_R_factor_R_free_error                 ? 
_refine.ls_R_factor_R_free_error_details         ? 
_refine.ls_percent_reflns_R_free                 4.800 
_refine.ls_number_reflns_R_free                  423 
_refine.ls_number_parameters                     ? 
_refine.ls_number_restraints                     ? 
_refine.occupancy_min                            ? 
_refine.occupancy_max                            ? 
_refine.correlation_coeff_Fo_to_Fc               0.954 
_refine.correlation_coeff_Fo_to_Fc_free          0.933 
_refine.B_iso_mean                               9.52 
_refine.aniso_B[1][1]                            1.47000 
_refine.aniso_B[2][2]                            0.28000 
_refine.aniso_B[3][3]                            -1.74000 
_refine.aniso_B[1][2]                            0.00000 
_refine.aniso_B[1][3]                            0.00000 
_refine.aniso_B[2][3]                            0.00000 
_refine.solvent_model_details                    'BABINET MODEL WITH MASK' 
_refine.solvent_model_param_ksol                 ? 
_refine.solvent_model_param_bsol                 ? 
_refine.pdbx_solvent_vdw_probe_radii             1.40 
_refine.pdbx_solvent_ion_probe_radii             0.80 
_refine.pdbx_solvent_shrinkage_radii             0.80 
_refine.pdbx_ls_cross_valid_method               THROUGHOUT 
_refine.details                                  'HYDROGENS HAVE BEEN ADDED IN THE RIDING POSITIONS' 
_refine.pdbx_starting_model                      'PDB ENTRY 1GMM' 
_refine.pdbx_method_to_determine_struct          'MOLECULAR REPLACEMENT' 
_refine.pdbx_isotropic_thermal_model             ? 
_refine.pdbx_stereochemistry_target_values       'MAXIMUM LIKELIHOOD' 
_refine.pdbx_stereochem_target_val_spec_case     ? 
_refine.pdbx_R_Free_selection_details            RANDOM 
_refine.pdbx_overall_ESU_R                       0.169 
_refine.pdbx_overall_ESU_R_Free                  0.158 
_refine.overall_SU_ML                            0.058 
_refine.pdbx_overall_phase_error                 ? 
_refine.overall_SU_B                             1.991 
_refine.overall_SU_R_Cruickshank_DPI             ? 
_refine.pdbx_overall_SU_R_free_Cruickshank_DPI   ? 
_refine.pdbx_overall_SU_R_Blow_DPI               ? 
_refine.pdbx_overall_SU_R_free_Blow_DPI          ? 
# 
_refine_hist.pdbx_refine_id                   'X-RAY DIFFRACTION' 
_refine_hist.cycle_id                         LAST 
_refine_hist.pdbx_number_atoms_protein        973 
_refine_hist.pdbx_number_atoms_nucleic_acid   0 
_refine_hist.pdbx_number_atoms_ligand         54 
_refine_hist.number_atoms_solvent             128 
_refine_hist.number_atoms_total               1155 
_refine_hist.d_res_high                       2.00 
_refine_hist.d_res_low                        51.30 
# 
loop_
_refine_ls_restr.type 
_refine_ls_restr.dev_ideal 
_refine_ls_restr.dev_ideal_target 
_refine_ls_restr.weight 
_refine_ls_restr.number 
_refine_ls_restr.pdbx_refine_id 
_refine_ls_restr.pdbx_restraint_function 
r_bond_refined_d             0.021 0.021 ? 1050 'X-RAY DIFFRACTION' ? 
r_bond_other_d               0.003 0.020 ? 867  'X-RAY DIFFRACTION' ? 
r_angle_refined_deg          1.759 1.947 ? 1437 'X-RAY DIFFRACTION' ? 
r_angle_other_deg            0.988 3.000 ? 2019 'X-RAY DIFFRACTION' ? 
r_dihedral_angle_1_deg       6.448 5.000 ? 130  'X-RAY DIFFRACTION' ? 
r_dihedral_angle_2_deg       ?     ?     ? ?    'X-RAY DIFFRACTION' ? 
r_dihedral_angle_3_deg       ?     ?     ? ?    'X-RAY DIFFRACTION' ? 
r_dihedral_angle_4_deg       ?     ?     ? ?    'X-RAY DIFFRACTION' ? 
r_chiral_restr               0.112 0.200 ? 168  'X-RAY DIFFRACTION' ? 
r_gen_planes_refined         0.019 0.020 ? 1158 'X-RAY DIFFRACTION' ? 
r_gen_planes_other           0.030 0.020 ? 195  'X-RAY DIFFRACTION' ? 
r_nbd_refined                0.210 0.200 ? 159  'X-RAY DIFFRACTION' ? 
r_nbd_other                  0.274 0.200 ? 1027 'X-RAY DIFFRACTION' ? 
r_nbtor_refined              ?     ?     ? ?    'X-RAY DIFFRACTION' ? 
r_nbtor_other                0.088 0.200 ? 580  'X-RAY DIFFRACTION' ? 
r_xyhbond_nbd_refined        0.205 0.200 ? 82   'X-RAY DIFFRACTION' ? 
r_xyhbond_nbd_other          ?     ?     ? ?    'X-RAY DIFFRACTION' ? 
r_metal_ion_refined          0.090 0.200 ? 8    'X-RAY DIFFRACTION' ? 
r_metal_ion_other            ?     ?     ? ?    'X-RAY DIFFRACTION' ? 
r_symmetry_vdw_refined       0.539 0.200 ? 12   'X-RAY DIFFRACTION' ? 
r_symmetry_vdw_other         0.243 0.200 ? 53   'X-RAY DIFFRACTION' ? 
r_symmetry_hbond_refined     0.197 0.200 ? 14   'X-RAY DIFFRACTION' ? 
r_symmetry_hbond_other       ?     ?     ? ?    'X-RAY DIFFRACTION' ? 
r_symmetry_metal_ion_refined ?     ?     ? ?    'X-RAY DIFFRACTION' ? 
r_symmetry_metal_ion_other   ?     ?     ? ?    'X-RAY DIFFRACTION' ? 
r_mcbond_it                  1.039 1.500 ? 639  'X-RAY DIFFRACTION' ? 
r_mcbond_other               ?     ?     ? ?    'X-RAY DIFFRACTION' ? 
r_mcangle_it                 1.733 2.000 ? 1018 'X-RAY DIFFRACTION' ? 
r_mcangle_other              ?     ?     ? ?    'X-RAY DIFFRACTION' ? 
r_scbond_it                  2.668 3.000 ? 411  'X-RAY DIFFRACTION' ? 
r_scbond_other               ?     ?     ? ?    'X-RAY DIFFRACTION' ? 
r_scangle_it                 3.635 4.500 ? 419  'X-RAY DIFFRACTION' ? 
r_scangle_other              ?     ?     ? ?    'X-RAY DIFFRACTION' ? 
r_long_range_B_refined       ?     ?     ? ?    'X-RAY DIFFRACTION' ? 
r_long_range_B_other         ?     ?     ? ?    'X-RAY DIFFRACTION' ? 
r_rigid_bond_restr           ?     ?     ? ?    'X-RAY DIFFRACTION' ? 
r_sphericity_free            ?     ?     ? ?    'X-RAY DIFFRACTION' ? 
r_sphericity_bonded          ?     ?     ? ?    'X-RAY DIFFRACTION' ? 
# 
_refine_ls_shell.pdbx_refine_id                   'X-RAY DIFFRACTION' 
_refine_ls_shell.pdbx_total_number_of_bins_used   20 
_refine_ls_shell.d_res_high                       2.00 
_refine_ls_shell.d_res_low                        2.05 
_refine_ls_shell.number_reflns_R_work             578 
_refine_ls_shell.R_factor_R_work                  0.1440 
_refine_ls_shell.percent_reflns_obs               ? 
_refine_ls_shell.R_factor_R_free                  0.1960 
_refine_ls_shell.R_factor_R_free_error            ? 
_refine_ls_shell.percent_reflns_R_free            ? 
_refine_ls_shell.number_reflns_R_free             33 
_refine_ls_shell.number_reflns_all                ? 
_refine_ls_shell.R_factor_all                     ? 
# 
_struct.entry_id                  1UZ0 
_struct.title                     
'Carbohydrate binding module (CBM6cm-2) from Cellvibrio mixtus lichenase 5A in complex with Glc-4Glc-3Glc-4Glc' 
_struct.pdbx_model_details        ? 
_struct.pdbx_CASP_flag            ? 
_struct.pdbx_model_type_details   ? 
# 
_struct_keywords.entry_id        1UZ0 
_struct_keywords.pdbx_keywords   'CARBOHYDRATE BINDING MODULE' 
_struct_keywords.text            'CARBOHYDRATE BINDING MODULE, CBM6, MIXED BETA1, 3-1, 4 LINKED GLUCAN' 
# 
loop_
_struct_asym.id 
_struct_asym.pdbx_blank_PDB_chainid_flag 
_struct_asym.pdbx_modified 
_struct_asym.entity_id 
_struct_asym.details 
A N N 1 ? 
B N N 2 ? 
C N N 3 ? 
D N N 4 ? 
E N N 5 ? 
F N N 3 ? 
G N N 6 ? 
# 
_struct_biol.id   1 
# 
_struct_conf.conf_type_id            HELX_P 
_struct_conf.id                      HELX_P1 
_struct_conf.pdbx_PDB_helix_id       1 
_struct_conf.beg_label_comp_id       GLU 
_struct_conf.beg_label_asym_id       A 
_struct_conf.beg_label_seq_id        9 
_struct_conf.pdbx_beg_PDB_ins_code   ? 
_struct_conf.end_label_comp_id       HIS 
_struct_conf.end_label_asym_id       A 
_struct_conf.end_label_seq_id        11 
_struct_conf.pdbx_end_PDB_ins_code   ? 
_struct_conf.beg_auth_comp_id        GLU 
_struct_conf.beg_auth_asym_id        A 
_struct_conf.beg_auth_seq_id         9 
_struct_conf.end_auth_comp_id        HIS 
_struct_conf.end_auth_asym_id        A 
_struct_conf.end_auth_seq_id         11 
_struct_conf.pdbx_PDB_helix_class    5 
_struct_conf.details                 ? 
_struct_conf.pdbx_PDB_helix_length   3 
# 
_struct_conf_type.id          HELX_P 
_struct_conf_type.criteria    ? 
_struct_conf_type.reference   ? 
# 
loop_
_struct_conn.id 
_struct_conn.conn_type_id 
_struct_conn.pdbx_leaving_atom_flag 
_struct_conn.pdbx_PDB_id 
_struct_conn.ptnr1_label_asym_id 
_struct_conn.ptnr1_label_comp_id 
_struct_conn.ptnr1_label_seq_id 
_struct_conn.ptnr1_label_atom_id 
_struct_conn.pdbx_ptnr1_label_alt_id 
_struct_conn.pdbx_ptnr1_PDB_ins_code 
_struct_conn.pdbx_ptnr1_standard_comp_id 
_struct_conn.ptnr1_symmetry 
_struct_conn.ptnr2_label_asym_id 
_struct_conn.ptnr2_label_comp_id 
_struct_conn.ptnr2_label_seq_id 
_struct_conn.ptnr2_label_atom_id 
_struct_conn.pdbx_ptnr2_label_alt_id 
_struct_conn.pdbx_ptnr2_PDB_ins_code 
_struct_conn.ptnr1_auth_asym_id 
_struct_conn.ptnr1_auth_comp_id 
_struct_conn.ptnr1_auth_seq_id 
_struct_conn.ptnr2_auth_asym_id 
_struct_conn.ptnr2_auth_comp_id 
_struct_conn.ptnr2_auth_seq_id 
_struct_conn.ptnr2_symmetry 
_struct_conn.pdbx_ptnr3_label_atom_id 
_struct_conn.pdbx_ptnr3_label_seq_id 
_struct_conn.pdbx_ptnr3_label_comp_id 
_struct_conn.pdbx_ptnr3_label_asym_id 
_struct_conn.pdbx_ptnr3_label_alt_id 
_struct_conn.pdbx_ptnr3_PDB_ins_code 
_struct_conn.details 
_struct_conn.pdbx_dist_value 
_struct_conn.pdbx_value_order 
_struct_conn.pdbx_role 
covale1  covale both ? B BGC .   O4  ? ? ? 1_555 B BGC . C1 ? ? B BGC 1    B BGC 2    1_555 ? ? ? ? ? ? ? 1.426 ? ? 
covale2  covale both ? B BGC .   O3  ? ? ? 1_555 B BGC . C1 ? ? B BGC 2    B BGC 3    1_555 ? ? ? ? ? ? ? 1.448 ? ? 
covale3  covale both ? B BGC .   O4  ? ? ? 1_555 B BGC . C1 ? ? B BGC 3    B BGC 4    1_555 ? ? ? ? ? ? ? 1.407 ? ? 
metalc1  metalc ?    ? A GLN 7   OE1 ? ? ? 1_555 F CA  . CA ? ? A GLN 7    A CA  1139 1_555 ? ? ? ? ? ? ? 2.334 ? ? 
metalc2  metalc ?    ? A GLU 9   OE2 ? ? ? 1_555 F CA  . CA ? ? A GLU 9    A CA  1139 1_555 ? ? ? ? ? ? ? 2.537 ? ? 
metalc3  metalc ?    ? A GLU 9   OE1 ? ? ? 1_555 F CA  . CA ? ? A GLU 9    A CA  1139 1_555 ? ? ? ? ? ? ? 2.412 ? ? 
metalc4  metalc ?    ? A GLY 16  O   ? ? ? 1_555 C CA  . CA ? ? A GLY 16   A CA  1132 1_555 ? ? ? ? ? ? ? 2.279 ? ? 
metalc5  metalc ?    ? A LYS 29  O   ? ? ? 1_555 F CA  . CA ? ? A LYS 29   A CA  1139 1_555 ? ? ? ? ? ? ? 2.297 ? ? 
metalc6  metalc ?    ? A TYR 33  O   ? ? ? 1_555 C CA  . CA ? ? A TYR 33   A CA  1132 1_555 ? ? ? ? ? ? ? 2.381 ? ? 
metalc7  metalc ?    ? A ASP 35  OD2 ? ? ? 1_555 C CA  . CA ? ? A ASP 35   A CA  1132 1_555 ? ? ? ? ? ? ? 2.372 ? ? 
metalc8  metalc ?    ? A ASP 38  OD2 ? ? ? 1_555 C CA  . CA ? ? A ASP 38   A CA  1132 1_555 ? ? ? ? ? ? ? 2.319 ? ? 
metalc9  metalc ?    ? A ASN 123 O   ? ? ? 1_555 F CA  . CA ? ? A ASN 123  A CA  1139 1_555 ? ? ? ? ? ? ? 2.535 ? ? 
metalc10 metalc ?    ? A ASN 123 OD1 ? ? ? 1_555 F CA  . CA ? ? A ASN 123  A CA  1139 1_555 ? ? ? ? ? ? ? 2.323 ? ? 
metalc11 metalc ?    ? C CA  .   CA  ? ? ? 1_555 G HOH . O  ? ? A CA  1132 A HOH 2027 1_555 ? ? ? ? ? ? ? 2.522 ? ? 
metalc12 metalc ?    ? C CA  .   CA  ? ? ? 1_555 G HOH . O  ? ? A CA  1132 A HOH 2052 1_555 ? ? ? ? ? ? ? 2.486 ? ? 
metalc13 metalc ?    ? F CA  .   CA  ? ? ? 1_555 G HOH . O  ? ? A CA  1139 A HOH 2043 1_555 ? ? ? ? ? ? ? 2.431 ? ? 
# 
loop_
_struct_conn_type.id 
_struct_conn_type.criteria 
_struct_conn_type.reference 
covale ? ? 
metalc ? ? 
# 
_struct_mon_prot_cis.pdbx_id                1 
_struct_mon_prot_cis.label_comp_id          ALA 
_struct_mon_prot_cis.label_seq_id           78 
_struct_mon_prot_cis.label_asym_id          A 
_struct_mon_prot_cis.label_alt_id           . 
_struct_mon_prot_cis.pdbx_PDB_ins_code      ? 
_struct_mon_prot_cis.auth_comp_id           ALA 
_struct_mon_prot_cis.auth_seq_id            78 
_struct_mon_prot_cis.auth_asym_id           A 
_struct_mon_prot_cis.pdbx_label_comp_id_2   PRO 
_struct_mon_prot_cis.pdbx_label_seq_id_2    79 
_struct_mon_prot_cis.pdbx_label_asym_id_2   A 
_struct_mon_prot_cis.pdbx_PDB_ins_code_2    ? 
_struct_mon_prot_cis.pdbx_auth_comp_id_2    PRO 
_struct_mon_prot_cis.pdbx_auth_seq_id_2     79 
_struct_mon_prot_cis.pdbx_auth_asym_id_2    A 
_struct_mon_prot_cis.pdbx_PDB_model_num     1 
_struct_mon_prot_cis.pdbx_omega_angle       -5.40 
# 
loop_
_struct_sheet.id 
_struct_sheet.type 
_struct_sheet.number_strands 
_struct_sheet.details 
AA ? 4 ? 
AB ? 5 ? 
AC ? 2 ? 
AD ? 2 ? 
# 
loop_
_struct_sheet_order.sheet_id 
_struct_sheet_order.range_id_1 
_struct_sheet_order.range_id_2 
_struct_sheet_order.offset 
_struct_sheet_order.sense 
AA 1 2 ? anti-parallel 
AA 2 3 ? anti-parallel 
AA 3 4 ? anti-parallel 
AB 1 2 ? anti-parallel 
AB 2 3 ? anti-parallel 
AB 3 4 ? anti-parallel 
AB 4 5 ? anti-parallel 
AC 1 2 ? anti-parallel 
AD 1 2 ? anti-parallel 
# 
loop_
_struct_sheet_range.sheet_id 
_struct_sheet_range.id 
_struct_sheet_range.beg_label_comp_id 
_struct_sheet_range.beg_label_asym_id 
_struct_sheet_range.beg_label_seq_id 
_struct_sheet_range.pdbx_beg_PDB_ins_code 
_struct_sheet_range.end_label_comp_id 
_struct_sheet_range.end_label_asym_id 
_struct_sheet_range.end_label_seq_id 
_struct_sheet_range.pdbx_end_PDB_ins_code 
_struct_sheet_range.beg_auth_comp_id 
_struct_sheet_range.beg_auth_asym_id 
_struct_sheet_range.beg_auth_seq_id 
_struct_sheet_range.end_auth_comp_id 
_struct_sheet_range.end_auth_asym_id 
_struct_sheet_range.end_auth_seq_id 
AA 1 VAL A 2   ? GLN A 7   ? VAL A 2   GLN A 7   
AA 2 ASN A 121 ? LYS A 129 ? ASN A 121 LYS A 129 
AA 3 GLY A 53  ? ALA A 62  ? GLY A 53  ALA A 62  
AA 4 TRP A 95  ? LEU A 104 ? TRP A 95  LEU A 104 
AB 1 GLN A 13  ? SER A 15  ? GLN A 13  SER A 15  
AB 2 TRP A 39  ? SER A 41  ? TRP A 39  SER A 41  
AB 3 PHE A 111 ? ALA A 117 ? PHE A 111 ALA A 117 
AB 4 GLY A 68  ? GLU A 74  ? GLY A 68  GLU A 74  
AB 5 VAL A 80  ? ILE A 86  ? VAL A 80  ILE A 86  
AC 1 GLN A 18  ? THR A 21  ? GLN A 18  THR A 21  
AC 2 LYS A 29  ? GLY A 32  ? LYS A 29  GLY A 32  
AD 1 VAL A 47  ? ILE A 49  ? VAL A 47  ILE A 49  
AD 2 GLY A 107 ? HIS A 109 ? GLY A 107 HIS A 109 
# 
loop_
_pdbx_struct_sheet_hbond.sheet_id 
_pdbx_struct_sheet_hbond.range_id_1 
_pdbx_struct_sheet_hbond.range_id_2 
_pdbx_struct_sheet_hbond.range_1_label_atom_id 
_pdbx_struct_sheet_hbond.range_1_label_comp_id 
_pdbx_struct_sheet_hbond.range_1_label_asym_id 
_pdbx_struct_sheet_hbond.range_1_label_seq_id 
_pdbx_struct_sheet_hbond.range_1_PDB_ins_code 
_pdbx_struct_sheet_hbond.range_1_auth_atom_id 
_pdbx_struct_sheet_hbond.range_1_auth_comp_id 
_pdbx_struct_sheet_hbond.range_1_auth_asym_id 
_pdbx_struct_sheet_hbond.range_1_auth_seq_id 
_pdbx_struct_sheet_hbond.range_2_label_atom_id 
_pdbx_struct_sheet_hbond.range_2_label_comp_id 
_pdbx_struct_sheet_hbond.range_2_label_asym_id 
_pdbx_struct_sheet_hbond.range_2_label_seq_id 
_pdbx_struct_sheet_hbond.range_2_PDB_ins_code 
_pdbx_struct_sheet_hbond.range_2_auth_atom_id 
_pdbx_struct_sheet_hbond.range_2_auth_comp_id 
_pdbx_struct_sheet_hbond.range_2_auth_asym_id 
_pdbx_struct_sheet_hbond.range_2_auth_seq_id 
AA 1 2 N ILE A 6   ? N ILE A 6   O ILE A 125 ? O ILE A 125 
AA 2 3 N ASN A 128 ? N ASN A 128 O LEU A 56  ? O LEU A 56  
AA 3 4 N VAL A 61  ? N VAL A 61  O THR A 96  ? O THR A 96  
AB 1 2 N SER A 15  ? N SER A 15  O TRP A 39  ? O TRP A 39  
AB 2 3 N LEU A 40  ? N LEU A 40  O ILE A 113 ? O ILE A 113 
AB 3 4 N ASN A 116 ? N ASN A 116 O SER A 69  ? O SER A 69  
AB 4 5 O PHE A 72  ? O PHE A 72  N HIS A 81  ? N HIS A 81  
AC 1 2 N GLU A 20  ? N GLU A 20  O ASN A 30  ? O ASN A 30  
AD 1 2 N ILE A 49  ? N ILE A 49  O GLY A 107 ? O GLY A 107 
# 
_atom_sites.entry_id                    1UZ0 
_atom_sites.fract_transf_matrix[1][1]   -0.02509455 
_atom_sites.fract_transf_matrix[1][2]   0.00744250 
_atom_sites.fract_transf_matrix[1][3]   -0.00318498 
_atom_sites.fract_transf_matrix[2][1]   0.00298320 
_atom_sites.fract_transf_matrix[2][2]   0.00812044 
_atom_sites.fract_transf_matrix[2][3]   -0.00452927 
_atom_sites.fract_transf_matrix[3][1]   -0.00096164 
_atom_sites.fract_transf_matrix[3][2]   -0.01509601 
_atom_sites.fract_transf_matrix[3][3]   -0.02769873 
_atom_sites.fract_transf_vector[1]      0.092833 
_atom_sites.fract_transf_vector[2]      0.130700 
_atom_sites.fract_transf_vector[3]      0.271743 
# 
loop_
_atom_type.symbol 
C  
CA 
CL 
N  
O  
S  
# 
loop_
_atom_site.group_PDB 
_atom_site.id 
_atom_site.type_symbol 
_atom_site.label_atom_id 
_atom_site.label_alt_id 
_atom_site.label_comp_id 
_atom_site.label_asym_id 
_atom_site.label_entity_id 
_atom_site.label_seq_id 
_atom_site.pdbx_PDB_ins_code 
_atom_site.Cartn_x 
_atom_site.Cartn_y 
_atom_site.Cartn_z 
_atom_site.occupancy 
_atom_site.B_iso_or_equiv 
_atom_site.pdbx_formal_charge 
_atom_site.auth_seq_id 
_atom_site.auth_comp_id 
_atom_site.auth_asym_id 
_atom_site.auth_atom_id 
_atom_site.pdbx_PDB_model_num 
ATOM   1    N  N   . MET A 1 1   ? -7.509  -7.588  15.079  1.00 20.82 ? 1    MET A N   1 
ATOM   2    C  CA  . MET A 1 1   ? -6.109  -8.114  15.001  1.00 21.42 ? 1    MET A CA  1 
ATOM   3    C  C   . MET A 1 1   ? -5.501  -7.882  13.613  1.00 17.77 ? 1    MET A C   1 
ATOM   4    O  O   . MET A 1 1   ? -6.191  -7.440  12.677  1.00 16.36 ? 1    MET A O   1 
ATOM   5    C  CB  . MET A 1 1   ? -6.092  -9.609  15.337  1.00 22.52 ? 1    MET A CB  1 
ATOM   6    C  CG  . MET A 1 1   ? -4.680  -10.234 15.866  1.00 28.74 ? 1    MET A CG  1 
ATOM   7    S  SD  . MET A 1 1   ? -3.095  -9.300  15.936  1.00 31.43 ? 1    MET A SD  1 
ATOM   8    C  CE  . MET A 1 1   ? -2.365  -9.926  17.065  1.00 37.91 ? 1    MET A CE  1 
ATOM   9    N  N   . VAL A 1 2   ? -4.212  -8.161  13.492  1.00 13.72 ? 2    VAL A N   1 
ATOM   10   C  CA  . VAL A 1 2   ? -3.522  -7.969  12.225  1.00 11.71 ? 2    VAL A CA  1 
ATOM   11   C  C   . VAL A 1 2   ? -3.853  -9.173  11.323  1.00 11.09 ? 2    VAL A C   1 
ATOM   12   O  O   . VAL A 1 2   ? -3.703  -10.327 11.724  1.00 11.79 ? 2    VAL A O   1 
ATOM   13   C  CB  . VAL A 1 2   ? -2.020  -7.816  12.461  1.00 11.37 ? 2    VAL A CB  1 
ATOM   14   C  CG1 . VAL A 1 2   ? -1.296  -7.613  11.155  1.00 10.52 ? 2    VAL A CG1 1 
ATOM   15   C  CG2 . VAL A 1 2   ? -1.762  -6.658  13.424  1.00 13.76 ? 2    VAL A CG2 1 
ATOM   16   N  N   . ILE A 1 3   ? -4.374  -8.917  10.139  1.00 8.75  ? 3    ILE A N   1 
ATOM   17   C  CA  . ILE A 1 3   ? -4.587  -9.997  9.186   1.00 8.56  ? 3    ILE A CA  1 
ATOM   18   C  C   . ILE A 1 3   ? -3.274  -10.289 8.469   1.00 6.53  ? 3    ILE A C   1 
ATOM   19   O  O   . ILE A 1 3   ? -2.840  -11.439 8.397   1.00 6.37  ? 3    ILE A O   1 
ATOM   20   C  CB  . ILE A 1 3   ? -5.661  -9.654  8.168   1.00 7.73  ? 3    ILE A CB  1 
ATOM   21   C  CG1 . ILE A 1 3   ? -7.002  -9.284  8.844   1.00 9.07  ? 3    ILE A CG1 1 
ATOM   22   C  CG2 . ILE A 1 3   ? -5.849  -10.806 7.211   1.00 10.39 ? 3    ILE A CG2 1 
ATOM   23   C  CD1 . ILE A 1 3   ? -7.695  -10.379 9.607   1.00 8.78  ? 3    ILE A CD1 1 
ATOM   24   N  N   . ALA A 1 4   ? -2.607  -9.250  8.000   1.00 6.84  ? 4    ALA A N   1 
ATOM   25   C  CA  . ALA A 1 4   ? -1.354  -9.461  7.315   1.00 8.54  ? 4    ALA A CA  1 
ATOM   26   C  C   . ALA A 1 4   ? -0.559  -8.158  7.236   1.00 9.06  ? 4    ALA A C   1 
ATOM   27   O  O   . ALA A 1 4   ? -1.118  -7.072  7.212   1.00 8.43  ? 4    ALA A O   1 
ATOM   28   C  CB  . ALA A 1 4   ? -1.596  -10.079 5.927   1.00 10.67 ? 4    ALA A CB  1 
ATOM   29   N  N   . THR A 1 5   ? 0.757   -8.291  7.284   1.00 9.22  ? 5    THR A N   1 
ATOM   30   C  CA  . THR A 1 5   ? 1.674   -7.238  6.894   1.00 9.73  ? 5    THR A CA  1 
ATOM   31   C  C   . THR A 1 5   ? 2.270   -7.628  5.555   1.00 9.47  ? 5    THR A C   1 
ATOM   32   O  O   . THR A 1 5   ? 2.939   -8.640  5.479   1.00 11.44 ? 5    THR A O   1 
ATOM   33   C  CB  . THR A 1 5   ? 2.786   -7.090  7.903   1.00 10.36 ? 5    THR A CB  1 
ATOM   34   O  OG1 . THR A 1 5   ? 2.259   -6.683  9.175   1.00 11.24 ? 5    THR A OG1 1 
ATOM   35   C  CG2 . THR A 1 5   ? 3.669   -5.936  7.516   1.00 12.21 ? 5    THR A CG2 1 
ATOM   36   N  N   . ILE A 1 6   ? 2.058   -6.820  4.520   1.00 8.97  ? 6    ILE A N   1 
ATOM   37   C  CA  . ILE A 1 6   ? 2.545   -7.109  3.180   1.00 8.79  ? 6    ILE A CA  1 
ATOM   38   C  C   . ILE A 1 6   ? 3.698   -6.115  2.893   1.00 6.71  ? 6    ILE A C   1 
ATOM   39   O  O   . ILE A 1 6   ? 3.486   -4.902  2.861   1.00 4.91  ? 6    ILE A O   1 
ATOM   40   C  CB  . ILE A 1 6   ? 1.412   -6.917  2.127   1.00 8.85  ? 6    ILE A CB  1 
ATOM   41   C  CG1 . ILE A 1 6   ? 0.263   -7.905  2.344   1.00 9.63  ? 6    ILE A CG1 1 
ATOM   42   C  CG2 . ILE A 1 6   ? 1.949   -7.174  0.722   1.00 10.72 ? 6    ILE A CG2 1 
ATOM   43   C  CD1 . ILE A 1 6   ? -0.901  -7.662  1.484   1.00 13.19 ? 6    ILE A CD1 1 
ATOM   44   N  N   . GLN A 1 7   ? 4.907   -6.644  2.705   1.00 5.34  ? 7    GLN A N   1 
ATOM   45   C  CA  . GLN A 1 7   ? 6.044   -5.829  2.260   1.00 5.46  ? 7    GLN A CA  1 
ATOM   46   C  C   . GLN A 1 7   ? 5.776   -5.370  0.859   1.00 5.54  ? 7    GLN A C   1 
ATOM   47   O  O   . GLN A 1 7   ? 5.359   -6.177  0.027   1.00 5.37  ? 7    GLN A O   1 
ATOM   48   C  CB  . GLN A 1 7   ? 7.362   -6.614  2.375   1.00 6.16  ? 7    GLN A CB  1 
ATOM   49   C  CG  . GLN A 1 7   ? 7.694   -6.991  3.794   1.00 6.78  ? 7    GLN A CG  1 
ATOM   50   C  CD  . GLN A 1 7   ? 8.062   -5.777  4.608   1.00 9.99  ? 7    GLN A CD  1 
ATOM   51   O  OE1 . GLN A 1 7   ? 8.549   -4.798  4.048   1.00 10.06 ? 7    GLN A OE1 1 
ATOM   52   N  NE2 . GLN A 1 7   ? 7.829   -5.816  5.919   1.00 8.68  ? 7    GLN A NE2 1 
ATOM   53   N  N   . ALA A 1 8   ? 5.929   -4.064  0.607   1.00 5.45  ? 8    ALA A N   1 
ATOM   54   C  CA  . ALA A 1 8   ? 5.600   -3.521  -0.707  1.00 6.65  ? 8    ALA A CA  1 
ATOM   55   C  C   . ALA A 1 8   ? 6.321   -4.234  -1.872  1.00 3.94  ? 8    ALA A C   1 
ATOM   56   O  O   . ALA A 1 8   ? 5.770   -4.390  -2.979  1.00 5.23  ? 8    ALA A O   1 
ATOM   57   C  CB  . ALA A 1 8   ? 5.946   -2.020  -0.747  1.00 6.07  ? 8    ALA A CB  1 
ATOM   58   N  N   . GLU A 1 9   ? 7.563   -4.588  -1.604  1.00 5.56  ? 9    GLU A N   1 
ATOM   59   C  CA  . GLU A 1 9   ? 8.507   -5.239  -2.559  1.00 5.80  ? 9    GLU A CA  1 
ATOM   60   C  C   . GLU A 1 9   ? 8.152   -6.689  -2.834  1.00 6.53  ? 9    GLU A C   1 
ATOM   61   O  O   . GLU A 1 9   ? 8.755   -7.296  -3.711  1.00 7.34  ? 9    GLU A O   1 
ATOM   62   C  CB  . GLU A 1 9   ? 9.964   -5.164  -2.049  1.00 6.25  ? 9    GLU A CB  1 
ATOM   63   C  CG  . GLU A 1 9   ? 10.251  -5.875  -0.730  1.00 5.89  ? 9    GLU A CG  1 
ATOM   64   C  CD  . GLU A 1 9   ? 10.043  -4.988  0.539   1.00 9.42  ? 9    GLU A CD  1 
ATOM   65   O  OE1 . GLU A 1 9   ? 9.161   -4.103  0.588   1.00 3.35  ? 9    GLU A OE1 1 
ATOM   66   O  OE2 . GLU A 1 9   ? 10.753  -5.204  1.541   1.00 7.29  ? 9    GLU A OE2 1 
ATOM   67   N  N   . ASP A 1 10  ? 7.134   -7.239  -2.154  1.00 7.47  ? 10   ASP A N   1 
ATOM   68   C  CA  . ASP A 1 10  ? 6.678   -8.595  -2.462  1.00 7.15  ? 10   ASP A CA  1 
ATOM   69   C  C   . ASP A 1 10  ? 5.550   -8.695  -3.438  1.00 6.74  ? 10   ASP A C   1 
ATOM   70   O  O   . ASP A 1 10  ? 4.805   -9.655  -3.438  1.00 7.64  ? 10   ASP A O   1 
ATOM   71   C  CB  . ASP A 1 10  ? 6.310   -9.337  -1.180  1.00 7.48  ? 10   ASP A CB  1 
ATOM   72   C  CG  . ASP A 1 10  ? 7.520   -9.598  -0.314  1.00 10.66 ? 10   ASP A CG  1 
ATOM   73   O  OD1 . ASP A 1 10  ? 8.647   -9.530  -0.836  1.00 11.08 ? 10   ASP A OD1 1 
ATOM   74   O  OD2 . ASP A 1 10  ? 7.447   -9.802  0.914   1.00 10.64 ? 10   ASP A OD2 1 
ATOM   75   N  N   . HIS A 1 11  ? 5.456   -7.736  -4.324  1.00 5.91  ? 11   HIS A N   1 
ATOM   76   C  CA  . HIS A 1 11  ? 4.525   -7.850  -5.392  1.00 6.88  ? 11   HIS A CA  1 
ATOM   77   C  C   . HIS A 1 11  ? 4.779   -8.948  -6.388  1.00 6.70  ? 11   HIS A C   1 
ATOM   78   O  O   . HIS A 1 11  ? 5.919   -9.306  -6.604  1.00 6.00  ? 11   HIS A O   1 
ATOM   79   C  CB  . HIS A 1 11  ? 4.473   -6.585  -6.146  1.00 7.01  ? 11   HIS A CB  1 
ATOM   80   C  CG  . HIS A 1 11  ? 5.783   -5.988  -6.542  1.00 9.36  ? 11   HIS A CG  1 
ATOM   81   N  ND1 . HIS A 1 11  ? 6.278   -6.114  -7.815  1.00 10.65 ? 11   HIS A ND1 1 
ATOM   82   C  CD2 . HIS A 1 11  ? 6.668   -5.216  -5.869  1.00 10.08 ? 11   HIS A CD2 1 
ATOM   83   C  CE1 . HIS A 1 11  ? 7.322   -5.308  -7.954  1.00 18.39 ? 11   HIS A CE1 1 
ATOM   84   N  NE2 . HIS A 1 11  ? 7.625   -4.816  -6.767  1.00 12.89 ? 11   HIS A NE2 1 
ATOM   85   N  N   . SER A 1 12  ? 3.691   -9.459  -6.963  1.00 6.63  ? 12   SER A N   1 
ATOM   86   C  CA  . SER A 1 12  ? 3.743   -10.530 -7.969  1.00 8.25  ? 12   SER A CA  1 
ATOM   87   C  C   . SER A 1 12  ? 3.870   -9.943  -9.363  1.00 8.08  ? 12   SER A C   1 
ATOM   88   O  O   . SER A 1 12  ? 4.443   -10.570 -10.260 1.00 9.08  ? 12   SER A O   1 
ATOM   89   C  CB  . SER A 1 12  ? 2.517   -11.464 -7.860  1.00 7.72  ? 12   SER A CB  1 
ATOM   90   O  OG  . SER A 1 12  ? 1.267   -10.778 -7.963  1.00 7.59  ? 12   SER A OG  1 
ATOM   91   N  N   . GLN A 1 13  ? 3.326   -8.734  -9.544  1.00 8.46  ? 13   GLN A N   1 
ATOM   92   C  CA  . GLN A 1 13  ? 3.406   -7.969  -10.802 1.00 9.05  ? 13   GLN A CA  1 
ATOM   93   C  C   . GLN A 1 13  ? 3.427   -6.508  -10.430 1.00 8.74  ? 13   GLN A C   1 
ATOM   94   O  O   . GLN A 1 13  ? 2.939   -6.105  -9.379  1.00 7.64  ? 13   GLN A O   1 
ATOM   95   C  CB  . GLN A 1 13  ? 2.227   -8.250  -11.769 1.00 9.61  ? 13   GLN A CB  1 
ATOM   96   C  CG  . GLN A 1 13  ? 2.205   -9.707  -12.308 1.00 15.27 ? 13   GLN A CG  1 
ATOM   97   C  CD  . GLN A 1 13  ? 1.435   -10.735 -11.393 1.00 16.77 ? 13   GLN A CD  1 
ATOM   98   O  OE1 . GLN A 1 13  ? 0.639   -10.365 -10.511 1.00 16.57 ? 13   GLN A OE1 1 
ATOM   99   N  NE2 . GLN A 1 13  ? 1.685   -12.043 -11.641 1.00 16.30 ? 13   GLN A NE2 1 
ATOM   100  N  N   . GLN A 1 14  ? 4.073   -5.698  -11.245 1.00 8.70  ? 14   GLN A N   1 
ATOM   101  C  CA  . GLN A 1 14  ? 4.012   -4.228  -11.064 1.00 8.48  ? 14   GLN A CA  1 
ATOM   102  C  C   . GLN A 1 14  ? 4.209   -3.520  -12.396 1.00 8.74  ? 14   GLN A C   1 
ATOM   103  O  O   . GLN A 1 14  ? 4.635   -4.138  -13.374 1.00 9.14  ? 14   GLN A O   1 
ATOM   104  C  CB  . GLN A 1 14  ? 5.094   -3.771  -10.146 1.00 8.71  ? 14   GLN A CB  1 
ATOM   105  C  CG  . GLN A 1 14  ? 6.497   -4.029  -10.683 1.00 10.66 ? 14   GLN A CG  1 
ATOM   106  C  CD  . GLN A 1 14  ? 7.095   -2.837  -11.442 1.00 11.19 ? 14   GLN A CD  1 
ATOM   107  O  OE1 . GLN A 1 14  ? 6.858   -1.693  -11.088 1.00 9.84  ? 14   GLN A OE1 1 
ATOM   108  N  NE2 . GLN A 1 14  ? 7.864   -3.127  -12.485 1.00 9.00  ? 14   GLN A NE2 1 
ATOM   109  N  N   . SER A 1 15  ? 3.912   -2.232  -12.429 1.00 8.64  ? 15   SER A N   1 
ATOM   110  C  CA  . SER A 1 15  ? 4.264   -1.434  -13.579 1.00 9.38  ? 15   SER A CA  1 
ATOM   111  C  C   . SER A 1 15  ? 4.819   -0.089  -13.175 1.00 8.17  ? 15   SER A C   1 
ATOM   112  O  O   . SER A 1 15  ? 4.218   0.655   -12.350 1.00 10.36 ? 15   SER A O   1 
ATOM   113  C  CB  . SER A 1 15  ? 3.072   -1.277  -14.498 1.00 9.58  ? 15   SER A CB  1 
ATOM   114  O  OG  . SER A 1 15  ? 3.443   -0.391  -15.535 1.00 10.68 ? 15   SER A OG  1 
ATOM   115  N  N   . GLY A 1 16  ? 6.033   0.165   -13.649 1.00 8.77  ? 16   GLY A N   1 
ATOM   116  C  CA  . GLY A 1 16  ? 6.675   1.469   -13.575 1.00 9.18  ? 16   GLY A CA  1 
ATOM   117  C  C   . GLY A 1 16  ? 7.477   1.870   -12.339 1.00 8.56  ? 16   GLY A C   1 
ATOM   118  O  O   . GLY A 1 16  ? 8.007   2.958   -12.274 1.00 9.03  ? 16   GLY A O   1 
ATOM   119  N  N   . THR A 1 17  ? 7.616   0.976   -11.370 1.00 9.24  ? 17   THR A N   1 
ATOM   120  C  CA  . THR A 1 17  ? 8.345   1.260   -10.160 1.00 8.38  ? 17   THR A CA  1 
ATOM   121  C  C   . THR A 1 17  ? 9.660   0.525   -10.081 1.00 9.73  ? 17   THR A C   1 
ATOM   122  O  O   . THR A 1 17  ? 10.021  -0.270  -10.953 1.00 10.07 ? 17   THR A O   1 
ATOM   123  C  CB  . THR A 1 17  ? 7.458   0.856   -8.952  1.00 9.78  ? 17   THR A CB  1 
ATOM   124  O  OG1 . THR A 1 17  ? 7.408   -0.580  -8.843  1.00 7.94  ? 17   THR A OG1 1 
ATOM   125  C  CG2 . THR A 1 17  ? 6.033   1.390   -9.146  1.00 6.94  ? 17   THR A CG2 1 
ATOM   126  N  N   . GLN A 1 18  ? 10.410  0.825   -9.040  1.00 10.30 ? 18   GLN A N   1 
ATOM   127  C  CA  . GLN A 1 18  ? 11.619  0.145   -8.767  1.00 11.30 ? 18   GLN A CA  1 
ATOM   128  C  C   . GLN A 1 18  ? 11.823  0.028   -7.280  1.00 10.84 ? 18   GLN A C   1 
ATOM   129  O  O   . GLN A 1 18  ? 11.414  0.893   -6.526  1.00 9.73  ? 18   GLN A O   1 
ATOM   130  C  CB  . GLN A 1 18  ? 12.789  0.888   -9.437  1.00 14.01 ? 18   GLN A CB  1 
ATOM   131  C  CG  . GLN A 1 18  ? 14.117  0.140   -9.362  1.00 18.32 ? 18   GLN A CG  1 
ATOM   132  C  CD  . GLN A 1 18  ? 14.115  -1.306  -9.977  1.00 27.48 ? 18   GLN A CD  1 
ATOM   133  O  OE1 . GLN A 1 18  ? 14.155  -2.335  -9.223  1.00 26.46 ? 18   GLN A OE1 1 
ATOM   134  N  NE2 . GLN A 1 18  ? 14.148  -1.379  -11.328 1.00 27.30 ? 18   GLN A NE2 1 
ATOM   135  N  N   . GLN A 1 19  ? 12.520  -1.036  -6.893  1.00 10.02 ? 19   GLN A N   1 
ATOM   136  C  CA  . GLN A 1 19  ? 12.893  -1.305  -5.526  1.00 10.05 ? 19   GLN A CA  1 
ATOM   137  C  C   . GLN A 1 19  ? 14.260  -0.676  -5.184  1.00 11.02 ? 19   GLN A C   1 
ATOM   138  O  O   . GLN A 1 19  ? 15.115  -0.439  -6.084  1.00 9.29  ? 19   GLN A O   1 
ATOM   139  C  CB  . GLN A 1 19  ? 12.908  -2.806  -5.284  1.00 11.23 ? 19   GLN A CB  1 
ATOM   140  C  CG  . GLN A 1 19  ? 11.529  -3.443  -5.549  1.00 12.32 ? 19   GLN A CG  1 
ATOM   141  C  CD  . GLN A 1 19  ? 11.511  -4.918  -5.308  1.00 19.59 ? 19   GLN A CD  1 
ATOM   142  O  OE1 . GLN A 1 19  ? 10.497  -5.602  -5.627  1.00 21.05 ? 19   GLN A OE1 1 
ATOM   143  N  NE2 . GLN A 1 19  ? 12.597  -5.436  -4.722  1.00 14.07 ? 19   GLN A NE2 1 
ATOM   144  N  N   . GLU A 1 20  ? 14.401  -0.344  -3.908  1.00 10.01 ? 20   GLU A N   1 
ATOM   145  C  CA  . GLU A 1 20  ? 15.632  0.213   -3.376  1.00 11.63 ? 20   GLU A CA  1 
ATOM   146  C  C   . GLU A 1 20  ? 15.751  -0.191  -1.905  1.00 12.49 ? 20   GLU A C   1 
ATOM   147  O  O   . GLU A 1 20  ? 14.777  -0.625  -1.276  1.00 10.34 ? 20   GLU A O   1 
ATOM   148  C  CB  . GLU A 1 20  ? 15.667  1.738   -3.522  1.00 12.33 ? 20   GLU A CB  1 
ATOM   149  C  CG  . GLU A 1 20  ? 14.572  2.498   -2.751  1.00 9.49  ? 20   GLU A CG  1 
ATOM   150  C  CD  . GLU A 1 20  ? 14.421  3.973   -3.137  1.00 10.36 ? 20   GLU A CD  1 
ATOM   151  O  OE1 . GLU A 1 20  ? 15.265  4.530   -3.904  1.00 10.26 ? 20   GLU A OE1 1 
ATOM   152  O  OE2 . GLU A 1 20  ? 13.437  4.616   -2.641  1.00 10.35 ? 20   GLU A OE2 1 
ATOM   153  N  N   . THR A 1 21  ? 16.966  -0.116  -1.373  1.00 11.95 ? 21   THR A N   1 
ATOM   154  C  CA  . THR A 1 21  ? 17.173  -0.358  0.046   1.00 13.11 ? 21   THR A CA  1 
ATOM   155  C  C   . THR A 1 21  ? 16.508  0.698   0.884   1.00 11.21 ? 21   THR A C   1 
ATOM   156  O  O   . THR A 1 21  ? 16.538  1.851   0.533   1.00 11.06 ? 21   THR A O   1 
ATOM   157  C  CB  . THR A 1 21  ? 18.707  -0.400  0.347   1.00 13.59 ? 21   THR A CB  1 
ATOM   158  O  OG1 . THR A 1 21  ? 19.256  -1.498  -0.378  1.00 15.93 ? 21   THR A OG1 1 
ATOM   159  C  CG2 . THR A 1 21  ? 18.966  -0.820  1.780   1.00 17.88 ? 21   THR A CG2 1 
ATOM   160  N  N   . THR A 1 22  ? 15.824  0.299   1.952   1.00 9.37  ? 22   THR A N   1 
ATOM   161  C  CA  . THR A 1 22  ? 15.287  1.279   2.866   1.00 8.97  ? 22   THR A CA  1 
ATOM   162  C  C   . THR A 1 22  ? 16.109  1.390   4.149   1.00 8.66  ? 22   THR A C   1 
ATOM   163  O  O   . THR A 1 22  ? 16.649  0.403   4.638   1.00 7.72  ? 22   THR A O   1 
ATOM   164  C  CB  . THR A 1 22  ? 13.824  0.985   3.210   1.00 7.68  ? 22   THR A CB  1 
ATOM   165  O  OG1 . THR A 1 22  ? 13.312  2.074   3.997   1.00 9.99  ? 22   THR A OG1 1 
ATOM   166  C  CG2 . THR A 1 22  ? 13.670  -0.285  4.098   1.00 5.54  ? 22   THR A CG2 1 
ATOM   167  N  N   . THR A 1 23  ? 16.141  2.595   4.715   1.00 9.52  ? 23   THR A N   1 
ATOM   168  C  CA  . THR A 1 23  ? 16.793  2.817   6.026   1.00 10.35 ? 23   THR A CA  1 
ATOM   169  C  C   . THR A 1 23  ? 15.774  2.936   7.148   1.00 11.60 ? 23   THR A C   1 
ATOM   170  O  O   . THR A 1 23  ? 16.134  3.245   8.294   1.00 10.30 ? 23   THR A O   1 
ATOM   171  C  CB  . THR A 1 23  ? 17.694  4.055   6.007   1.00 10.65 ? 23   THR A CB  1 
ATOM   172  O  OG1 . THR A 1 23  ? 16.984  5.191   5.485   1.00 13.03 ? 23   THR A OG1 1 
ATOM   173  C  CG2 . THR A 1 23  ? 18.883  3.834   5.027   1.00 13.53 ? 23   THR A CG2 1 
ATOM   174  N  N   . ASP A 1 24  ? 14.493  2.710   6.816   1.00 11.01 ? 24   ASP A N   1 
ATOM   175  C  CA  . ASP A 1 24  ? 13.437  2.637   7.806   1.00 10.56 ? 24   ASP A CA  1 
ATOM   176  C  C   . ASP A 1 24  ? 13.804  1.579   8.799   1.00 11.18 ? 24   ASP A C   1 
ATOM   177  O  O   . ASP A 1 24  ? 14.623  0.727   8.522   1.00 9.28  ? 24   ASP A O   1 
ATOM   178  C  CB  . ASP A 1 24  ? 12.118  2.267   7.125   1.00 9.08  ? 24   ASP A CB  1 
ATOM   179  C  CG  . ASP A 1 24  ? 10.890  2.558   7.971   1.00 11.44 ? 24   ASP A CG  1 
ATOM   180  O  OD1 . ASP A 1 24  ? 11.001  3.297   8.996   1.00 7.15  ? 24   ASP A OD1 1 
ATOM   181  O  OD2 . ASP A 1 24  ? 9.726   2.103   7.660   1.00 8.97  ? 24   ASP A OD2 1 
ATOM   182  N  N   . THR A 1 25  ? 13.156  1.624   9.956   1.00 13.13 ? 25   THR A N   1 
ATOM   183  C  CA  . THR A 1 25  ? 13.293  0.611   10.990  1.00 14.99 ? 25   THR A CA  1 
ATOM   184  C  C   . THR A 1 25  ? 13.024  -0.759  10.431  1.00 15.98 ? 25   THR A C   1 
ATOM   185  O  O   . THR A 1 25  ? 11.991  -0.942  9.762   1.00 16.37 ? 25   THR A O   1 
ATOM   186  C  CB  . THR A 1 25  ? 12.285  0.893   12.107  1.00 15.06 ? 25   THR A CB  1 
ATOM   187  O  OG1 . THR A 1 25  ? 12.433  2.242   12.520  1.00 17.26 ? 25   THR A OG1 1 
ATOM   188  C  CG2 . THR A 1 25  ? 12.614  0.091   13.335  1.00 19.17 ? 25   THR A CG2 1 
ATOM   189  N  N   . GLY A 1 26  ? 13.944  -1.704  10.701  1.00 14.93 ? 26   GLY A N   1 
ATOM   190  C  CA  . GLY A 1 26  ? 13.808  -3.066  10.232  1.00 15.76 ? 26   GLY A CA  1 
ATOM   191  C  C   . GLY A 1 26  ? 14.509  -3.349  8.924   1.00 15.11 ? 26   GLY A C   1 
ATOM   192  O  O   . GLY A 1 26  ? 14.723  -4.501  8.578   1.00 16.45 ? 26   GLY A O   1 
ATOM   193  N  N   . GLY A 1 27  ? 14.892  -2.306  8.195   1.00 12.72 ? 27   GLY A N   1 
ATOM   194  C  CA  . GLY A 1 27  ? 15.649  -2.488  6.982   1.00 12.83 ? 27   GLY A CA  1 
ATOM   195  C  C   . GLY A 1 27  ? 14.854  -3.174  5.872   1.00 11.58 ? 27   GLY A C   1 
ATOM   196  O  O   . GLY A 1 27  ? 13.631  -3.042  5.805   1.00 11.50 ? 27   GLY A O   1 
ATOM   197  N  N   . GLY A 1 28  ? 15.587  -3.827  4.989   1.00 11.09 ? 28   GLY A N   1 
ATOM   198  C  CA  . GLY A 1 28  ? 15.050  -4.468  3.781   1.00 10.50 ? 28   GLY A CA  1 
ATOM   199  C  C   . GLY A 1 28  ? 14.877  -3.437  2.687   1.00 10.33 ? 28   GLY A C   1 
ATOM   200  O  O   . GLY A 1 28  ? 15.772  -2.626  2.429   1.00 9.93  ? 28   GLY A O   1 
ATOM   201  N  N   . LYS A 1 29  ? 13.744  -3.462  2.007   1.00 9.10  ? 29   LYS A N   1 
ATOM   202  C  CA  . LYS A 1 29  ? 13.590  -2.618  0.818   1.00 9.10  ? 29   LYS A CA  1 
ATOM   203  C  C   . LYS A 1 29  ? 12.279  -1.817  0.832   1.00 8.38  ? 29   LYS A C   1 
ATOM   204  O  O   . LYS A 1 29  ? 11.341  -2.128  1.574   1.00 5.67  ? 29   LYS A O   1 
ATOM   205  C  CB  . LYS A 1 29  ? 13.608  -3.509  -0.451  1.00 9.98  ? 29   LYS A CB  1 
ATOM   206  C  CG  . LYS A 1 29  ? 14.916  -4.320  -0.678  1.00 13.38 ? 29   LYS A CG  1 
ATOM   207  C  CD  . LYS A 1 29  ? 14.804  -5.138  -1.971  1.00 20.55 ? 29   LYS A CD  1 
ATOM   208  C  CE  . LYS A 1 29  ? 16.038  -5.981  -2.294  1.00 26.81 ? 29   LYS A CE  1 
ATOM   209  N  NZ  . LYS A 1 29  ? 17.267  -5.124  -2.274  1.00 29.61 ? 29   LYS A NZ  1 
ATOM   210  N  N   . ASN A 1 30  ? 12.235  -0.786  -0.005  1.00 6.53  ? 30   ASN A N   1 
ATOM   211  C  CA  . ASN A 1 30  ? 10.990  -0.089  -0.294  1.00 5.68  ? 30   ASN A CA  1 
ATOM   212  C  C   . ASN A 1 30  ? 10.772  -0.044  -1.782  1.00 5.81  ? 30   ASN A C   1 
ATOM   213  O  O   . ASN A 1 30  ? 11.702  -0.305  -2.555  1.00 5.99  ? 30   ASN A O   1 
ATOM   214  C  CB  . ASN A 1 30  ? 10.919  1.288   0.393   1.00 5.68  ? 30   ASN A CB  1 
ATOM   215  C  CG  . ASN A 1 30  ? 11.877  2.299   -0.190  1.00 6.56  ? 30   ASN A CG  1 
ATOM   216  O  OD1 . ASN A 1 30  ? 11.580  2.981   -1.226  1.00 5.29  ? 30   ASN A OD1 1 
ATOM   217  N  ND2 . ASN A 1 30  ? 13.056  2.377   0.416   1.00 3.70  ? 30   ASN A ND2 1 
ATOM   218  N  N   . VAL A 1 31  ? 9.530   0.178   -2.178  1.00 6.51  ? 31   VAL A N   1 
ATOM   219  C  CA  . VAL A 1 31  ? 9.193   0.520   -3.519  1.00 6.50  ? 31   VAL A CA  1 
ATOM   220  C  C   . VAL A 1 31  ? 9.289   2.038   -3.666  1.00 7.28  ? 31   VAL A C   1 
ATOM   221  O  O   . VAL A 1 31  ? 8.748   2.821   -2.829  1.00 7.67  ? 31   VAL A O   1 
ATOM   222  C  CB  . VAL A 1 31  ? 7.795   0.029   -3.897  1.00 7.34  ? 31   VAL A CB  1 
ATOM   223  C  CG1 . VAL A 1 31  ? 7.421   0.508   -5.310  1.00 4.71  ? 31   VAL A CG1 1 
ATOM   224  C  CG2 . VAL A 1 31  ? 7.667   -1.478  -3.874  1.00 4.83  ? 31   VAL A CG2 1 
ATOM   225  N  N   . GLY A 1 32  ? 10.025  2.471   -4.678  1.00 7.24  ? 32   GLY A N   1 
ATOM   226  C  CA  . GLY A 1 32  ? 10.129  3.884   -5.022  1.00 9.03  ? 32   GLY A CA  1 
ATOM   227  C  C   . GLY A 1 32  ? 9.829   4.148   -6.489  1.00 8.61  ? 32   GLY A C   1 
ATOM   228  O  O   . GLY A 1 32  ? 9.390   3.239   -7.224  1.00 8.59  ? 32   GLY A O   1 
ATOM   229  N  N   . TYR A 1 33  ? 10.210  5.347   -6.937  1.00 10.32 ? 33   TYR A N   1 
ATOM   230  C  CA  . TYR A 1 33  ? 10.045  5.779   -8.301  1.00 9.81  ? 33   TYR A CA  1 
ATOM   231  C  C   . TYR A 1 33  ? 8.611   5.596   -8.735  1.00 11.56 ? 33   TYR A C   1 
ATOM   232  O  O   . TYR A 1 33  ? 8.352   5.103   -9.837  1.00 11.57 ? 33   TYR A O   1 
ATOM   233  C  CB  . TYR A 1 33  ? 11.027  5.031   -9.251  1.00 9.33  ? 33   TYR A CB  1 
ATOM   234  C  CG  . TYR A 1 33  ? 12.426  5.217   -8.836  1.00 9.74  ? 33   TYR A CG  1 
ATOM   235  C  CD1 . TYR A 1 33  ? 12.962  4.440   -7.832  1.00 9.64  ? 33   TYR A CD1 1 
ATOM   236  C  CD2 . TYR A 1 33  ? 13.235  6.214   -9.405  1.00 10.01 ? 33   TYR A CD2 1 
ATOM   237  C  CE1 . TYR A 1 33  ? 14.229  4.629   -7.413  1.00 11.47 ? 33   TYR A CE1 1 
ATOM   238  C  CE2 . TYR A 1 33  ? 14.523  6.398   -8.978  1.00 8.84  ? 33   TYR A CE2 1 
ATOM   239  C  CZ  . TYR A 1 33  ? 15.014  5.620   -7.973  1.00 7.91  ? 33   TYR A CZ  1 
ATOM   240  O  OH  . TYR A 1 33  ? 16.290  5.734   -7.472  1.00 11.32 ? 33   TYR A OH  1 
ATOM   241  N  N   . ILE A 1 34  ? 7.678   5.999   -7.878  1.00 12.34 ? 34   ILE A N   1 
ATOM   242  C  CA  . ILE A 1 34  ? 6.255   5.853   -8.140  1.00 12.76 ? 34   ILE A CA  1 
ATOM   243  C  C   . ILE A 1 34  ? 5.729   7.127   -8.769  1.00 13.45 ? 34   ILE A C   1 
ATOM   244  O  O   . ILE A 1 34  ? 5.859   8.215   -8.211  1.00 16.44 ? 34   ILE A O   1 
ATOM   245  C  CB  . ILE A 1 34  ? 5.481   5.497   -6.827  1.00 13.71 ? 34   ILE A CB  1 
ATOM   246  C  CG1 . ILE A 1 34  ? 6.064   4.250   -6.140  1.00 11.80 ? 34   ILE A CG1 1 
ATOM   247  C  CG2 . ILE A 1 34  ? 3.981   5.289   -7.065  1.00 10.92 ? 34   ILE A CG2 1 
ATOM   248  C  CD1 . ILE A 1 34  ? 5.344   3.920   -4.797  1.00 12.91 ? 34   ILE A CD1 1 
ATOM   249  N  N   . ASP A 1 35  ? 5.130   6.966   -9.939  1.00 12.97 ? 35   ASP A N   1 
ATOM   250  C  CA  . ASP A 1 35  ? 4.466   7.998   -10.686 1.00 12.58 ? 35   ASP A CA  1 
ATOM   251  C  C   . ASP A 1 35  ? 2.985   7.694   -10.945 1.00 11.93 ? 35   ASP A C   1 
ATOM   252  O  O   . ASP A 1 35  ? 2.517   6.546   -10.879 1.00 10.68 ? 35   ASP A O   1 
ATOM   253  C  CB  . ASP A 1 35  ? 5.178   8.204   -12.001 1.00 13.29 ? 35   ASP A CB  1 
ATOM   254  C  CG  . ASP A 1 35  ? 6.655   8.409   -11.815 1.00 17.04 ? 35   ASP A CG  1 
ATOM   255  O  OD1 . ASP A 1 35  ? 7.061   9.460   -11.250 1.00 25.34 ? 35   ASP A OD1 1 
ATOM   256  O  OD2 . ASP A 1 35  ? 7.493   7.562   -12.148 1.00 20.78 ? 35   ASP A OD2 1 
ATOM   257  N  N   . ALA A 1 36  ? 2.233   8.762   -11.189 1.00 11.07 ? 36   ALA A N   1 
ATOM   258  C  CA  . ALA A 1 36  ? 0.836   8.651   -11.589 1.00 11.65 ? 36   ALA A CA  1 
ATOM   259  C  C   . ALA A 1 36  ? 0.656   7.561   -12.637 1.00 11.41 ? 36   ALA A C   1 
ATOM   260  O  O   . ALA A 1 36  ? 1.387   7.537   -13.631 1.00 11.83 ? 36   ALA A O   1 
ATOM   261  C  CB  . ALA A 1 36  ? 0.331   9.975   -12.154 1.00 11.27 ? 36   ALA A CB  1 
ATOM   262  N  N   . GLY A 1 37  ? -0.299  6.654   -12.378 1.00 11.49 ? 37   GLY A N   1 
ATOM   263  C  CA  . GLY A 1 37  ? -0.555  5.475   -13.214 1.00 10.59 ? 37   GLY A CA  1 
ATOM   264  C  C   . GLY A 1 37  ? 0.252   4.228   -12.940 1.00 8.86  ? 37   GLY A C   1 
ATOM   265  O  O   . GLY A 1 37  ? -0.090  3.146   -13.400 1.00 10.23 ? 37   GLY A O   1 
ATOM   266  N  N   . ASP A 1 38  ? 1.345   4.339   -12.211 1.00 8.18  ? 38   ASP A N   1 
ATOM   267  C  CA  . ASP A 1 38  ? 2.074   3.141   -11.762 1.00 6.35  ? 38   ASP A CA  1 
ATOM   268  C  C   . ASP A 1 38  ? 1.225   2.296   -10.821 1.00 5.84  ? 38   ASP A C   1 
ATOM   269  O  O   . ASP A 1 38  ? 0.278   2.776   -10.176 1.00 7.09  ? 38   ASP A O   1 
ATOM   270  C  CB  . ASP A 1 38  ? 3.401   3.473   -11.091 1.00 7.05  ? 38   ASP A CB  1 
ATOM   271  C  CG  . ASP A 1 38  ? 4.397   4.153   -12.030 1.00 10.21 ? 38   ASP A CG  1 
ATOM   272  O  OD1 . ASP A 1 38  ? 4.273   4.048   -13.267 1.00 9.12  ? 38   ASP A OD1 1 
ATOM   273  O  OD2 . ASP A 1 38  ? 5.379   4.769   -11.590 1.00 8.91  ? 38   ASP A OD2 1 
ATOM   274  N  N   . TRP A 1 39  ? 1.582   1.021   -10.697 1.00 7.40  ? 39   TRP A N   1 
ATOM   275  C  CA  . TRP A 1 39  ? 0.767   0.100   -9.899  1.00 5.56  ? 39   TRP A CA  1 
ATOM   276  C  C   . TRP A 1 39  ? 1.550   -1.097  -9.445  1.00 6.08  ? 39   TRP A C   1 
ATOM   277  O  O   . TRP A 1 39  ? 2.605   -1.452  -9.963  1.00 4.56  ? 39   TRP A O   1 
ATOM   278  C  CB  . TRP A 1 39  ? -0.522  -0.304  -10.640 1.00 7.25  ? 39   TRP A CB  1 
ATOM   279  C  CG  . TRP A 1 39  ? -0.334  -0.967  -12.021 1.00 6.78  ? 39   TRP A CG  1 
ATOM   280  C  CD1 . TRP A 1 39  ? -0.474  -0.386  -13.249 1.00 9.02  ? 39   TRP A CD1 1 
ATOM   281  C  CD2 . TRP A 1 39  ? 0.017   -2.340  -12.274 1.00 8.70  ? 39   TRP A CD2 1 
ATOM   282  N  NE1 . TRP A 1 39  ? -0.251  -1.312  -14.250 1.00 8.79  ? 39   TRP A NE1 1 
ATOM   283  C  CE2 . TRP A 1 39  ? 0.039   -2.522  -13.681 1.00 8.50  ? 39   TRP A CE2 1 
ATOM   284  C  CE3 . TRP A 1 39  ? 0.284   -3.431  -11.461 1.00 9.10  ? 39   TRP A CE3 1 
ATOM   285  C  CZ2 . TRP A 1 39  ? 0.382   -3.735  -14.283 1.00 9.28  ? 39   TRP A CZ2 1 
ATOM   286  C  CZ3 . TRP A 1 39  ? 0.604   -4.650  -12.065 1.00 7.96  ? 39   TRP A CZ3 1 
ATOM   287  C  CH2 . TRP A 1 39  ? 0.650   -4.776  -13.469 1.00 8.91  ? 39   TRP A CH2 1 
ATOM   288  N  N   . LEU A 1 40  ? 1.046   -1.691  -8.382  1.00 6.43  ? 40   LEU A N   1 
ATOM   289  C  CA  . LEU A 1 40  ? 1.607   -2.864  -7.766  1.00 5.63  ? 40   LEU A CA  1 
ATOM   290  C  C   . LEU A 1 40  ? 0.474   -3.867  -7.574  1.00 6.39  ? 40   LEU A C   1 
ATOM   291  O  O   . LEU A 1 40  ? -0.612  -3.502  -7.129  1.00 5.43  ? 40   LEU A O   1 
ATOM   292  C  CB  . LEU A 1 40  ? 2.103   -2.466  -6.384  1.00 6.20  ? 40   LEU A CB  1 
ATOM   293  C  CG  . LEU A 1 40  ? 3.186   -1.416  -6.383  1.00 6.12  ? 40   LEU A CG  1 
ATOM   294  C  CD1 . LEU A 1 40  ? 3.223   -0.725  -4.996  1.00 5.09  ? 40   LEU A CD1 1 
ATOM   295  C  CD2 . LEU A 1 40  ? 4.516   -2.063  -6.715  1.00 7.20  ? 40   LEU A CD2 1 
ATOM   296  N  N   . SER A 1 41  ? 0.757   -5.138  -7.823  1.00 5.77  ? 41   SER A N   1 
ATOM   297  C  CA  . SER A 1 41  ? -0.149  -6.199  -7.577  1.00 5.70  ? 41   SER A CA  1 
ATOM   298  C  C   . SER A 1 41  ? 0.369   -7.213  -6.584  1.00 5.83  ? 41   SER A C   1 
ATOM   299  O  O   . SER A 1 41  ? 1.523   -7.635  -6.658  1.00 5.09  ? 41   SER A O   1 
ATOM   300  C  CB  . SER A 1 41  ? -0.455  -6.946  -8.868  1.00 6.38  ? 41   SER A CB  1 
ATOM   301  O  OG  . SER A 1 41  ? -1.345  -7.995  -8.615  1.00 5.38  ? 41   SER A OG  1 
ATOM   302  N  N   . TYR A 1 42  ? -0.533  -7.646  -5.702  1.00 5.29  ? 42   TYR A N   1 
ATOM   303  C  CA  . TYR A 1 42  ? -0.259  -8.702  -4.742  1.00 5.55  ? 42   TYR A CA  1 
ATOM   304  C  C   . TYR A 1 42  ? -1.123  -9.930  -4.968  1.00 5.17  ? 42   TYR A C   1 
ATOM   305  O  O   . TYR A 1 42  ? -1.355  -10.737 -4.034  1.00 5.55  ? 42   TYR A O   1 
ATOM   306  C  CB  . TYR A 1 42  ? -0.359  -8.138  -3.299  1.00 4.91  ? 42   TYR A CB  1 
ATOM   307  C  CG  . TYR A 1 42  ? 0.549   -6.978  -3.181  1.00 7.73  ? 42   TYR A CG  1 
ATOM   308  C  CD1 . TYR A 1 42  ? 0.098   -5.678  -3.430  1.00 8.79  ? 42   TYR A CD1 1 
ATOM   309  C  CD2 . TYR A 1 42  ? 1.904   -7.163  -2.842  1.00 8.75  ? 42   TYR A CD2 1 
ATOM   310  C  CE1 . TYR A 1 42  ? 0.963   -4.578  -3.369  1.00 6.79  ? 42   TYR A CE1 1 
ATOM   311  C  CE2 . TYR A 1 42  ? 2.802   -6.067  -2.809  1.00 8.53  ? 42   TYR A CE2 1 
ATOM   312  C  CZ  . TYR A 1 42  ? 2.314   -4.781  -3.047  1.00 8.60  ? 42   TYR A CZ  1 
ATOM   313  O  OH  . TYR A 1 42  ? 3.195   -3.727  -3.069  1.00 5.22  ? 42   TYR A OH  1 
ATOM   314  N  N   . ALA A 1 43  ? -1.486  -10.155 -6.236  1.00 5.87  ? 43   ALA A N   1 
ATOM   315  C  CA  . ALA A 1 43  ? -2.379  -11.277 -6.619  1.00 6.51  ? 43   ALA A CA  1 
ATOM   316  C  C   . ALA A 1 43  ? -1.769  -12.651 -6.305  1.00 6.82  ? 43   ALA A C   1 
ATOM   317  O  O   . ALA A 1 43  ? -2.495  -13.592 -5.980  1.00 7.47  ? 43   ALA A O   1 
ATOM   318  C  CB  . ALA A 1 43  ? -2.738  -11.168 -8.083  1.00 6.73  ? 43   ALA A CB  1 
ATOM   319  N  N   . GLY A 1 44  ? -0.438  -12.709 -6.295  1.00 8.82  ? 44   GLY A N   1 
ATOM   320  C  CA  . GLY A 1 44  ? 0.342   -13.918 -5.994  1.00 8.78  ? 44   GLY A CA  1 
ATOM   321  C  C   . GLY A 1 44  ? 0.295   -14.333 -4.543  1.00 9.34  ? 44   GLY A C   1 
ATOM   322  O  O   . GLY A 1 44  ? 0.650   -15.446 -4.237  1.00 9.69  ? 44   GLY A O   1 
ATOM   323  N  N   . THR A 1 45  ? -0.155  -13.444 -3.665  1.00 7.33  ? 45   THR A N   1 
ATOM   324  C  CA  . THR A 1 45  ? -0.285  -13.727 -2.226  1.00 8.80  ? 45   THR A CA  1 
ATOM   325  C  C   . THR A 1 45  ? -1.710  -13.278 -1.784  1.00 8.14  ? 45   THR A C   1 
ATOM   326  O  O   . THR A 1 45  ? -1.890  -12.166 -1.312  1.00 7.69  ? 45   THR A O   1 
ATOM   327  C  CB  . THR A 1 45  ? 0.771   -13.002 -1.389  1.00 8.67  ? 45   THR A CB  1 
ATOM   328  O  OG1 . THR A 1 45  ? 0.760   -11.596 -1.665  1.00 10.79 ? 45   THR A OG1 1 
ATOM   329  C  CG2 . THR A 1 45  ? 2.229   -13.471 -1.747  1.00 11.04 ? 45   THR A CG2 1 
ATOM   330  N  N   . PRO A 1 46  ? -2.692  -14.127 -2.041  1.00 9.18  ? 46   PRO A N   1 
ATOM   331  C  CA  . PRO A 1 46  ? -4.067  -13.853 -1.626  1.00 9.67  ? 46   PRO A CA  1 
ATOM   332  C  C   . PRO A 1 46  ? -4.158  -13.623 -0.116  1.00 7.53  ? 46   PRO A C   1 
ATOM   333  O  O   . PRO A 1 46  ? -3.368  -14.220 0.599   1.00 5.94  ? 46   PRO A O   1 
ATOM   334  C  CB  . PRO A 1 46  ? -4.796  -15.120 -1.988  1.00 10.10 ? 46   PRO A CB  1 
ATOM   335  C  CG  . PRO A 1 46  ? -4.027  -15.769 -3.064  1.00 10.78 ? 46   PRO A CG  1 
ATOM   336  C  CD  . PRO A 1 46  ? -2.590  -15.397 -2.791  1.00 8.89  ? 46   PRO A CD  1 
ATOM   337  N  N   . VAL A 1 47  ? -5.068  -12.757 0.305   1.00 7.02  ? 47   VAL A N   1 
ATOM   338  C  CA  . VAL A 1 47  ? -5.295  -12.496 1.721   1.00 7.88  ? 47   VAL A CA  1 
ATOM   339  C  C   . VAL A 1 47  ? -6.738  -12.806 2.015   1.00 7.96  ? 47   VAL A C   1 
ATOM   340  O  O   . VAL A 1 47  ? -7.632  -12.244 1.383   1.00 7.60  ? 47   VAL A O   1 
ATOM   341  C  CB  . VAL A 1 47  ? -5.042  -11.063 2.055   1.00 8.17  ? 47   VAL A CB  1 
ATOM   342  C  CG1 . VAL A 1 47  ? -5.459  -10.776 3.489   1.00 10.24 ? 47   VAL A CG1 1 
ATOM   343  C  CG2 . VAL A 1 47  ? -3.556  -10.691 1.782   1.00 9.81  ? 47   VAL A CG2 1 
ATOM   344  N  N   . ASN A 1 48  ? -6.962  -13.717 2.961   1.00 7.70  ? 48   ASN A N   1 
ATOM   345  C  CA  . ASN A 1 48  ? -8.321  -14.076 3.367   1.00 8.62  ? 48   ASN A CA  1 
ATOM   346  C  C   . ASN A 1 48  ? -8.871  -13.048 4.318   1.00 8.82  ? 48   ASN A C   1 
ATOM   347  O  O   . ASN A 1 48  ? -8.260  -12.737 5.310   1.00 5.91  ? 48   ASN A O   1 
ATOM   348  C  CB  . ASN A 1 48  ? -8.336  -15.472 3.970   1.00 9.76  ? 48   ASN A CB  1 
ATOM   349  C  CG  . ASN A 1 48  ? -8.243  -16.530 2.889   1.00 10.81 ? 48   ASN A CG  1 
ATOM   350  O  OD1 . ASN A 1 48  ? -9.128  -16.614 2.067   1.00 13.44 ? 48   ASN A OD1 1 
ATOM   351  N  ND2 . ASN A 1 48  ? -7.170  -17.313 2.875   1.00 13.29 ? 48   ASN A ND2 1 
ATOM   352  N  N   . ILE A 1 49  ? -10.039 -12.498 3.966   1.00 8.32  ? 49   ILE A N   1 
ATOM   353  C  CA  . ILE A 1 49  ? -10.723 -11.554 4.809   1.00 8.61  ? 49   ILE A CA  1 
ATOM   354  C  C   . ILE A 1 49  ? -11.823 -12.321 5.525   1.00 9.17  ? 49   ILE A C   1 
ATOM   355  O  O   . ILE A 1 49  ? -12.753 -12.874 4.857   1.00 9.49  ? 49   ILE A O   1 
ATOM   356  C  CB  . ILE A 1 49  ? -11.312 -10.428 3.946   1.00 7.99  ? 49   ILE A CB  1 
ATOM   357  C  CG1 . ILE A 1 49  ? -10.185 -9.658  3.246   1.00 10.64 ? 49   ILE A CG1 1 
ATOM   358  C  CG2 . ILE A 1 49  ? -12.182 -9.486  4.845   1.00 8.22  ? 49   ILE A CG2 1 
ATOM   359  C  CD1 . ILE A 1 49  ? -9.213  -8.950  4.178   1.00 9.44  ? 49   ILE A CD1 1 
ATOM   360  N  N   . PRO A 1 50  ? -11.733 -12.427 6.853   1.00 10.33 ? 50   PRO A N   1 
ATOM   361  C  CA  . PRO A 1 50  ? -12.568 -13.370 7.587   1.00 10.91 ? 50   PRO A CA  1 
ATOM   362  C  C   . PRO A 1 50  ? -14.061 -12.991 7.677   1.00 11.25 ? 50   PRO A C   1 
ATOM   363  O  O   . PRO A 1 50  ? -14.901 -13.867 7.800   1.00 10.13 ? 50   PRO A O   1 
ATOM   364  C  CB  . PRO A 1 50  ? -11.923 -13.380 8.972   1.00 11.01 ? 50   PRO A CB  1 
ATOM   365  C  CG  . PRO A 1 50  ? -11.401 -12.077 9.112   1.00 11.85 ? 50   PRO A CG  1 
ATOM   366  C  CD  . PRO A 1 50  ? -10.854 -11.677 7.766   1.00 9.95  ? 50   PRO A CD  1 
ATOM   367  N  N   . SER A 1 51  ? -14.375 -11.697 7.663   1.00 11.74 ? 51   SER A N   1 
ATOM   368  C  CA  . SER A 1 51  ? -15.765 -11.235 7.829   1.00 12.70 ? 51   SER A CA  1 
ATOM   369  C  C   . SER A 1 51  ? -15.957 -9.905  7.115   1.00 11.80 ? 51   SER A C   1 
ATOM   370  O  O   . SER A 1 51  ? -14.986 -9.137  6.940   1.00 11.74 ? 51   SER A O   1 
ATOM   371  C  CB  . SER A 1 51  ? -16.148 -11.046 9.294   1.00 13.28 ? 51   SER A CB  1 
ATOM   372  O  OG  . SER A 1 51  ? -15.139 -10.387 9.984   1.00 15.50 ? 51   SER A OG  1 
ATOM   373  N  N   . SER A 1 52  ? -17.180 -9.682  6.642   1.00 9.91  ? 52   SER A N   1 
ATOM   374  C  CA  . SER A 1 52  ? -17.508 -8.512  5.861   1.00 9.79  ? 52   SER A CA  1 
ATOM   375  C  C   . SER A 1 52  ? -17.627 -7.350  6.823   1.00 10.08 ? 52   SER A C   1 
ATOM   376  O  O   . SER A 1 52  ? -18.308 -7.489  7.825   1.00 11.08 ? 52   SER A O   1 
ATOM   377  C  CB  . SER A 1 52  ? -18.815 -8.702  5.132   1.00 11.70 ? 52   SER A CB  1 
ATOM   378  O  OG  . SER A 1 52  ? -18.707 -9.588  4.010   1.00 10.54 ? 52   SER A OG  1 
ATOM   379  N  N   . GLY A 1 53  ? -16.905 -6.240  6.601   1.00 8.60  ? 53   GLY A N   1 
ATOM   380  C  CA  . GLY A 1 53  ? -16.904 -5.162  7.589   1.00 9.30  ? 53   GLY A CA  1 
ATOM   381  C  C   . GLY A 1 53  ? -15.685 -4.279  7.473   1.00 8.72  ? 53   GLY A C   1 
ATOM   382  O  O   . GLY A 1 53  ? -14.969 -4.333  6.462   1.00 8.49  ? 53   GLY A O   1 
ATOM   383  N  N   . SER A 1 54  ? -15.423 -3.501  8.512   1.00 8.95  ? 54   SER A N   1 
ATOM   384  C  CA  . SER A 1 54  ? -14.404 -2.457  8.455   1.00 9.66  ? 54   SER A CA  1 
ATOM   385  C  C   . SER A 1 54  ? -13.015 -3.040  8.696   1.00 8.86  ? 54   SER A C   1 
ATOM   386  O  O   . SER A 1 54  ? -12.816 -3.874  9.608   1.00 8.30  ? 54   SER A O   1 
ATOM   387  C  CB  . SER A 1 54  ? -14.674 -1.350  9.485   1.00 10.24 ? 54   SER A CB  1 
ATOM   388  O  OG  . SER A 1 54  ? -14.415 -1.861  10.799  1.00 15.42 ? 54   SER A OG  1 
ATOM   389  N  N   . TYR A 1 55  ? -12.059 -2.614  7.864   1.00 8.81  ? 55   TYR A N   1 
ATOM   390  C  CA  . TYR A 1 55  ? -10.621 -2.940  8.059   1.00 7.33  ? 55   TYR A CA  1 
ATOM   391  C  C   . TYR A 1 55  ? -9.822  -1.664  8.018   1.00 6.84  ? 55   TYR A C   1 
ATOM   392  O  O   . TYR A 1 55  ? -10.035 -0.806  7.167   1.00 8.85  ? 55   TYR A O   1 
ATOM   393  C  CB  . TYR A 1 55  ? -10.108 -3.933  6.972   1.00 7.58  ? 55   TYR A CB  1 
ATOM   394  C  CG  . TYR A 1 55  ? -10.722 -5.271  7.170   1.00 6.39  ? 55   TYR A CG  1 
ATOM   395  C  CD1 . TYR A 1 55  ? -12.019 -5.504  6.748   1.00 7.35  ? 55   TYR A CD1 1 
ATOM   396  C  CD2 . TYR A 1 55  ? -10.097 -6.250  7.899   1.00 6.91  ? 55   TYR A CD2 1 
ATOM   397  C  CE1 . TYR A 1 55  ? -12.682 -6.691  7.007   1.00 6.22  ? 55   TYR A CE1 1 
ATOM   398  C  CE2 . TYR A 1 55  ? -10.735 -7.451  8.162   1.00 10.61 ? 55   TYR A CE2 1 
ATOM   399  C  CZ  . TYR A 1 55  ? -12.022 -7.677  7.751   1.00 6.99  ? 55   TYR A CZ  1 
ATOM   400  O  OH  . TYR A 1 55  ? -12.640 -8.891  8.001   1.00 9.28  ? 55   TYR A OH  1 
ATOM   401  N  N   . LEU A 1 56  ? -8.893  -1.521  8.947   1.00 7.52  ? 56   LEU A N   1 
ATOM   402  C  CA  . LEU A 1 56  ? -7.955  -0.402  8.965   1.00 8.54  ? 56   LEU A CA  1 
ATOM   403  C  C   . LEU A 1 56  ? -6.732  -0.798  8.150   1.00 7.73  ? 56   LEU A C   1 
ATOM   404  O  O   . LEU A 1 56  ? -6.063  -1.750  8.500   1.00 7.82  ? 56   LEU A O   1 
ATOM   405  C  CB  . LEU A 1 56  ? -7.515  -0.096  10.401  1.00 8.68  ? 56   LEU A CB  1 
ATOM   406  C  CG  . LEU A 1 56  ? -6.499  1.043   10.540  1.00 11.98 ? 56   LEU A CG  1 
ATOM   407  C  CD1 . LEU A 1 56  ? -7.228  2.339   10.299  1.00 15.40 ? 56   LEU A CD1 1 
ATOM   408  C  CD2 . LEU A 1 56  ? -5.844  1.037   11.920  1.00 16.81 ? 56   LEU A CD2 1 
ATOM   409  N  N   . ILE A 1 57  ? -6.436  -0.026  7.093   1.00 5.98  ? 57   ILE A N   1 
ATOM   410  C  CA  . ILE A 1 57  ? -5.296  -0.295  6.228   1.00 6.43  ? 57   ILE A CA  1 
ATOM   411  C  C   . ILE A 1 57  ? -4.246  0.780   6.564   1.00 5.90  ? 57   ILE A C   1 
ATOM   412  O  O   . ILE A 1 57  ? -4.528  1.992   6.550   1.00 6.96  ? 57   ILE A O   1 
ATOM   413  C  CB  . ILE A 1 57  ? -5.630  -0.248  4.750   1.00 5.34  ? 57   ILE A CB  1 
ATOM   414  C  CG1 . ILE A 1 57  ? -6.960  -0.919  4.452   1.00 6.36  ? 57   ILE A CG1 1 
ATOM   415  C  CG2 . ILE A 1 57  ? -4.494  -0.845  3.938   1.00 7.09  ? 57   ILE A CG2 1 
ATOM   416  C  CD1 . ILE A 1 57  ? -7.045  -2.452  4.702   1.00 6.18  ? 57   ILE A CD1 1 
ATOM   417  N  N   . GLU A 1 58  ? -3.058  0.313   6.889   1.00 6.74  ? 58   GLU A N   1 
ATOM   418  C  CA  . GLU A 1 58  ? -1.920  1.160   7.211   1.00 7.24  ? 58   GLU A CA  1 
ATOM   419  C  C   . GLU A 1 58  ? -0.850  1.051   6.163   1.00 7.29  ? 58   GLU A C   1 
ATOM   420  O  O   . GLU A 1 58  ? -0.564  -0.035  5.696   1.00 7.16  ? 58   GLU A O   1 
ATOM   421  C  CB  . GLU A 1 58  ? -1.309  0.745   8.553   1.00 6.68  ? 58   GLU A CB  1 
ATOM   422  C  CG  . GLU A 1 58  ? -2.310  0.614   9.636   1.00 8.51  ? 58   GLU A CG  1 
ATOM   423  C  CD  . GLU A 1 58  ? -1.657  0.199   10.948  1.00 12.91 ? 58   GLU A CD  1 
ATOM   424  O  OE1 . GLU A 1 58  ? -1.437  1.111   11.797  1.00 12.30 ? 58   GLU A OE1 1 
ATOM   425  O  OE2 . GLU A 1 58  ? -1.368  -1.020  11.080  1.00 11.93 ? 58   GLU A OE2 1 
ATOM   426  N  N   . TYR A 1 59  ? -0.271  2.187   5.785   1.00 8.48  ? 59   TYR A N   1 
ATOM   427  C  CA  . TYR A 1 59  ? 0.781   2.286   4.747   1.00 8.63  ? 59   TYR A CA  1 
ATOM   428  C  C   . TYR A 1 59  ? 1.999   3.036   5.344   1.00 8.74  ? 59   TYR A C   1 
ATOM   429  O  O   . TYR A 1 59  ? 1.847   4.109   5.927   1.00 7.32  ? 59   TYR A O   1 
ATOM   430  C  CB  . TYR A 1 59  ? 0.283   3.074   3.536   1.00 8.90  ? 59   TYR A CB  1 
ATOM   431  C  CG  . TYR A 1 59  ? -1.102  2.663   2.987   1.00 8.89  ? 59   TYR A CG  1 
ATOM   432  C  CD1 . TYR A 1 59  ? -2.273  3.161   3.525   1.00 8.62  ? 59   TYR A CD1 1 
ATOM   433  C  CD2 . TYR A 1 59  ? -1.210  1.731   1.953   1.00 7.70  ? 59   TYR A CD2 1 
ATOM   434  C  CE1 . TYR A 1 59  ? -3.520  2.768   3.021   1.00 10.83 ? 59   TYR A CE1 1 
ATOM   435  C  CE2 . TYR A 1 59  ? -2.455  1.310   1.461   1.00 7.38  ? 59   TYR A CE2 1 
ATOM   436  C  CZ  . TYR A 1 59  ? -3.599  1.852   1.964   1.00 7.46  ? 59   TYR A CZ  1 
ATOM   437  O  OH  . TYR A 1 59  ? -4.867  1.495   1.508   1.00 9.84  ? 59   TYR A OH  1 
ATOM   438  N  N   . ARG A 1 60  ? 3.167   2.414   5.222   1.00 6.26  ? 60   ARG A N   1 
ATOM   439  C  CA  . ARG A 1 60  ? 4.422   2.947   5.686   1.00 6.58  ? 60   ARG A CA  1 
ATOM   440  C  C   . ARG A 1 60  ? 5.025   3.649   4.489   1.00 7.56  ? 60   ARG A C   1 
ATOM   441  O  O   . ARG A 1 60  ? 5.430   3.016   3.465   1.00 7.65  ? 60   ARG A O   1 
ATOM   442  C  CB  . ARG A 1 60  ? 5.284   1.821   6.257   1.00 5.72  ? 60   ARG A CB  1 
ATOM   443  C  CG  . ARG A 1 60  ? 6.551   2.286   6.971   1.00 5.59  ? 60   ARG A CG  1 
ATOM   444  C  CD  . ARG A 1 60  ? 6.298   2.988   8.232   1.00 5.88  ? 60   ARG A CD  1 
ATOM   445  N  NE  . ARG A 1 60  ? 7.538   3.313   8.934   1.00 6.36  ? 60   ARG A NE  1 
ATOM   446  C  CZ  . ARG A 1 60  ? 7.585   4.061   10.032  1.00 10.04 ? 60   ARG A CZ  1 
ATOM   447  N  NH1 . ARG A 1 60  ? 6.469   4.606   10.494  1.00 5.82  ? 60   ARG A NH1 1 
ATOM   448  N  NH2 . ARG A 1 60  ? 8.774   4.342   10.598  1.00 9.77  ? 60   ARG A NH2 1 
ATOM   449  N  N   . VAL A 1 61  ? 5.021   4.967   4.588   1.00 7.04  ? 61   VAL A N   1 
ATOM   450  C  CA  . VAL A 1 61  ? 5.281   5.840   3.484   1.00 7.01  ? 61   VAL A CA  1 
ATOM   451  C  C   . VAL A 1 61  ? 6.315   6.924   3.794   1.00 6.63  ? 61   VAL A C   1 
ATOM   452  O  O   . VAL A 1 61  ? 6.508   7.349   4.970   1.00 6.38  ? 61   VAL A O   1 
ATOM   453  C  CB  . VAL A 1 61  ? 3.945   6.469   2.992   1.00 7.25  ? 61   VAL A CB  1 
ATOM   454  C  CG1 . VAL A 1 61  ? 2.967   5.364   2.502   1.00 8.28  ? 61   VAL A CG1 1 
ATOM   455  C  CG2 . VAL A 1 61  ? 3.266   7.334   4.064   1.00 8.85  ? 61   VAL A CG2 1 
ATOM   456  N  N   . ALA A 1 62  ? 6.911   7.404   2.716   1.00 6.43  ? 62   ALA A N   1 
ATOM   457  C  CA  . ALA A 1 62  ? 7.876   8.487   2.743   1.00 7.08  ? 62   ALA A CA  1 
ATOM   458  C  C   . ALA A 1 62  ? 7.626   9.325   1.533   1.00 8.59  ? 62   ALA A C   1 
ATOM   459  O  O   . ALA A 1 62  ? 7.316   8.795   0.436   1.00 9.55  ? 62   ALA A O   1 
ATOM   460  C  CB  . ALA A 1 62  ? 9.288   7.965   2.739   1.00 6.92  ? 62   ALA A CB  1 
ATOM   461  N  N   . SER A 1 63  ? 7.785   10.621  1.682   1.00 7.48  ? 63   SER A N   1 
ATOM   462  C  CA  . SER A 1 63  ? 7.633   11.546  0.560   1.00 8.89  ? 63   SER A CA  1 
ATOM   463  C  C   . SER A 1 63  ? 8.474   12.833  0.765   1.00 10.75 ? 63   SER A C   1 
ATOM   464  O  O   . SER A 1 63  ? 8.218   13.604  1.749   1.00 9.70  ? 63   SER A O   1 
ATOM   465  C  CB  . SER A 1 63  ? 6.181   11.955  0.436   1.00 8.29  ? 63   SER A CB  1 
ATOM   466  O  OG  . SER A 1 63  ? 5.954   12.735  -0.705  1.00 8.51  ? 63   SER A OG  1 
ATOM   467  N  N   . GLN A 1 64  ? 9.404   13.117  -0.150  1.00 11.09 ? 64   GLN A N   1 
ATOM   468  C  CA  . GLN A 1 64  ? 10.142  14.411  -0.063  1.00 12.75 ? 64   GLN A CA  1 
ATOM   469  C  C   . GLN A 1 64  ? 9.266   15.680  -0.075  1.00 12.02 ? 64   GLN A C   1 
ATOM   470  O  O   . GLN A 1 64  ? 9.372   16.522  0.835   1.00 11.68 ? 64   GLN A O   1 
ATOM   471  C  CB  . GLN A 1 64  ? 11.160  14.566  -1.165  1.00 13.79 ? 64   GLN A CB  1 
ATOM   472  C  CG  . GLN A 1 64  ? 12.107  15.689  -0.934  1.00 15.04 ? 64   GLN A CG  1 
ATOM   473  C  CD  . GLN A 1 64  ? 13.148  15.761  -2.020  1.00 19.73 ? 64   GLN A CD  1 
ATOM   474  O  OE1 . GLN A 1 64  ? 12.926  16.430  -3.033  1.00 27.39 ? 64   GLN A OE1 1 
ATOM   475  N  NE2 . GLN A 1 64  ? 14.267  15.077  -1.836  1.00 16.02 ? 64   GLN A NE2 1 
ATOM   476  N  N   . ASN A 1 65  ? 8.389   15.779  -1.061  1.00 11.86 ? 65   ASN A N   1 
ATOM   477  C  CA  . ASN A 1 65  ? 7.687   17.030  -1.419  1.00 13.82 ? 65   ASN A CA  1 
ATOM   478  C  C   . ASN A 1 65  ? 6.170   16.920  -1.322  1.00 13.23 ? 65   ASN A C   1 
ATOM   479  O  O   . ASN A 1 65  ? 5.492   17.903  -1.523  1.00 14.06 ? 65   ASN A O   1 
ATOM   480  C  CB  . ASN A 1 65  ? 8.068   17.465  -2.871  1.00 14.84 ? 65   ASN A CB  1 
ATOM   481  C  CG  . ASN A 1 65  ? 9.587   17.557  -3.067  1.00 18.27 ? 65   ASN A CG  1 
ATOM   482  O  OD1 . ASN A 1 65  ? 10.261  18.168  -2.280  1.00 20.31 ? 65   ASN A OD1 1 
ATOM   483  N  ND2 . ASN A 1 65  ? 10.118  16.874  -4.088  1.00 25.76 ? 65   ASN A ND2 1 
ATOM   484  N  N   . GLY A 1 66  ? 5.623   15.732  -1.023  1.00 12.18 ? 66   GLY A N   1 
ATOM   485  C  CA  . GLY A 1 66  ? 4.184   15.593  -0.935  1.00 12.09 ? 66   GLY A CA  1 
ATOM   486  C  C   . GLY A 1 66  ? 3.518   15.511  -2.294  1.00 13.01 ? 66   GLY A C   1 
ATOM   487  O  O   . GLY A 1 66  ? 4.181   15.351  -3.326  1.00 12.89 ? 66   GLY A O   1 
ATOM   488  N  N   . GLY A 1 67  ? 2.198   15.564  -2.290  1.00 13.13 ? 67   GLY A N   1 
ATOM   489  C  CA  . GLY A 1 67  ? 1.403   15.539  -3.513  1.00 14.60 ? 67   GLY A CA  1 
ATOM   490  C  C   . GLY A 1 67  ? 0.937   14.165  -3.968  1.00 14.09 ? 67   GLY A C   1 
ATOM   491  O  O   . GLY A 1 67  ? 0.284   14.040  -4.987  1.00 16.16 ? 67   GLY A O   1 
ATOM   492  N  N   . GLY A 1 68  ? 1.272   13.126  -3.216  1.00 13.32 ? 68   GLY A N   1 
ATOM   493  C  CA  . GLY A 1 68  ? 0.975   11.764  -3.632  1.00 13.34 ? 68   GLY A CA  1 
ATOM   494  C  C   . GLY A 1 68  ? -0.423  11.323  -3.245  1.00 12.48 ? 68   GLY A C   1 
ATOM   495  O  O   . GLY A 1 68  ? -1.001  11.870  -2.281  1.00 13.09 ? 68   GLY A O   1 
ATOM   496  N  N   . SER A 1 69  ? -0.943  10.335  -3.982  1.00 11.03 ? 69   SER A N   1 
ATOM   497  C  CA  . SER A 1 69  ? -2.236  9.728   -3.747  1.00 10.22 ? 69   SER A CA  1 
ATOM   498  C  C   . SER A 1 69  ? -2.234  8.276   -4.213  1.00 9.74  ? 69   SER A C   1 
ATOM   499  O  O   . SER A 1 69  ? -1.686  7.939   -5.290  1.00 9.07  ? 69   SER A O   1 
ATOM   500  C  CB  . SER A 1 69  ? -3.365  10.503  -4.473  1.00 11.48 ? 69   SER A CB  1 
ATOM   501  O  OG  . SER A 1 69  ? -4.574  9.763   -4.567  1.00 11.99 ? 69   SER A OG  1 
ATOM   502  N  N   . LEU A 1 70  ? -2.854  7.413   -3.411  1.00 9.29  ? 70   LEU A N   1 
ATOM   503  C  CA  . LEU A 1 70  ? -3.013  6.016   -3.797  1.00 8.78  ? 70   LEU A CA  1 
ATOM   504  C  C   . LEU A 1 70  ? -4.418  5.511   -3.652  1.00 9.68  ? 70   LEU A C   1 
ATOM   505  O  O   . LEU A 1 70  ? -5.159  5.964   -2.793  1.00 10.10 ? 70   LEU A O   1 
ATOM   506  C  CB  . LEU A 1 70  ? -2.061  5.119   -3.047  1.00 8.35  ? 70   LEU A CB  1 
ATOM   507  C  CG  . LEU A 1 70  ? -2.211  4.786   -1.585  1.00 8.57  ? 70   LEU A CG  1 
ATOM   508  C  CD1 . LEU A 1 70  ? -3.265  3.703   -1.345  1.00 7.35  ? 70   LEU A CD1 1 
ATOM   509  C  CD2 . LEU A 1 70  ? -0.921  4.325   -0.990  1.00 6.91  ? 70   LEU A CD2 1 
ATOM   510  N  N   . THR A 1 71  ? -4.755  4.522   -4.479  1.00 7.39  ? 71   THR A N   1 
ATOM   511  C  CA  . THR A 1 71  ? -5.962  3.764   -4.320  1.00 8.02  ? 71   THR A CA  1 
ATOM   512  C  C   . THR A 1 71  ? -5.645  2.328   -3.969  1.00 7.44  ? 71   THR A C   1 
ATOM   513  O  O   . THR A 1 71  ? -4.832  1.668   -4.662  1.00 7.76  ? 71   THR A O   1 
ATOM   514  C  CB  . THR A 1 71  ? -6.747  3.857   -5.636  1.00 7.33  ? 71   THR A CB  1 
ATOM   515  O  OG1 . THR A 1 71  ? -7.206  5.187   -5.795  1.00 11.74 ? 71   THR A OG1 1 
ATOM   516  C  CG2 . THR A 1 71  ? -7.979  3.116   -5.591  1.00 7.42  ? 71   THR A CG2 1 
ATOM   517  N  N   . PHE A 1 72  ? -6.330  1.848   -2.933  1.00 6.40  ? 72   PHE A N   1 
ATOM   518  C  CA  . PHE A 1 72  ? -6.279  0.465   -2.487  1.00 6.13  ? 72   PHE A CA  1 
ATOM   519  C  C   . PHE A 1 72  ? -7.457  -0.248  -3.154  1.00 6.88  ? 72   PHE A C   1 
ATOM   520  O  O   . PHE A 1 72  ? -8.592  0.193   -3.040  1.00 5.33  ? 72   PHE A O   1 
ATOM   521  C  CB  . PHE A 1 72  ? -6.393  0.416   -0.982  1.00 5.04  ? 72   PHE A CB  1 
ATOM   522  C  CG  . PHE A 1 72  ? -6.259  -0.942  -0.382  1.00 2.42  ? 72   PHE A CG  1 
ATOM   523  C  CD1 . PHE A 1 72  ? -5.050  -1.656  -0.514  1.00 4.09  ? 72   PHE A CD1 1 
ATOM   524  C  CD2 . PHE A 1 72  ? -7.273  -1.490  0.352   1.00 5.07  ? 72   PHE A CD2 1 
ATOM   525  C  CE1 . PHE A 1 72  ? -4.882  -2.935  0.070   1.00 6.61  ? 72   PHE A CE1 1 
ATOM   526  C  CE2 . PHE A 1 72  ? -7.135  -2.744  0.931   1.00 3.98  ? 72   PHE A CE2 1 
ATOM   527  C  CZ  . PHE A 1 72  ? -5.955  -3.478  0.784   1.00 5.77  ? 72   PHE A CZ  1 
ATOM   528  N  N   . GLU A 1 73  ? -7.146  -1.291  -3.904  1.00 7.32  ? 73   GLU A N   1 
ATOM   529  C  CA  . GLU A 1 73  ? -8.102  -1.954  -4.730  1.00 7.93  ? 73   GLU A CA  1 
ATOM   530  C  C   . GLU A 1 73  ? -7.894  -3.490  -4.798  1.00 7.46  ? 73   GLU A C   1 
ATOM   531  O  O   . GLU A 1 73  ? -6.962  -4.016  -4.267  1.00 6.77  ? 73   GLU A O   1 
ATOM   532  C  CB  . GLU A 1 73  ? -8.063  -1.332  -6.134  1.00 7.34  ? 73   GLU A CB  1 
ATOM   533  C  CG  . GLU A 1 73  ? -6.688  -1.519  -6.791  1.00 8.85  ? 73   GLU A CG  1 
ATOM   534  C  CD  . GLU A 1 73  ? -6.470  -0.736  -8.082  1.00 8.65  ? 73   GLU A CD  1 
ATOM   535  O  OE1 . GLU A 1 73  ? -6.985  0.385   -8.206  1.00 8.13  ? 73   GLU A OE1 1 
ATOM   536  O  OE2 . GLU A 1 73  ? -5.785  -1.270  -8.998  1.00 7.59  ? 73   GLU A OE2 1 
ATOM   537  N  N   . GLU A 1 74  ? -8.804  -4.164  -5.486  1.00 7.06  ? 74   GLU A N   1 
ATOM   538  C  CA  . GLU A 1 74  ? -8.650  -5.569  -5.832  1.00 7.86  ? 74   GLU A CA  1 
ATOM   539  C  C   . GLU A 1 74  ? -7.740  -5.573  -7.073  1.00 7.81  ? 74   GLU A C   1 
ATOM   540  O  O   . GLU A 1 74  ? -7.882  -4.741  -7.938  1.00 7.42  ? 74   GLU A O   1 
ATOM   541  C  CB  . GLU A 1 74  ? -10.065 -6.125  -6.123  1.00 8.61  ? 74   GLU A CB  1 
ATOM   542  C  CG  . GLU A 1 74  ? -10.358 -7.583  -5.764  1.00 11.41 ? 74   GLU A CG  1 
ATOM   543  C  CD  . GLU A 1 74  ? -10.095 -7.995  -4.338  1.00 8.57  ? 74   GLU A CD  1 
ATOM   544  O  OE1 . GLU A 1 74  ? -10.110 -7.178  -3.361  1.00 11.36 ? 74   GLU A OE1 1 
ATOM   545  O  OE2 . GLU A 1 74  ? -9.878  -9.235  -4.236  1.00 4.89  ? 74   GLU A OE2 1 
ATOM   546  N  N   . ALA A 1 75  ? -6.788  -6.500  -7.120  1.00 7.25  ? 75   ALA A N   1 
ATOM   547  C  CA  . ALA A 1 75  ? -5.843  -6.651  -8.178  1.00 6.89  ? 75   ALA A CA  1 
ATOM   548  C  C   . ALA A 1 75  ? -6.603  -6.714  -9.483  1.00 7.52  ? 75   ALA A C   1 
ATOM   549  O  O   . ALA A 1 75  ? -7.559  -7.485  -9.625  1.00 8.53  ? 75   ALA A O   1 
ATOM   550  C  CB  . ALA A 1 75  ? -5.048  -7.896  -7.983  1.00 7.07  ? 75   ALA A CB  1 
ATOM   551  N  N   . GLY A 1 76  ? -6.223  -5.855  -10.401 1.00 7.49  ? 76   GLY A N   1 
ATOM   552  C  CA  . GLY A 1 76  ? -6.891  -5.777  -11.676 1.00 9.21  ? 76   GLY A CA  1 
ATOM   553  C  C   . GLY A 1 76  ? -7.618  -4.479  -11.817 1.00 9.42  ? 76   GLY A C   1 
ATOM   554  O  O   . GLY A 1 76  ? -7.996  -4.107  -12.933 1.00 10.23 ? 76   GLY A O   1 
ATOM   555  N  N   . GLY A 1 77  ? -7.881  -3.821  -10.684 1.00 9.82  ? 77   GLY A N   1 
ATOM   556  C  CA  . GLY A 1 77  ? -8.512  -2.522  -10.691 1.00 10.56 ? 77   GLY A CA  1 
ATOM   557  C  C   . GLY A 1 77  ? -9.964  -2.366  -10.301 1.00 12.26 ? 77   GLY A C   1 
ATOM   558  O  O   . GLY A 1 77  ? -10.457 -1.220  -10.240 1.00 12.44 ? 77   GLY A O   1 
ATOM   559  N  N   . ALA A 1 78  ? -10.648 -3.444  -9.972  1.00 12.17 ? 78   ALA A N   1 
ATOM   560  C  CA  . ALA A 1 78  ? -12.054 -3.368  -9.552  1.00 14.37 ? 78   ALA A CA  1 
ATOM   561  C  C   . ALA A 1 78  ? -12.403 -4.608  -8.720  1.00 13.60 ? 78   ALA A C   1 
ATOM   562  O  O   . ALA A 1 78  ? -11.973 -5.734  -9.067  1.00 12.65 ? 78   ALA A O   1 
ATOM   563  C  CB  . ALA A 1 78  ? -12.973 -3.317  -10.828 1.00 15.91 ? 78   ALA A CB  1 
ATOM   564  N  N   . PRO A 1 79  ? -13.153 -4.435  -7.638  1.00 12.40 ? 79   PRO A N   1 
ATOM   565  C  CA  . PRO A 1 79  ? -13.589 -3.129  -7.102  1.00 12.31 ? 79   PRO A CA  1 
ATOM   566  C  C   . PRO A 1 79  ? -12.441 -2.292  -6.503  1.00 13.31 ? 79   PRO A C   1 
ATOM   567  O  O   . PRO A 1 79  ? -11.382 -2.816  -6.258  1.00 11.80 ? 79   PRO A O   1 
ATOM   568  C  CB  . PRO A 1 79  ? -14.507 -3.532  -5.931  1.00 13.07 ? 79   PRO A CB  1 
ATOM   569  C  CG  . PRO A 1 79  ? -14.034 -4.819  -5.497  1.00 11.33 ? 79   PRO A CG  1 
ATOM   570  C  CD  . PRO A 1 79  ? -13.624 -5.538  -6.803  1.00 12.27 ? 79   PRO A CD  1 
ATOM   571  N  N   . VAL A 1 80  ? -12.685 -1.000  -6.319  1.00 12.81 ? 80   VAL A N   1 
ATOM   572  C  CA  . VAL A 1 80  ? -11.844 -0.114  -5.557  1.00 14.02 ? 80   VAL A CA  1 
ATOM   573  C  C   . VAL A 1 80  ? -12.319 -0.103  -4.103  1.00 13.50 ? 80   VAL A C   1 
ATOM   574  O  O   . VAL A 1 80  ? -13.532 -0.134  -3.818  1.00 13.00 ? 80   VAL A O   1 
ATOM   575  C  CB  . VAL A 1 80  ? -11.938 1.333   -6.181  1.00 14.98 ? 80   VAL A CB  1 
ATOM   576  C  CG1 . VAL A 1 80  ? -11.307 2.419   -5.267  1.00 17.05 ? 80   VAL A CG1 1 
ATOM   577  C  CG2 . VAL A 1 80  ? -11.265 1.355   -7.531  1.00 17.58 ? 80   VAL A CG2 1 
ATOM   578  N  N   . HIS A 1 81  ? -11.356 -0.064  -3.180  1.00 10.74 ? 81   HIS A N   1 
ATOM   579  C  CA  . HIS A 1 81  ? -11.637 -0.117  -1.778  1.00 10.24 ? 81   HIS A CA  1 
ATOM   580  C  C   . HIS A 1 81  ? -11.534 1.236   -1.078  1.00 10.43 ? 81   HIS A C   1 
ATOM   581  O  O   . HIS A 1 81  ? -12.343 1.535   -0.214  1.00 8.73  ? 81   HIS A O   1 
ATOM   582  C  CB  . HIS A 1 81  ? -10.708 -1.149  -1.145  1.00 10.37 ? 81   HIS A CB  1 
ATOM   583  C  CG  . HIS A 1 81  ? -10.974 -2.532  -1.627  1.00 10.01 ? 81   HIS A CG  1 
ATOM   584  N  ND1 . HIS A 1 81  ? -10.019 -3.509  -1.657  1.00 14.79 ? 81   HIS A ND1 1 
ATOM   585  C  CD2 . HIS A 1 81  ? -12.114 -3.114  -2.061  1.00 9.09  ? 81   HIS A CD2 1 
ATOM   586  C  CE1 . HIS A 1 81  ? -10.560 -4.636  -2.066  1.00 12.96 ? 81   HIS A CE1 1 
ATOM   587  N  NE2 . HIS A 1 81  ? -11.828 -4.407  -2.346  1.00 10.98 ? 81   HIS A NE2 1 
ATOM   588  N  N   . GLY A 1 82  ? -10.537 2.037   -1.423  1.00 9.81  ? 82   GLY A N   1 
ATOM   589  C  CA  . GLY A 1 82  ? -10.462 3.383   -0.868  1.00 11.92 ? 82   GLY A CA  1 
ATOM   590  C  C   . GLY A 1 82  ? -9.264  4.119   -1.452  1.00 12.21 ? 82   GLY A C   1 
ATOM   591  O  O   . GLY A 1 82  ? -8.381  3.495   -2.059  1.00 11.29 ? 82   GLY A O   1 
ATOM   592  N  N   . THR A 1 83  ? -9.230  5.420   -1.239  1.00 10.44 ? 83   THR A N   1 
ATOM   593  C  CA  . THR A 1 83  ? -8.119  6.238   -1.649  1.00 11.54 ? 83   THR A CA  1 
ATOM   594  C  C   . THR A 1 83  ? -7.564  7.035   -0.468  1.00 10.99 ? 83   THR A C   1 
ATOM   595  O  O   . THR A 1 83  ? -8.309  7.390   0.432   1.00 11.06 ? 83   THR A O   1 
ATOM   596  C  CB  . THR A 1 83  ? -8.539  7.166   -2.749  1.00 12.46 ? 83   THR A CB  1 
ATOM   597  O  OG1 . THR A 1 83  ? -9.632  7.973   -2.288  1.00 18.80 ? 83   THR A OG1 1 
ATOM   598  C  CG2 . THR A 1 83  ? -9.138  6.353   -3.911  1.00 9.95  ? 83   THR A CG2 1 
ATOM   599  N  N   . ILE A 1 84  ? -6.270  7.376   -0.502  1.00 10.11 ? 84   ILE A N   1 
ATOM   600  C  CA  . ILE A 1 84  ? -5.700  8.112   0.630   1.00 11.30 ? 84   ILE A CA  1 
ATOM   601  C  C   . ILE A 1 84  ? -4.614  8.983   0.106   1.00 11.42 ? 84   ILE A C   1 
ATOM   602  O  O   . ILE A 1 84  ? -3.854  8.572   -0.807  1.00 10.58 ? 84   ILE A O   1 
ATOM   603  C  CB  . ILE A 1 84  ? -5.266  7.118   1.720   1.00 10.33 ? 84   ILE A CB  1 
ATOM   604  C  CG1 . ILE A 1 84  ? -4.751  7.818   2.982   1.00 13.97 ? 84   ILE A CG1 1 
ATOM   605  C  CG2 . ILE A 1 84  ? -4.142  6.202   1.178   1.00 12.53 ? 84   ILE A CG2 1 
ATOM   606  C  CD1 . ILE A 1 84  ? -4.511  6.848   4.073   1.00 12.39 ? 84   ILE A CD1 1 
ATOM   607  N  N   . ALA A 1 85  ? -4.527  10.203  0.653   1.00 11.04 ? 85   ALA A N   1 
ATOM   608  C  CA  . ALA A 1 85  ? -3.443  11.088  0.300   1.00 11.19 ? 85   ALA A CA  1 
ATOM   609  C  C   . ALA A 1 85  ? -2.149  10.802  1.095   1.00 9.65  ? 85   ALA A C   1 
ATOM   610  O  O   . ALA A 1 85  ? -2.161  10.452  2.270   1.00 10.97 ? 85   ALA A O   1 
ATOM   611  C  CB  . ALA A 1 85  ? -3.916  12.572  0.458   1.00 12.19 ? 85   ALA A CB  1 
ATOM   612  N  N   . ILE A 1 86  ? -1.000  10.943  0.454   1.00 10.19 ? 86   ILE A N   1 
ATOM   613  C  CA  . ILE A 1 86  ? 0.250   10.754  1.134   1.00 10.04 ? 86   ILE A CA  1 
ATOM   614  C  C   . ILE A 1 86  ? 0.877   12.108  1.469   1.00 10.21 ? 86   ILE A C   1 
ATOM   615  O  O   . ILE A 1 86  ? 1.268   12.904  0.592   1.00 9.56  ? 86   ILE A O   1 
ATOM   616  C  CB  . ILE A 1 86  ? 1.226   9.901   0.288   1.00 10.66 ? 86   ILE A CB  1 
ATOM   617  C  CG1 . ILE A 1 86  ? 0.665   8.484   0.077   1.00 13.69 ? 86   ILE A CG1 1 
ATOM   618  C  CG2 . ILE A 1 86  ? 2.559   9.832   0.986   1.00 10.23 ? 86   ILE A CG2 1 
ATOM   619  C  CD1 . ILE A 1 86  ? 0.141   8.294   -1.277  1.00 16.91 ? 86   ILE A CD1 1 
ATOM   620  N  N   . PRO A 1 87  ? 1.091   12.356  2.739   1.00 10.63 ? 87   PRO A N   1 
ATOM   621  C  CA  . PRO A 1 87  ? 1.579   13.683  3.127   1.00 10.69 ? 87   PRO A CA  1 
ATOM   622  C  C   . PRO A 1 87  ? 3.087   13.832  2.882   1.00 12.12 ? 87   PRO A C   1 
ATOM   623  O  O   . PRO A 1 87  ? 3.731   12.818  2.769   1.00 11.78 ? 87   PRO A O   1 
ATOM   624  C  CB  . PRO A 1 87  ? 1.304   13.730  4.636   1.00 10.02 ? 87   PRO A CB  1 
ATOM   625  C  CG  . PRO A 1 87  ? 1.475   12.302  5.076   1.00 11.97 ? 87   PRO A CG  1 
ATOM   626  C  CD  . PRO A 1 87  ? 0.944   11.445  3.878   1.00 9.81  ? 87   PRO A CD  1 
ATOM   627  N  N   . ALA A 1 88  ? 3.643   15.050  2.844   1.00 11.35 ? 88   ALA A N   1 
ATOM   628  C  CA  . ALA A 1 88  ? 5.094   15.193  2.794   1.00 12.67 ? 88   ALA A CA  1 
ATOM   629  C  C   . ALA A 1 88  ? 5.722   14.766  4.118   1.00 12.47 ? 88   ALA A C   1 
ATOM   630  O  O   . ALA A 1 88  ? 5.202   15.108  5.196   1.00 13.17 ? 88   ALA A O   1 
ATOM   631  C  CB  . ALA A 1 88  ? 5.521   16.666  2.467   1.00 13.05 ? 88   ALA A CB  1 
ATOM   632  N  N   . THR A 1 89  ? 6.789   13.988  4.073   1.00 10.34 ? 89   THR A N   1 
ATOM   633  C  CA  . THR A 1 89  ? 7.562   13.702  5.290   1.00 11.57 ? 89   THR A CA  1 
ATOM   634  C  C   . THR A 1 89  ? 8.897   14.465  5.328   1.00 12.65 ? 89   THR A C   1 
ATOM   635  O  O   . THR A 1 89  ? 9.591   14.454  6.338   1.00 14.91 ? 89   THR A O   1 
ATOM   636  C  CB  . THR A 1 89  ? 7.840   12.209  5.468   1.00 11.93 ? 89   THR A CB  1 
ATOM   637  O  OG1 . THR A 1 89  ? 8.643   11.714  4.389   1.00 10.11 ? 89   THR A OG1 1 
ATOM   638  C  CG2 . THR A 1 89  ? 6.534   11.363  5.392   1.00 11.61 ? 89   THR A CG2 1 
ATOM   639  N  N   . GLY A 1 90  ? 9.237   15.102  4.230   1.00 12.68 ? 90   GLY A N   1 
ATOM   640  C  CA  . GLY A 1 90  ? 10.434  15.934  4.111   1.00 14.14 ? 90   GLY A CA  1 
ATOM   641  C  C   . GLY A 1 90  ? 11.667  15.177  3.653   1.00 13.71 ? 90   GLY A C   1 
ATOM   642  O  O   . GLY A 1 90  ? 12.686  15.811  3.402   1.00 16.19 ? 90   GLY A O   1 
ATOM   643  N  N   . GLY A 1 91  ? 11.568  13.854  3.473   1.00 12.07 ? 91   GLY A N   1 
ATOM   644  C  CA  . GLY A 1 91  ? 12.663  13.084  2.917   1.00 10.25 ? 91   GLY A CA  1 
ATOM   645  C  C   . GLY A 1 91  ? 12.198  11.772  2.301   1.00 9.32  ? 91   GLY A C   1 
ATOM   646  O  O   . GLY A 1 91  ? 11.194  11.174  2.768   1.00 7.99  ? 91   GLY A O   1 
ATOM   647  N  N   . TRP A 1 92  ? 12.938  11.303  1.286   1.00 8.47  ? 92   TRP A N   1 
ATOM   648  C  CA  . TRP A 1 92  ? 12.665  9.999   0.673   1.00 8.44  ? 92   TRP A CA  1 
ATOM   649  C  C   . TRP A 1 92  ? 12.823  8.809   1.639   1.00 8.41  ? 92   TRP A C   1 
ATOM   650  O  O   . TRP A 1 92  ? 12.299  7.736   1.367   1.00 7.73  ? 92   TRP A O   1 
ATOM   651  C  CB  . TRP A 1 92  ? 13.501  9.762   -0.563  1.00 7.45  ? 92   TRP A CB  1 
ATOM   652  C  CG  . TRP A 1 92  ? 13.252  10.702  -1.672  1.00 6.51  ? 92   TRP A CG  1 
ATOM   653  C  CD1 . TRP A 1 92  ? 14.187  11.543  -2.286  1.00 7.23  ? 92   TRP A CD1 1 
ATOM   654  C  CD2 . TRP A 1 92  ? 12.045  10.858  -2.400  1.00 8.44  ? 92   TRP A CD2 1 
ATOM   655  N  NE1 . TRP A 1 92  ? 13.578  12.218  -3.310  1.00 10.28 ? 92   TRP A NE1 1 
ATOM   656  C  CE2 . TRP A 1 92  ? 12.265  11.832  -3.391  1.00 10.00 ? 92   TRP A CE2 1 
ATOM   657  C  CE3 . TRP A 1 92  ? 10.777  10.309  -2.291  1.00 9.86  ? 92   TRP A CE3 1 
ATOM   658  C  CZ2 . TRP A 1 92  ? 11.270  12.251  -4.254  1.00 11.31 ? 92   TRP A CZ2 1 
ATOM   659  C  CZ3 . TRP A 1 92  ? 9.785   10.741  -3.156  1.00 11.00 ? 92   TRP A CZ3 1 
ATOM   660  C  CH2 . TRP A 1 92  ? 10.041  11.697  -4.111  1.00 9.60  ? 92   TRP A CH2 1 
ATOM   661  N  N   . GLN A 1 93  ? 13.571  8.982   2.743   1.00 8.36  ? 93   GLN A N   1 
ATOM   662  C  CA  . GLN A 1 93  ? 13.682  7.928   3.761   1.00 8.88  ? 93   GLN A CA  1 
ATOM   663  C  C   . GLN A 1 93  ? 13.320  8.450   5.126   1.00 8.72  ? 93   GLN A C   1 
ATOM   664  O  O   . GLN A 1 93  ? 13.913  8.034   6.139   1.00 8.88  ? 93   GLN A O   1 
ATOM   665  C  CB  . GLN A 1 93  ? 15.071  7.268   3.776   1.00 9.36  ? 93   GLN A CB  1 
ATOM   666  C  CG  . GLN A 1 93  ? 15.460  6.547   2.468   1.00 9.93  ? 93   GLN A CG  1 
ATOM   667  C  CD  . GLN A 1 93  ? 14.723  5.192   2.169   1.00 10.22 ? 93   GLN A CD  1 
ATOM   668  O  OE1 . GLN A 1 93  ? 14.513  4.826   0.959   1.00 10.02 ? 93   GLN A OE1 1 
ATOM   669  N  NE2 . GLN A 1 93  ? 14.333  4.484   3.207   1.00 4.26  ? 93   GLN A NE2 1 
ATOM   670  N  N   . THR A 1 94  ? 12.375  9.394   5.146   1.00 8.71  ? 94   THR A N   1 
ATOM   671  C  CA  . THR A 1 94  ? 11.728  9.813   6.390   1.00 9.43  ? 94   THR A CA  1 
ATOM   672  C  C   . THR A 1 94  ? 10.335  9.236   6.362   1.00 7.99  ? 94   THR A C   1 
ATOM   673  O  O   . THR A 1 94  ? 9.480   9.630   5.551   1.00 8.03  ? 94   THR A O   1 
ATOM   674  C  CB  . THR A 1 94  ? 11.717  11.369  6.534   1.00 10.56 ? 94   THR A CB  1 
ATOM   675  O  OG1 . THR A 1 94  ? 13.089  11.851  6.495   1.00 10.02 ? 94   THR A OG1 1 
ATOM   676  C  CG2 . THR A 1 94  ? 11.155  11.773  7.897   1.00 11.17 ? 94   THR A CG2 1 
ATOM   677  N  N   . TRP A 1 95  ? 10.138  8.267   7.231   1.00 7.20  ? 95   TRP A N   1 
ATOM   678  C  CA  . TRP A 1 95  ? 8.960   7.388   7.206   1.00 8.30  ? 95   TRP A CA  1 
ATOM   679  C  C   . TRP A 1 95  ? 7.923   7.728   8.263   1.00 9.49  ? 95   TRP A C   1 
ATOM   680  O  O   . TRP A 1 95  ? 8.250   8.178   9.373   1.00 8.59  ? 95   TRP A O   1 
ATOM   681  C  CB  . TRP A 1 95  ? 9.382   5.936   7.354   1.00 7.50  ? 95   TRP A CB  1 
ATOM   682  C  CG  . TRP A 1 95  ? 10.289  5.550   6.243   1.00 6.02  ? 95   TRP A CG  1 
ATOM   683  C  CD1 . TRP A 1 95  ? 11.652  5.629   6.216   1.00 4.75  ? 95   TRP A CD1 1 
ATOM   684  C  CD2 . TRP A 1 95  ? 9.895   5.049   4.958   1.00 5.09  ? 95   TRP A CD2 1 
ATOM   685  N  NE1 . TRP A 1 95  ? 12.125  5.194   4.993   1.00 7.32  ? 95   TRP A NE1 1 
ATOM   686  C  CE2 . TRP A 1 95  ? 11.067  4.836   4.202   1.00 5.31  ? 95   TRP A CE2 1 
ATOM   687  C  CE3 . TRP A 1 95  ? 8.669   4.747   4.379   1.00 6.10  ? 95   TRP A CE3 1 
ATOM   688  C  CZ2 . TRP A 1 95  ? 11.040  4.362   2.878   1.00 3.74  ? 95   TRP A CZ2 1 
ATOM   689  C  CZ3 . TRP A 1 95  ? 8.652   4.236   3.063   1.00 5.29  ? 95   TRP A CZ3 1 
ATOM   690  C  CH2 . TRP A 1 95  ? 9.835   4.085   2.339   1.00 3.99  ? 95   TRP A CH2 1 
ATOM   691  N  N   . THR A 1 96  ? 6.664   7.515   7.882   1.00 9.17  ? 96   THR A N   1 
ATOM   692  C  CA  . THR A 1 96  ? 5.530   7.609   8.776   1.00 9.84  ? 96   THR A CA  1 
ATOM   693  C  C   . THR A 1 96  ? 4.447   6.582   8.354   1.00 9.87  ? 96   THR A C   1 
ATOM   694  O  O   . THR A 1 96  ? 4.437   6.068   7.202   1.00 8.87  ? 96   THR A O   1 
ATOM   695  C  CB  . THR A 1 96  ? 5.005   9.015   8.710   1.00 11.16 ? 96   THR A CB  1 
ATOM   696  O  OG1 . THR A 1 96  ? 4.153   9.256   9.831   1.00 11.60 ? 96   THR A OG1 1 
ATOM   697  C  CG2 . THR A 1 96  ? 4.174   9.271   7.424   1.00 10.16 ? 96   THR A CG2 1 
ATOM   698  N  N   . THR A 1 97  ? 3.579   6.246   9.285   1.00 9.29  ? 97   THR A N   1 
ATOM   699  C  CA  . THR A 1 97  ? 2.486   5.315   8.984   1.00 10.09 ? 97   THR A CA  1 
ATOM   700  C  C   . THR A 1 97  ? 1.220   6.114   8.920   1.00 10.63 ? 97   THR A C   1 
ATOM   701  O  O   . THR A 1 97  ? 0.878   6.821   9.913   1.00 9.87  ? 97   THR A O   1 
ATOM   702  C  CB  . THR A 1 97  ? 2.384   4.304   10.066  1.00 9.46  ? 97   THR A CB  1 
ATOM   703  O  OG1 . THR A 1 97  ? 3.614   3.628   10.214  1.00 9.46  ? 97   THR A OG1 1 
ATOM   704  C  CG2 . THR A 1 97  ? 1.389   3.197   9.759   1.00 11.35 ? 97   THR A CG2 1 
ATOM   705  N  N   . ILE A 1 98  ? 0.563   6.041   7.749   1.00 7.86  ? 98   ILE A N   1 
ATOM   706  C  CA  . ILE A 1 98  ? -0.750  6.648   7.548   1.00 8.16  ? 98   ILE A CA  1 
ATOM   707  C  C   . ILE A 1 98  ? -1.775  5.512   7.521   1.00 8.49  ? 98   ILE A C   1 
ATOM   708  O  O   . ILE A 1 98  ? -1.410  4.310   7.390   1.00 6.30  ? 98   ILE A O   1 
ATOM   709  C  CB  . ILE A 1 98  ? -0.825  7.497   6.281   1.00 8.03  ? 98   ILE A CB  1 
ATOM   710  C  CG1 . ILE A 1 98  ? -0.540  6.648   5.018   1.00 6.40  ? 98   ILE A CG1 1 
ATOM   711  C  CG2 . ILE A 1 98  ? 0.143   8.711   6.392   1.00 8.83  ? 98   ILE A CG2 1 
ATOM   712  C  CD1 . ILE A 1 98  ? -0.675  7.345   3.758   1.00 10.22 ? 98   ILE A CD1 1 
ATOM   713  N  N   . GLN A 1 99  ? -3.022  5.902   7.731   1.00 9.27  ? 99   GLN A N   1 
ATOM   714  C  CA  . GLN A 1 99  ? -4.136  4.988   8.047   1.00 10.32 ? 99   GLN A CA  1 
ATOM   715  C  C   . GLN A 1 99  ? -5.464  5.472   7.422   1.00 10.12 ? 99   GLN A C   1 
ATOM   716  O  O   . GLN A 1 99  ? -5.736  6.686   7.411   1.00 9.76  ? 99   GLN A O   1 
ATOM   717  C  CB  . GLN A 1 99  ? -4.325  4.914   9.576   1.00 11.77 ? 99   GLN A CB  1 
ATOM   718  C  CG  . GLN A 1 99  ? -3.227  4.265   10.362  1.00 16.27 ? 99   GLN A CG  1 
ATOM   719  C  CD  . GLN A 1 99  ? -3.522  4.237   11.832  1.00 17.13 ? 99   GLN A CD  1 
ATOM   720  O  OE1 . GLN A 1 99  ? -4.226  5.119   12.337  1.00 22.32 ? 99   GLN A OE1 1 
ATOM   721  N  NE2 . GLN A 1 99  ? -3.038  3.207   12.518  1.00 20.99 ? 99   GLN A NE2 1 
ATOM   722  N  N   . HIS A 1 100 ? -6.278  4.526   6.909   1.00 8.88  ? 100  HIS A N   1 
ATOM   723  C  CA  . HIS A 1 100 ? -7.663  4.782   6.565   1.00 9.44  ? 100  HIS A CA  1 
ATOM   724  C  C   . HIS A 1 100 ? -8.480  3.513   6.767   1.00 10.49 ? 100  HIS A C   1 
ATOM   725  O  O   . HIS A 1 100 ? -7.915  2.427   6.851   1.00 10.06 ? 100  HIS A O   1 
ATOM   726  C  CB  . HIS A 1 100 ? -7.854  5.435   5.182   1.00 9.13  ? 100  HIS A CB  1 
ATOM   727  C  CG  . HIS A 1 100 ? -7.609  4.516   4.035   1.00 9.99  ? 100  HIS A CG  1 
ATOM   728  N  ND1 . HIS A 1 100 ? -8.245  4.663   2.831   1.00 13.33 ? 100  HIS A ND1 1 
ATOM   729  C  CD2 . HIS A 1 100 ? -6.768  3.462   3.893   1.00 12.13 ? 100  HIS A CD2 1 
ATOM   730  C  CE1 . HIS A 1 100 ? -7.840  3.710   1.995   1.00 12.39 ? 100  HIS A CE1 1 
ATOM   731  N  NE2 . HIS A 1 100 ? -6.913  2.986   2.601   1.00 12.31 ? 100  HIS A NE2 1 
ATOM   732  N  N   . THR A 1 101 ? -9.798  3.638   6.917   1.00 10.14 ? 101  THR A N   1 
ATOM   733  C  CA  . THR A 1 101 ? -10.600 2.434   7.052   1.00 10.68 ? 101  THR A CA  1 
ATOM   734  C  C   . THR A 1 101 ? -11.329 2.182   5.735   1.00 9.55  ? 101  THR A C   1 
ATOM   735  O  O   . THR A 1 101 ? -11.827 3.100   5.115   1.00 9.18  ? 101  THR A O   1 
ATOM   736  C  CB  . THR A 1 101 ? -11.620 2.572   8.163   1.00 11.51 ? 101  THR A CB  1 
ATOM   737  O  OG1 . THR A 1 101 ? -12.488 3.642   7.810   1.00 19.33 ? 101  THR A OG1 1 
ATOM   738  C  CG2 . THR A 1 101 ? -10.951 3.013   9.371   1.00 9.89  ? 101  THR A CG2 1 
ATOM   739  N  N   . VAL A 1 102 ? -11.400 0.928   5.356   1.00 7.04  ? 102  VAL A N   1 
ATOM   740  C  CA  . VAL A 1 102 ? -12.199 0.523   4.175   1.00 8.57  ? 102  VAL A CA  1 
ATOM   741  C  C   . VAL A 1 102 ? -13.142 -0.577  4.642   1.00 8.39  ? 102  VAL A C   1 
ATOM   742  O  O   . VAL A 1 102 ? -12.970 -1.131  5.735   1.00 9.60  ? 102  VAL A O   1 
ATOM   743  C  CB  . VAL A 1 102 ? -11.271 0.019   3.081   1.00 8.21  ? 102  VAL A CB  1 
ATOM   744  C  CG1 . VAL A 1 102 ? -10.276 1.186   2.670   1.00 10.22 ? 102  VAL A CG1 1 
ATOM   745  C  CG2 . VAL A 1 102 ? -10.496 -1.137  3.563   1.00 11.04 ? 102  VAL A CG2 1 
ATOM   746  N  N   . ASN A 1 103 ? -14.129 -0.917  3.830   1.00 9.20  ? 103  ASN A N   1 
ATOM   747  C  CA  . ASN A 1 103 ? -15.062 -1.977  4.148   1.00 10.75 ? 103  ASN A CA  1 
ATOM   748  C  C   . ASN A 1 103 ? -14.853 -3.055  3.084   1.00 9.91  ? 103  ASN A C   1 
ATOM   749  O  O   . ASN A 1 103 ? -14.914 -2.749  1.905   1.00 10.89 ? 103  ASN A O   1 
ATOM   750  C  CB  . ASN A 1 103 ? -16.487 -1.468  4.023   1.00 12.73 ? 103  ASN A CB  1 
ATOM   751  C  CG  . ASN A 1 103 ? -16.780 -0.376  4.962   1.00 17.74 ? 103  ASN A CG  1 
ATOM   752  O  OD1 . ASN A 1 103 ? -16.605 -0.518  6.155   1.00 25.63 ? 103  ASN A OD1 1 
ATOM   753  N  ND2 . ASN A 1 103 ? -17.257 0.732   4.444   1.00 25.54 ? 103  ASN A ND2 1 
ATOM   754  N  N   . LEU A 1 104 ? -14.582 -4.275  3.517   1.00 7.92  ? 104  LEU A N   1 
ATOM   755  C  CA  . LEU A 1 104 ? -14.242 -5.383  2.638   1.00 7.87  ? 104  LEU A CA  1 
ATOM   756  C  C   . LEU A 1 104 ? -15.229 -6.508  2.803   1.00 7.73  ? 104  LEU A C   1 
ATOM   757  O  O   . LEU A 1 104 ? -15.604 -6.827  3.936   1.00 8.94  ? 104  LEU A O   1 
ATOM   758  C  CB  . LEU A 1 104 ? -12.862 -5.942  2.996   1.00 7.26  ? 104  LEU A CB  1 
ATOM   759  C  CG  . LEU A 1 104 ? -11.725 -4.909  2.832   1.00 7.51  ? 104  LEU A CG  1 
ATOM   760  C  CD1 . LEU A 1 104 ? -10.421 -5.456  3.323   1.00 9.29  ? 104  LEU A CD1 1 
ATOM   761  C  CD2 . LEU A 1 104 ? -11.619 -4.393  1.388   1.00 10.01 ? 104  LEU A CD2 1 
ATOM   762  N  N   . SER A 1 105 ? -15.527 -7.188  1.709   1.00 7.75  ? 105  SER A N   1 
ATOM   763  C  CA  . SER A 1 105 ? -16.339 -8.411  1.752   1.00 8.57  ? 105  SER A CA  1 
ATOM   764  C  C   . SER A 1 105 ? -15.488 -9.594  2.220   1.00 9.04  ? 105  SER A C   1 
ATOM   765  O  O   . SER A 1 105 ? -14.335 -9.749  1.848   1.00 8.82  ? 105  SER A O   1 
ATOM   766  C  CB  . SER A 1 105 ? -16.937 -8.718  0.380   1.00 9.15  ? 105  SER A CB  1 
ATOM   767  O  OG  . SER A 1 105 ? -15.888 -8.877  -0.571  1.00 13.53 ? 105  SER A OG  1 
ATOM   768  N  N   . ALA A 1 106 ? -16.093 -10.461 3.015   1.00 9.65  ? 106  ALA A N   1 
ATOM   769  C  CA  . ALA A 1 106 ? -15.473 -11.697 3.445   1.00 9.19  ? 106  ALA A CA  1 
ATOM   770  C  C   . ALA A 1 106 ? -15.075 -12.535 2.230   1.00 9.85  ? 106  ALA A C   1 
ATOM   771  O  O   . ALA A 1 106 ? -15.816 -12.561 1.212   1.00 10.28 ? 106  ALA A O   1 
ATOM   772  C  CB  . ALA A 1 106 ? -16.463 -12.468 4.306   1.00 10.10 ? 106  ALA A CB  1 
ATOM   773  N  N   . GLY A 1 107 ? -13.922 -13.196 2.328   1.00 8.99  ? 107  GLY A N   1 
ATOM   774  C  CA  . GLY A 1 107 ? -13.485 -14.149 1.319   1.00 9.92  ? 107  GLY A CA  1 
ATOM   775  C  C   . GLY A 1 107 ? -12.038 -13.940 0.902   1.00 9.64  ? 107  GLY A C   1 
ATOM   776  O  O   . GLY A 1 107 ? -11.318 -13.120 1.499   1.00 6.76  ? 107  GLY A O   1 
ATOM   777  N  N   . SER A 1 108 ? -11.630 -14.630 -0.161  1.00 9.70  ? 108  SER A N   1 
ATOM   778  C  CA  . SER A 1 108 ? -10.253 -14.594 -0.570  1.00 11.27 ? 108  SER A CA  1 
ATOM   779  C  C   . SER A 1 108 ? -10.065 -13.332 -1.416  1.00 11.78 ? 108  SER A C   1 
ATOM   780  O  O   . SER A 1 108 ? -10.749 -13.182 -2.446  1.00 10.67 ? 108  SER A O   1 
ATOM   781  C  CB  . SER A 1 108 ? -9.940  -15.861 -1.400  1.00 11.89 ? 108  SER A CB  1 
ATOM   782  O  OG  . SER A 1 108 ? -8.618  -15.812 -1.879  1.00 15.91 ? 108  SER A OG  1 
ATOM   783  N  N   . HIS A 1 109 ? -9.158  -12.435 -1.017  1.00 8.24  ? 109  HIS A N   1 
ATOM   784  C  CA  . HIS A 1 109 ? -8.892  -11.247 -1.833  1.00 8.49  ? 109  HIS A CA  1 
ATOM   785  C  C   . HIS A 1 109 ? -7.485  -11.285 -2.452  1.00 8.07  ? 109  HIS A C   1 
ATOM   786  O  O   . HIS A 1 109 ? -6.563  -11.926 -1.913  1.00 6.33  ? 109  HIS A O   1 
ATOM   787  C  CB  . HIS A 1 109 ? -8.986  -9.986  -0.975  1.00 7.08  ? 109  HIS A CB  1 
ATOM   788  C  CG  . HIS A 1 109 ? -10.381 -9.564  -0.634  1.00 9.76  ? 109  HIS A CG  1 
ATOM   789  N  ND1 . HIS A 1 109 ? -10.948 -8.415  -1.152  1.00 9.75  ? 109  HIS A ND1 1 
ATOM   790  C  CD2 . HIS A 1 109 ? -11.307 -10.097 0.208   1.00 8.82  ? 109  HIS A CD2 1 
ATOM   791  C  CE1 . HIS A 1 109 ? -12.167 -8.268  -0.658  1.00 7.55  ? 109  HIS A CE1 1 
ATOM   792  N  NE2 . HIS A 1 109 ? -12.396 -9.256  0.194   1.00 8.03  ? 109  HIS A NE2 1 
ATOM   793  N  N   . GLN A 1 110 ? -7.371  -10.645 -3.613  1.00 6.35  ? 110  GLN A N   1 
ATOM   794  C  CA  . GLN A 1 110 ? -6.089  -10.294 -4.203  1.00 5.65  ? 110  GLN A CA  1 
ATOM   795  C  C   . GLN A 1 110 ? -6.033  -8.800  -4.319  1.00 6.38  ? 110  GLN A C   1 
ATOM   796  O  O   . GLN A 1 110 ? -6.865  -8.209  -4.989  1.00 7.78  ? 110  GLN A O   1 
ATOM   797  C  CB  . GLN A 1 110 ? -5.947  -10.996 -5.565  1.00 5.68  ? 110  GLN A CB  1 
ATOM   798  C  CG  . GLN A 1 110 ? -5.925  -12.524 -5.465  1.00 10.16 ? 110  GLN A CG  1 
ATOM   799  C  CD  . GLN A 1 110 ? -6.048  -13.189 -6.836  1.00 16.81 ? 110  GLN A CD  1 
ATOM   800  O  OE1 . GLN A 1 110 ? -7.075  -13.057 -7.464  1.00 20.08 ? 110  GLN A OE1 1 
ATOM   801  N  NE2 . GLN A 1 110 ? -4.982  -13.891 -7.297  1.00 15.17 ? 110  GLN A NE2 1 
ATOM   802  N  N   . PHE A 1 111 ? -5.103  -8.166  -3.600  1.00 6.93  ? 111  PHE A N   1 
ATOM   803  C  CA  . PHE A 1 111 ? -5.040  -6.709  -3.548  1.00 6.32  ? 111  PHE A CA  1 
ATOM   804  C  C   . PHE A 1 111 ? -4.004  -6.106  -4.497  1.00 6.70  ? 111  PHE A C   1 
ATOM   805  O  O   . PHE A 1 111 ? -3.055  -6.739  -4.921  1.00 5.46  ? 111  PHE A O   1 
ATOM   806  C  CB  . PHE A 1 111 ? -4.734  -6.274  -2.117  1.00 6.60  ? 111  PHE A CB  1 
ATOM   807  C  CG  . PHE A 1 111 ? -5.836  -6.604  -1.133  1.00 6.10  ? 111  PHE A CG  1 
ATOM   808  C  CD1 . PHE A 1 111 ? -5.584  -7.411  -0.030  1.00 6.39  ? 111  PHE A CD1 1 
ATOM   809  C  CD2 . PHE A 1 111 ? -7.088  -6.070  -1.271  1.00 6.03  ? 111  PHE A CD2 1 
ATOM   810  C  CE1 . PHE A 1 111 ? -6.591  -7.714  0.908   1.00 6.32  ? 111  PHE A CE1 1 
ATOM   811  C  CE2 . PHE A 1 111 ? -8.101  -6.369  -0.344  1.00 7.68  ? 111  PHE A CE2 1 
ATOM   812  C  CZ  . PHE A 1 111 ? -7.858  -7.224  0.724   1.00 7.10  ? 111  PHE A CZ  1 
ATOM   813  N  N   . GLY A 1 112 ? -4.266  -4.862  -4.848  1.00 7.46  ? 112  GLY A N   1 
ATOM   814  C  CA  . GLY A 1 112 ? -3.434  -4.051  -5.682  1.00 6.27  ? 112  GLY A CA  1 
ATOM   815  C  C   . GLY A 1 112 ? -3.449  -2.629  -5.140  1.00 6.30  ? 112  GLY A C   1 
ATOM   816  O  O   . GLY A 1 112 ? -4.326  -2.249  -4.361  1.00 7.59  ? 112  GLY A O   1 
ATOM   817  N  N   . ILE A 1 113 ? -2.463  -1.871  -5.565  1.00 7.26  ? 113  ILE A N   1 
ATOM   818  C  CA  . ILE A 1 113 ? -2.302  -0.462  -5.242  1.00 8.20  ? 113  ILE A CA  1 
ATOM   819  C  C   . ILE A 1 113 ? -2.040  0.302   -6.548  1.00 8.67  ? 113  ILE A C   1 
ATOM   820  O  O   . ILE A 1 113 ? -1.210  -0.096  -7.363  1.00 7.55  ? 113  ILE A O   1 
ATOM   821  C  CB  . ILE A 1 113 ? -1.165  -0.292  -4.262  1.00 8.25  ? 113  ILE A CB  1 
ATOM   822  C  CG1 . ILE A 1 113 ? -1.575  -0.858  -2.896  1.00 10.67 ? 113  ILE A CG1 1 
ATOM   823  C  CG2 . ILE A 1 113 ? -0.799  1.174   -4.122  1.00 9.93  ? 113  ILE A CG2 1 
ATOM   824  C  CD1 . ILE A 1 113 ? -0.462  -0.994  -1.963  1.00 13.68 ? 113  ILE A CD1 1 
ATOM   825  N  N   . LYS A 1 114 ? -2.773  1.384   -6.751  1.00 8.82  ? 114  LYS A N   1 
ATOM   826  C  CA  . LYS A 1 114 ? -2.589  2.232   -7.923  1.00 7.97  ? 114  LYS A CA  1 
ATOM   827  C  C   . LYS A 1 114 ? -2.177  3.627   -7.422  1.00 8.40  ? 114  LYS A C   1 
ATOM   828  O  O   . LYS A 1 114 ? -2.810  4.167   -6.512  1.00 7.06  ? 114  LYS A O   1 
ATOM   829  C  CB  . LYS A 1 114 ? -3.918  2.264   -8.688  1.00 7.14  ? 114  LYS A CB  1 
ATOM   830  C  CG  . LYS A 1 114 ? -4.031  3.398   -9.758  1.00 10.85 ? 114  LYS A CG  1 
ATOM   831  C  CD  . LYS A 1 114 ? -3.137  3.091   -10.947 1.00 13.86 ? 114  LYS A CD  1 
ATOM   832  C  CE  . LYS A 1 114 ? -3.717  2.155   -12.020 1.00 13.04 ? 114  LYS A CE  1 
ATOM   833  N  NZ  . LYS A 1 114 ? -5.030  1.788   -12.081 1.00 11.21 ? 114  LYS A NZ  1 
ATOM   834  N  N   . ALA A 1 115 ? -1.124  4.186   -8.009  1.00 8.97  ? 115  ALA A N   1 
ATOM   835  C  CA  . ALA A 1 115 ? -0.724  5.538   -7.782  1.00 10.05 ? 115  ALA A CA  1 
ATOM   836  C  C   . ALA A 1 115 ? -1.555  6.524   -8.626  1.00 10.41 ? 115  ALA A C   1 
ATOM   837  O  O   . ALA A 1 115 ? -1.483  6.532   -9.874  1.00 11.50 ? 115  ALA A O   1 
ATOM   838  C  CB  . ALA A 1 115 ? 0.783   5.698   -8.038  1.00 9.99  ? 115  ALA A CB  1 
ATOM   839  N  N   . ASN A 1 116 ? -2.368  7.340   -7.956  1.00 11.47 ? 116  ASN A N   1 
ATOM   840  C  CA  . ASN A 1 116 ? -3.152  8.407   -8.639  1.00 12.73 ? 116  ASN A CA  1 
ATOM   841  C  C   . ASN A 1 116 ? -2.255  9.594   -8.951  1.00 13.43 ? 116  ASN A C   1 
ATOM   842  O  O   . ASN A 1 116 ? -2.407  10.276  -9.996  1.00 14.04 ? 116  ASN A O   1 
ATOM   843  C  CB  . ASN A 1 116 ? -4.337  8.819   -7.756  1.00 13.04 ? 116  ASN A CB  1 
ATOM   844  C  CG  . ASN A 1 116 ? -5.197  7.632   -7.428  1.00 13.72 ? 116  ASN A CG  1 
ATOM   845  O  OD1 . ASN A 1 116 ? -5.502  6.869   -8.324  1.00 10.59 ? 116  ASN A OD1 1 
ATOM   846  N  ND2 . ASN A 1 116 ? -5.546  7.439   -6.173  1.00 8.27  ? 116  ASN A ND2 1 
ATOM   847  N  N   . ALA A 1 117 ? -1.301  9.811   -8.051  1.00 12.76 ? 117  ALA A N   1 
ATOM   848  C  CA  . ALA A 1 117 ? -0.247  10.828  -8.196  1.00 12.96 ? 117  ALA A CA  1 
ATOM   849  C  C   . ALA A 1 117 ? 1.010   10.311  -7.545  1.00 12.56 ? 117  ALA A C   1 
ATOM   850  O  O   . ALA A 1 117 ? 0.920   9.602   -6.559  1.00 12.52 ? 117  ALA A O   1 
ATOM   851  C  CB  . ALA A 1 117 ? -0.654  12.162  -7.554  1.00 13.49 ? 117  ALA A CB  1 
ATOM   852  N  N   . GLY A 1 118 ? 2.165   10.745  -8.043  1.00 11.02 ? 118  GLY A N   1 
ATOM   853  C  CA  . GLY A 1 118 ? 3.452   10.241  -7.639  1.00 10.53 ? 118  GLY A CA  1 
ATOM   854  C  C   . GLY A 1 118 ? 4.061   10.969  -6.478  1.00 9.88  ? 118  GLY A C   1 
ATOM   855  O  O   . GLY A 1 118 ? 3.375   11.739  -5.841  1.00 11.05 ? 118  GLY A O   1 
ATOM   856  N  N   . GLY A 1 119 ? 5.353   10.760  -6.245  1.00 9.30  ? 119  GLY A N   1 
ATOM   857  C  CA  . GLY A 1 119 ? 6.125   11.506  -5.242  1.00 9.84  ? 119  GLY A CA  1 
ATOM   858  C  C   . GLY A 1 119 ? 6.229   10.875  -3.880  1.00 9.40  ? 119  GLY A C   1 
ATOM   859  O  O   . GLY A 1 119 ? 6.528   11.552  -2.861  1.00 10.05 ? 119  GLY A O   1 
ATOM   860  N  N   . TRP A 1 120 ? 5.973   9.562   -3.835  1.00 8.97  ? 120  TRP A N   1 
ATOM   861  C  CA  . TRP A 1 120 ? 5.974   8.837   -2.567  1.00 8.25  ? 120  TRP A CA  1 
ATOM   862  C  C   . TRP A 1 120 ? 6.583   7.443   -2.701  1.00 7.00  ? 120  TRP A C   1 
ATOM   863  O  O   . TRP A 1 120 ? 6.664   6.888   -3.779  1.00 5.71  ? 120  TRP A O   1 
ATOM   864  C  CB  . TRP A 1 120 ? 4.569   8.788   -1.964  1.00 7.90  ? 120  TRP A CB  1 
ATOM   865  C  CG  . TRP A 1 120 ? 3.575   8.178   -2.874  1.00 8.56  ? 120  TRP A CG  1 
ATOM   866  C  CD1 . TRP A 1 120 ? 3.010   8.757   -3.924  1.00 9.06  ? 120  TRP A CD1 1 
ATOM   867  C  CD2 . TRP A 1 120 ? 3.086   6.847   -2.820  1.00 6.59  ? 120  TRP A CD2 1 
ATOM   868  N  NE1 . TRP A 1 120 ? 2.157   7.886   -4.553  1.00 10.89 ? 120  TRP A NE1 1 
ATOM   869  C  CE2 . TRP A 1 120 ? 2.173   6.700   -3.870  1.00 9.65  ? 120  TRP A CE2 1 
ATOM   870  C  CE3 . TRP A 1 120 ? 3.306   5.767   -1.972  1.00 5.83  ? 120  TRP A CE3 1 
ATOM   871  C  CZ2 . TRP A 1 120 ? 1.513   5.522   -4.129  1.00 10.59 ? 120  TRP A CZ2 1 
ATOM   872  C  CZ3 . TRP A 1 120 ? 2.567   4.601   -2.185  1.00 7.40  ? 120  TRP A CZ3 1 
ATOM   873  C  CH2 . TRP A 1 120 ? 1.679   4.500   -3.273  1.00 8.85  ? 120  TRP A CH2 1 
ATOM   874  N  N   . ASN A 1 121 ? 7.136   6.949   -1.606  1.00 6.12  ? 121  ASN A N   1 
ATOM   875  C  CA  . ASN A 1 121 ? 7.677   5.611   -1.468  1.00 5.61  ? 121  ASN A CA  1 
ATOM   876  C  C   . ASN A 1 121 ? 6.777   4.768   -0.555  1.00 5.71  ? 121  ASN A C   1 
ATOM   877  O  O   . ASN A 1 121 ? 6.120   5.315   0.343   1.00 5.25  ? 121  ASN A O   1 
ATOM   878  C  CB  . ASN A 1 121 ? 9.060   5.664   -0.782  1.00 5.45  ? 121  ASN A CB  1 
ATOM   879  C  CG  . ASN A 1 121 ? 10.116  6.342   -1.630  1.00 7.60  ? 121  ASN A CG  1 
ATOM   880  O  OD1 . ASN A 1 121 ? 11.147  6.849   -1.110  1.00 11.20 ? 121  ASN A OD1 1 
ATOM   881  N  ND2 . ASN A 1 121 ? 9.915   6.293   -2.975  1.00 7.10  ? 121  ASN A ND2 1 
ATOM   882  N  N   . LEU A 1 122 ? 6.876   3.438   -0.680  1.00 5.93  ? 122  LEU A N   1 
ATOM   883  C  CA  . LEU A 1 122 ? 6.055   2.494   0.143   1.00 5.73  ? 122  LEU A CA  1 
ATOM   884  C  C   . LEU A 1 122 ? 6.920   1.378   0.699   1.00 5.93  ? 122  LEU A C   1 
ATOM   885  O  O   . LEU A 1 122 ? 7.591   0.687   -0.083  1.00 5.81  ? 122  LEU A O   1 
ATOM   886  C  CB  . LEU A 1 122 ? 4.953   1.892   -0.730  1.00 6.02  ? 122  LEU A CB  1 
ATOM   887  C  CG  . LEU A 1 122 ? 3.886   1.048   -0.001  1.00 5.19  ? 122  LEU A CG  1 
ATOM   888  C  CD1 . LEU A 1 122 ? 3.113   1.869   1.062   1.00 5.12  ? 122  LEU A CD1 1 
ATOM   889  C  CD2 . LEU A 1 122 ? 2.931   0.452   -1.055  1.00 7.07  ? 122  LEU A CD2 1 
ATOM   890  N  N   . ASN A 1 123 ? 6.987   1.238   2.023   1.00 5.16  ? 123  ASN A N   1 
ATOM   891  C  CA  . ASN A 1 123 ? 7.765   0.192   2.644   1.00 6.06  ? 123  ASN A CA  1 
ATOM   892  C  C   . ASN A 1 123 ? 6.956   -1.119  2.803   1.00 6.61  ? 123  ASN A C   1 
ATOM   893  O  O   . ASN A 1 123 ? 7.415   -2.235  2.453   1.00 5.84  ? 123  ASN A O   1 
ATOM   894  C  CB  . ASN A 1 123 ? 8.364   0.704   3.929   1.00 6.06  ? 123  ASN A CB  1 
ATOM   895  C  CG  . ASN A 1 123 ? 9.342   -0.294  4.607   1.00 8.71  ? 123  ASN A CG  1 
ATOM   896  O  OD1 . ASN A 1 123 ? 9.727   -1.297  4.045   1.00 4.70  ? 123  ASN A OD1 1 
ATOM   897  N  ND2 . ASN A 1 123 ? 9.759   0.046   5.861   1.00 2.68  ? 123  ASN A ND2 1 
ATOM   898  N  N   . TRP A 1 124 ? 5.772   -0.969  3.372   1.00 6.46  ? 124  TRP A N   1 
ATOM   899  C  CA  . TRP A 1 124 ? 4.872   -2.103  3.633   1.00 6.16  ? 124  TRP A CA  1 
ATOM   900  C  C   . TRP A 1 124 ? 3.455   -1.567  3.830   1.00 6.21  ? 124  TRP A C   1 
ATOM   901  O  O   . TRP A 1 124 ? 3.273   -0.352  3.921   1.00 6.28  ? 124  TRP A O   1 
ATOM   902  C  CB  . TRP A 1 124 ? 5.334   -2.956  4.846   1.00 5.70  ? 124  TRP A CB  1 
ATOM   903  C  CG  . TRP A 1 124 ? 5.766   -2.190  6.107   1.00 5.49  ? 124  TRP A CG  1 
ATOM   904  C  CD1 . TRP A 1 124 ? 7.038   -1.980  6.550   1.00 8.19  ? 124  TRP A CD1 1 
ATOM   905  C  CD2 . TRP A 1 124 ? 4.908   -1.587  7.095   1.00 7.38  ? 124  TRP A CD2 1 
ATOM   906  N  NE1 . TRP A 1 124 ? 7.020   -1.305  7.746   1.00 8.30  ? 124  TRP A NE1 1 
ATOM   907  C  CE2 . TRP A 1 124 ? 5.731   -1.024  8.098   1.00 6.14  ? 124  TRP A CE2 1 
ATOM   908  C  CE3 . TRP A 1 124 ? 3.519   -1.472  7.232   1.00 6.31  ? 124  TRP A CE3 1 
ATOM   909  C  CZ2 . TRP A 1 124 ? 5.214   -0.283  9.203   1.00 6.88  ? 124  TRP A CZ2 1 
ATOM   910  C  CZ3 . TRP A 1 124 ? 2.991   -0.778  8.355   1.00 7.92  ? 124  TRP A CZ3 1 
ATOM   911  C  CH2 . TRP A 1 124 ? 3.845   -0.205  9.333   1.00 7.93  ? 124  TRP A CH2 1 
ATOM   912  N  N   . ILE A 1 125 ? 2.486   -2.497  3.873   1.00 5.90  ? 125  ILE A N   1 
ATOM   913  C  CA  . ILE A 1 125 ? 1.063   -2.253  4.105   1.00 7.70  ? 125  ILE A CA  1 
ATOM   914  C  C   . ILE A 1 125 ? 0.633   -3.207  5.191   1.00 6.90  ? 125  ILE A C   1 
ATOM   915  O  O   . ILE A 1 125 ? 1.082   -4.328  5.234   1.00 7.38  ? 125  ILE A O   1 
ATOM   916  C  CB  . ILE A 1 125 ? 0.307   -2.563  2.807   1.00 8.99  ? 125  ILE A CB  1 
ATOM   917  C  CG1 . ILE A 1 125 ? 0.823   -1.664  1.685   1.00 11.98 ? 125  ILE A CG1 1 
ATOM   918  C  CG2 . ILE A 1 125 ? -1.162  -2.371  2.932   1.00 13.79 ? 125  ILE A CG2 1 
ATOM   919  C  CD1 . ILE A 1 125 ? 1.109   -2.530  0.464   1.00 19.84 ? 125  ILE A CD1 1 
ATOM   920  N  N   . ARG A 1 126 ? -0.194  -2.775  6.124   1.00 7.12  ? 126  ARG A N   1 
ATOM   921  C  CA  . ARG A 1 126 ? -0.716  -3.676  7.136   1.00 7.57  ? 126  ARG A CA  1 
ATOM   922  C  C   . ARG A 1 126 ? -2.240  -3.585  7.093   1.00 7.51  ? 126  ARG A C   1 
ATOM   923  O  O   . ARG A 1 126 ? -2.816  -2.491  7.028   1.00 7.66  ? 126  ARG A O   1 
ATOM   924  C  CB  . ARG A 1 126 ? -0.162  -3.350  8.485   1.00 7.73  ? 126  ARG A CB  1 
ATOM   925  C  CG  . ARG A 1 126 ? -0.660  -4.252  9.651   1.00 12.68 ? 126  ARG A CG  1 
ATOM   926  C  CD  . ARG A 1 126 ? 0.045   -3.934  10.945  1.00 16.37 ? 126  ARG A CD  1 
ATOM   927  N  NE  . ARG A 1 126 ? 1.491   -3.996  10.795  1.00 22.09 ? 126  ARG A NE  1 
ATOM   928  C  CZ  . ARG A 1 126 ? 2.386   -3.080  11.214  1.00 26.12 ? 126  ARG A CZ  1 
ATOM   929  N  NH1 . ARG A 1 126 ? 2.028   -1.963  11.847  1.00 25.85 ? 126  ARG A NH1 1 
ATOM   930  N  NH2 . ARG A 1 126 ? 3.680   -3.319  11.005  1.00 28.15 ? 126  ARG A NH2 1 
ATOM   931  N  N   . ILE A 1 127 ? -2.870  -4.743  7.116   1.00 6.82  ? 127  ILE A N   1 
ATOM   932  C  CA  . ILE A 1 127 ? -4.338  -4.869  7.061   1.00 6.99  ? 127  ILE A CA  1 
ATOM   933  C  C   . ILE A 1 127 ? -4.785  -5.334  8.423   1.00 6.67  ? 127  ILE A C   1 
ATOM   934  O  O   . ILE A 1 127 ? -4.349  -6.415  8.830   1.00 7.46  ? 127  ILE A O   1 
ATOM   935  C  CB  . ILE A 1 127 ? -4.778  -5.901  6.001   1.00 7.66  ? 127  ILE A CB  1 
ATOM   936  C  CG1 . ILE A 1 127 ? -4.272  -5.476  4.615   1.00 7.57  ? 127  ILE A CG1 1 
ATOM   937  C  CG2 . ILE A 1 127 ? -6.352  -6.082  6.033   1.00 8.22  ? 127  ILE A CG2 1 
ATOM   938  C  CD1 . ILE A 1 127 ? -4.307  -6.540  3.566   1.00 10.51 ? 127  ILE A CD1 1 
ATOM   939  N  N   . ASN A 1 128 ? -5.640  -4.554  9.089   1.00 6.90  ? 128  ASN A N   1 
ATOM   940  C  CA  . ASN A 1 128 ? -6.194  -4.845  10.414  1.00 8.34  ? 128  ASN A CA  1 
ATOM   941  C  C   . ASN A 1 128 ? -7.714  -5.007  10.441  1.00 11.05 ? 128  ASN A C   1 
ATOM   942  O  O   . ASN A 1 128 ? -8.423  -4.194  9.843   1.00 9.79  ? 128  ASN A O   1 
ATOM   943  C  CB  . ASN A 1 128 ? -5.864  -3.703  11.405  1.00 8.36  ? 128  ASN A CB  1 
ATOM   944  C  CG  . ASN A 1 128 ? -4.393  -3.356  11.434  1.00 9.55  ? 128  ASN A CG  1 
ATOM   945  O  OD1 . ASN A 1 128 ? -3.615  -3.966  12.200  1.00 10.55 ? 128  ASN A OD1 1 
ATOM   946  N  ND2 . ASN A 1 128 ? -3.965  -2.441  10.527  1.00 8.67  ? 128  ASN A ND2 1 
ATOM   947  N  N   . LYS A 1 129 ? -8.208  -6.020  11.158  1.00 12.76 ? 129  LYS A N   1 
ATOM   948  C  CA  . LYS A 1 129 ? -9.642  -6.150  11.412  1.00 16.55 ? 129  LYS A CA  1 
ATOM   949  C  C   . LYS A 1 129 ? -10.053 -5.208  12.524  1.00 17.97 ? 129  LYS A C   1 
ATOM   950  O  O   . LYS A 1 129 ? -9.467  -5.259  13.563  1.00 18.19 ? 129  LYS A O   1 
ATOM   951  C  CB  . LYS A 1 129 ? -9.980  -7.563  11.848  1.00 18.85 ? 129  LYS A CB  1 
ATOM   952  C  CG  . LYS A 1 129 ? -11.409 -7.928  11.524  1.00 24.12 ? 129  LYS A CG  1 
ATOM   953  C  CD  . LYS A 1 129 ? -11.976 -8.948  12.448  1.00 29.06 ? 129  LYS A CD  1 
ATOM   954  C  CE  . LYS A 1 129 ? -12.858 -9.851  11.670  1.00 32.39 ? 129  LYS A CE  1 
ATOM   955  N  NZ  . LYS A 1 129 ? -13.653 -10.778 12.506  1.00 34.23 ? 129  LYS A NZ  1 
ATOM   956  N  N   . THR A 1 130 ? -11.025 -4.336  12.308  1.00 19.03 ? 130  THR A N   1 
ATOM   957  C  CA  . THR A 1 130 ? -11.473 -3.428  13.386  1.00 21.78 ? 130  THR A CA  1 
ATOM   958  C  C   . THR A 1 130 ? -13.011 -3.451  13.516  1.00 23.47 ? 130  THR A C   1 
ATOM   959  O  O   . THR A 1 130 ? -13.629 -2.393  13.569  1.00 24.86 ? 130  THR A O   1 
ATOM   960  C  CB  . THR A 1 130 ? -11.049 -1.993  13.042  1.00 21.64 ? 130  THR A CB  1 
ATOM   961  O  OG1 . THR A 1 130 ? -11.600 -1.613  11.759  1.00 22.15 ? 130  THR A OG1 1 
ATOM   962  C  CG2 . THR A 1 130 ? -9.517  -1.897  12.876  1.00 22.18 ? 130  THR A CG2 1 
ATOM   963  N  N   . HIS A 1 131 ? -13.605 -4.647  13.431  1.00 25.24 ? 131  HIS A N   1 
ATOM   964  C  CA  . HIS A 1 131 ? -15.026 -4.879  13.752  1.00 25.24 ? 131  HIS A CA  1 
ATOM   965  C  C   . HIS A 1 131 ? -15.184 -6.301  14.379  1.00 26.24 ? 131  HIS A C   1 
ATOM   966  O  O   . HIS A 1 131 ? -14.193 -7.071  14.530  1.00 23.26 ? 131  HIS A O   1 
ATOM   967  C  CB  . HIS A 1 131 ? -15.875 -4.775  12.464  1.00 25.56 ? 131  HIS A CB  1 
ATOM   968  C  CG  . HIS A 1 131 ? -15.667 -5.924  11.528  1.00 25.30 ? 131  HIS A CG  1 
ATOM   969  N  ND1 . HIS A 1 131 ? -14.530 -6.048  10.744  1.00 23.70 ? 131  HIS A ND1 1 
ATOM   970  C  CD2 . HIS A 1 131 ? -16.403 -7.049  11.307  1.00 24.68 ? 131  HIS A CD2 1 
ATOM   971  C  CE1 . HIS A 1 131 ? -14.584 -7.191  10.078  1.00 25.76 ? 131  HIS A CE1 1 
ATOM   972  N  NE2 . HIS A 1 131 ? -15.723 -7.804  10.375  1.00 24.33 ? 131  HIS A NE2 1 
ATOM   973  O  OXT . HIS A 1 131 ? -16.346 -6.680  14.688  1.00 26.09 ? 131  HIS A OXT 1 
HETATM 974  C  C2  . BGC B 2 .   ? -1.791  -8.704  -12.141 1.00 12.90 ? 1    BGC B C2  1 
HETATM 975  C  C3  . BGC B 2 .   ? -2.880  -7.613  -12.139 1.00 9.99  ? 1    BGC B C3  1 
HETATM 976  C  C4  . BGC B 2 .   ? -2.681  -6.707  -13.358 1.00 11.07 ? 1    BGC B C4  1 
HETATM 977  C  C5  . BGC B 2 .   ? -2.523  -7.467  -14.680 1.00 13.45 ? 1    BGC B C5  1 
HETATM 978  C  C6  . BGC B 2 .   ? -2.152  -6.508  -15.865 1.00 13.23 ? 1    BGC B C6  1 
HETATM 979  C  C1  . BGC B 2 .   ? -1.806  -9.440  -13.469 1.00 10.19 ? 1    BGC B C1  1 
HETATM 980  O  O1  . BGC B 2 .   ? -0.708  -10.302 -13.451 1.00 13.57 ? 1    BGC B O1  1 
HETATM 981  O  O2  . BGC B 2 .   ? -1.975  -9.573  -11.061 1.00 9.77  ? 1    BGC B O2  1 
HETATM 982  O  O3  . BGC B 2 .   ? -2.836  -6.871  -10.913 1.00 7.53  ? 1    BGC B O3  1 
HETATM 983  O  O4  . BGC B 2 .   ? -3.751  -5.800  -13.528 1.00 10.81 ? 1    BGC B O4  1 
HETATM 984  O  O5  . BGC B 2 .   ? -1.586  -8.526  -14.562 1.00 10.76 ? 1    BGC B O5  1 
HETATM 985  O  O6  . BGC B 2 .   ? -2.400  -7.165  -17.102 1.00 13.59 ? 1    BGC B O6  1 
HETATM 986  C  C2  . BGC B 2 .   ? -4.396  -3.518  -13.807 1.00 10.61 ? 2    BGC B C2  1 
HETATM 987  C  C3  . BGC B 2 .   ? -4.314  -2.082  -13.247 1.00 10.13 ? 2    BGC B C3  1 
HETATM 988  C  C4  . BGC B 2 .   ? -4.429  -2.081  -11.722 1.00 9.82  ? 2    BGC B C4  1 
HETATM 989  C  C5  . BGC B 2 .   ? -3.425  -3.071  -11.158 1.00 8.89  ? 2    BGC B C5  1 
HETATM 990  C  C6  . BGC B 2 .   ? -3.467  -3.190  -9.631  1.00 10.79 ? 2    BGC B C6  1 
HETATM 991  C  C1  . BGC B 2 .   ? -3.465  -4.478  -13.075 1.00 8.08  ? 2    BGC B C1  1 
HETATM 992  O  O2  . BGC B 2 .   ? -4.131  -3.537  -15.217 1.00 11.72 ? 2    BGC B O2  1 
HETATM 993  O  O3  . BGC B 2 .   ? -5.404  -1.306  -13.779 1.00 13.42 ? 2    BGC B O3  1 
HETATM 994  O  O4  . BGC B 2 .   ? -4.354  -0.750  -11.201 1.00 10.14 ? 2    BGC B O4  1 
HETATM 995  O  O5  . BGC B 2 .   ? -3.670  -4.364  -11.698 1.00 9.83  ? 2    BGC B O5  1 
HETATM 996  O  O6  . BGC B 2 .   ? -4.745  -3.596  -9.196  1.00 8.64  ? 2    BGC B O6  1 
HETATM 997  C  C2  . BGC B 2 .   ? -6.336  -0.094  -15.621 1.00 15.28 ? 3    BGC B C2  1 
HETATM 998  C  C3  . BGC B 2 .   ? -6.031  0.736   -16.865 1.00 12.75 ? 3    BGC B C3  1 
HETATM 999  C  C4  . BGC B 2 .   ? -4.975  1.790   -16.577 1.00 11.46 ? 3    BGC B C4  1 
HETATM 1000 C  C5  . BGC B 2 .   ? -3.743  1.127   -15.954 1.00 11.63 ? 3    BGC B C5  1 
HETATM 1001 C  C6  . BGC B 2 .   ? -2.645  2.138   -15.650 1.00 13.70 ? 3    BGC B C6  1 
HETATM 1002 C  C1  . BGC B 2 .   ? -5.034  -0.620  -15.000 1.00 13.75 ? 3    BGC B C1  1 
HETATM 1003 O  O2  . BGC B 2 .   ? -7.157  -1.213  -15.912 1.00 13.30 ? 3    BGC B O2  1 
HETATM 1004 O  O3  . BGC B 2 .   ? -7.253  1.246   -17.393 1.00 14.83 ? 3    BGC B O3  1 
HETATM 1005 O  O4  . BGC B 2 .   ? -4.522  2.452   -17.756 1.00 10.08 ? 3    BGC B O4  1 
HETATM 1006 O  O5  . BGC B 2 .   ? -4.113  0.432   -14.794 1.00 10.95 ? 3    BGC B O5  1 
HETATM 1007 O  O6  . BGC B 2 .   ? -3.117  3.100   -14.740 1.00 11.93 ? 3    BGC B O6  1 
HETATM 1008 C  C2  . BGC B 2 .   ? -4.425  4.329   -19.167 1.00 14.06 ? 4    BGC B C2  1 
HETATM 1009 C  C3  . BGC B 2 .   ? -5.014  5.706   -19.548 1.00 13.59 ? 4    BGC B C3  1 
HETATM 1010 C  C4  . BGC B 2 .   ? -6.520  5.686   -19.308 1.00 14.05 ? 4    BGC B C4  1 
HETATM 1011 C  C5  . BGC B 2 .   ? -6.876  5.125   -17.920 1.00 15.31 ? 4    BGC B C5  1 
HETATM 1012 C  C6  . BGC B 2 .   ? -8.385  5.022   -17.658 1.00 15.39 ? 4    BGC B C6  1 
HETATM 1013 C  C1  . BGC B 2 .   ? -4.938  3.794   -17.832 1.00 12.91 ? 4    BGC B C1  1 
HETATM 1014 O  O2  . BGC B 2 .   ? -3.033  4.289   -19.226 1.00 11.91 ? 4    BGC B O2  1 
HETATM 1015 O  O3  . BGC B 2 .   ? -4.674  5.920   -20.911 1.00 12.56 ? 4    BGC B O3  1 
HETATM 1016 O  O4  . BGC B 2 .   ? -7.132  6.937   -19.481 1.00 15.72 ? 4    BGC B O4  1 
HETATM 1017 O  O5  . BGC B 2 .   ? -6.338  3.851   -17.774 1.00 10.19 ? 4    BGC B O5  1 
HETATM 1018 O  O6  . BGC B 2 .   ? -8.652  4.844   -16.274 1.00 14.72 ? 4    BGC B O6  1 
HETATM 1019 CA CA  . CA  C 3 .   ? 7.603   5.193   -12.095 1.00 13.66 ? 1132 CA  A CA  1 
HETATM 1020 CL CL  . CL  D 4 .   ? 3.406   11.655  -10.985 1.00 32.60 ? 1137 CL  A CL  1 
HETATM 1021 C  C1  . GOL E 5 .   ? -4.073  -16.919 4.734   1.00 20.27 ? 1138 GOL A C1  1 
HETATM 1022 O  O1  . GOL E 5 .   ? -5.428  -17.288 4.716   1.00 16.76 ? 1138 GOL A O1  1 
HETATM 1023 C  C2  . GOL E 5 .   ? -3.733  -15.439 4.644   1.00 21.38 ? 1138 GOL A C2  1 
HETATM 1024 O  O2  . GOL E 5 .   ? -4.791  -14.504 4.538   1.00 16.76 ? 1138 GOL A O2  1 
HETATM 1025 C  C3  . GOL E 5 .   ? -2.631  -15.294 3.635   1.00 23.71 ? 1138 GOL A C3  1 
HETATM 1026 O  O3  . GOL E 5 .   ? -2.179  -13.972 3.525   1.00 24.65 ? 1138 GOL A O3  1 
HETATM 1027 CA CA  . CA  F 3 .   ? 9.722   -3.238  2.769   1.00 8.22  ? 1139 CA  A CA  1 
HETATM 1028 O  O   . HOH G 6 .   ? -10.249 -7.954  16.802  1.00 32.23 ? 2001 HOH A O   1 
HETATM 1029 O  O   . HOH G 6 .   ? -3.577  -6.436  17.084  1.00 28.87 ? 2002 HOH A O   1 
HETATM 1030 O  O   . HOH G 6 .   ? 2.419   -11.138 5.269   1.00 26.90 ? 2003 HOH A O   1 
HETATM 1031 O  O   . HOH G 6 .   ? 11.743  -6.437  5.260   1.00 14.62 ? 2004 HOH A O   1 
HETATM 1032 O  O   . HOH G 6 .   ? 21.172  2.876   1.723   1.00 28.93 ? 2005 HOH A O   1 
HETATM 1033 O  O   . HOH G 6 .   ? 3.913   -14.692 -7.337  1.00 31.15 ? 2006 HOH A O   1 
HETATM 1034 O  O   . HOH G 6 .   ? 9.664   -3.901  7.608   1.00 15.51 ? 2007 HOH A O   1 
HETATM 1035 O  O   . HOH G 6 .   ? 7.414   -7.444  8.623   1.00 18.54 ? 2008 HOH A O   1 
HETATM 1036 O  O   . HOH G 6 .   ? 6.285   -8.545  6.870   1.00 13.07 ? 2009 HOH A O   1 
HETATM 1037 O  O   . HOH G 6 .   ? 2.826   -1.570  -19.468 1.00 33.82 ? 2010 HOH A O   1 
HETATM 1038 O  O   . HOH G 6 .   ? 11.470  3.510   -13.351 1.00 27.47 ? 2011 HOH A O   1 
HETATM 1039 O  O   . HOH G 6 .   ? 11.172  -8.097  3.187   1.00 27.83 ? 2012 HOH A O   1 
HETATM 1040 O  O   . HOH G 6 .   ? 19.370  4.732   0.942   1.00 31.90 ? 2013 HOH A O   1 
HETATM 1041 O  O   . HOH G 6 .   ? 9.089   -10.278 2.929   1.00 21.27 ? 2014 HOH A O   1 
HETATM 1042 O  O   . HOH G 6 .   ? 5.272   -12.916 -3.748  1.00 37.50 ? 2015 HOH A O   1 
HETATM 1043 O  O   . HOH G 6 .   ? 2.298   -10.915 -4.063  1.00 8.91  ? 2016 HOH A O   1 
HETATM 1044 O  O   . HOH G 6 .   ? 11.223  -9.615  0.047   1.00 28.52 ? 2017 HOH A O   1 
HETATM 1045 O  O   . HOH G 6 .   ? 6.899   -8.301  -9.946  1.00 11.28 ? 2018 HOH A O   1 
HETATM 1046 O  O   . HOH G 6 .   ? 8.464   -9.039  -6.018  1.00 17.64 ? 2019 HOH A O   1 
HETATM 1047 O  O   . HOH G 6 .   ? 0.398   -14.058 -9.672  1.00 26.09 ? 2020 HOH A O   1 
HETATM 1048 O  O   . HOH G 6 .   ? 1.041   4.075   -17.491 1.00 29.42 ? 2021 HOH A O   1 
HETATM 1049 O  O   . HOH G 6 .   ? 4.854   2.962   -17.639 1.00 27.00 ? 2022 HOH A O   1 
HETATM 1050 O  O   . HOH G 6 .   ? 7.938   3.522   -16.654 1.00 26.79 ? 2023 HOH A O   1 
HETATM 1051 O  O   . HOH G 6 .   ? 6.256   -7.342  -12.901 1.00 21.76 ? 2024 HOH A O   1 
HETATM 1052 O  O   . HOH G 6 .   ? 4.490   -1.921  -17.766 1.00 39.12 ? 2025 HOH A O   1 
HETATM 1053 O  O   . HOH G 6 .   ? 8.086   -1.411  -15.417 1.00 25.68 ? 2026 HOH A O   1 
HETATM 1054 O  O   . HOH G 6 .   ? 9.886   5.424   -13.142 1.00 22.09 ? 2027 HOH A O   1 
HETATM 1055 O  O   . HOH G 6 .   ? 10.591  -3.551  -9.643  1.00 25.03 ? 2028 HOH A O   1 
HETATM 1056 O  O   . HOH G 6 .   ? 9.156   -2.419  -7.685  1.00 10.04 ? 2029 HOH A O   1 
HETATM 1057 O  O   . HOH G 6 .   ? 15.784  1.822   -7.625  1.00 24.68 ? 2030 HOH A O   1 
HETATM 1058 O  O   . HOH G 6 .   ? 17.561  -2.332  -7.305  1.00 33.22 ? 2031 HOH A O   1 
HETATM 1059 O  O   . HOH G 6 .   ? 18.637  -4.086  1.229   1.00 32.65 ? 2032 HOH A O   1 
HETATM 1060 O  O   . HOH G 6 .   ? 17.680  4.222   -1.011  1.00 22.85 ? 2033 HOH A O   1 
HETATM 1061 O  O   . HOH G 6 .   ? 19.201  0.681   -3.336  1.00 15.36 ? 2034 HOH A O   1 
HETATM 1062 O  O   . HOH G 6 .   ? 16.896  11.378  1.414   1.00 30.45 ? 2035 HOH A O   1 
HETATM 1063 O  O   . HOH G 6 .   ? 18.786  -0.838  5.400   1.00 26.15 ? 2036 HOH A O   1 
HETATM 1064 O  O   . HOH G 6 .   ? 18.115  2.867   9.727   1.00 25.19 ? 2037 HOH A O   1 
HETATM 1065 O  O   . HOH G 6 .   ? 18.586  7.201   4.386   1.00 17.17 ? 2038 HOH A O   1 
HETATM 1066 O  O   . HOH G 6 .   ? 17.887  0.334   9.195   1.00 30.98 ? 2039 HOH A O   1 
HETATM 1067 O  O   . HOH G 6 .   ? 11.703  -1.677  7.229   1.00 10.29 ? 2040 HOH A O   1 
HETATM 1068 O  O   . HOH G 6 .   ? 16.641  -0.874  12.256  1.00 24.30 ? 2041 HOH A O   1 
HETATM 1069 O  O   . HOH G 6 .   ? 14.095  -6.994  6.432   1.00 26.07 ? 2042 HOH A O   1 
HETATM 1070 O  O   . HOH G 6 .   ? 11.540  -4.075  4.148   1.00 7.49  ? 2043 HOH A O   1 
HETATM 1071 O  O   . HOH G 6 .   ? 18.938  -3.342  5.191   1.00 28.59 ? 2044 HOH A O   1 
HETATM 1072 O  O   . HOH G 6 .   ? 17.066  -3.130  -4.483  1.00 25.77 ? 2045 HOH A O   1 
HETATM 1073 O  O   . HOH G 6 .   ? -0.662  17.088  4.546   1.00 17.76 ? 2046 HOH A O   1 
HETATM 1074 O  O   . HOH G 6 .   ? 17.103  4.128   -5.715  1.00 18.24 ? 2047 HOH A O   1 
HETATM 1075 O  O   . HOH G 6 .   ? 8.023   9.877   -7.603  1.00 16.35 ? 2048 HOH A O   1 
HETATM 1076 O  O   . HOH G 6 .   ? 5.849   11.604  -9.727  1.00 24.13 ? 2049 HOH A O   1 
HETATM 1077 O  O   . HOH G 6 .   ? 0.903   2.441   -15.997 1.00 23.82 ? 2050 HOH A O   1 
HETATM 1078 O  O   . HOH G 6 .   ? 3.499   2.441   -15.456 1.00 15.55 ? 2051 HOH A O   1 
HETATM 1079 O  O   . HOH G 6 .   ? 6.567   5.243   -14.355 1.00 10.00 ? 2052 HOH A O   1 
HETATM 1080 O  O   . HOH G 6 .   ? 2.911   5.605   -15.131 1.00 22.40 ? 2053 HOH A O   1 
HETATM 1081 O  O   . HOH G 6 .   ? -0.039  -0.108  -16.916 1.00 27.42 ? 2054 HOH A O   1 
HETATM 1082 O  O   . HOH G 6 .   ? 8.313   14.512  -6.247  1.00 13.83 ? 2055 HOH A O   1 
HETATM 1083 O  O   . HOH G 6 .   ? -3.215  -9.894  -2.226  1.00 9.01  ? 2056 HOH A O   1 
HETATM 1084 O  O   . HOH G 6 .   ? 7.863   0.698   11.771  1.00 26.25 ? 2057 HOH A O   1 
HETATM 1085 O  O   . HOH G 6 .   ? 0.133   -3.413  15.169  1.00 27.21 ? 2058 HOH A O   1 
HETATM 1086 O  O   . HOH G 6 .   ? -0.973  -15.689 0.075   0.50 17.14 ? 2059 HOH A O   1 
HETATM 1087 O  O   . HOH G 6 .   ? -10.249 -19.622 1.324   1.00 28.50 ? 2060 HOH A O   1 
HETATM 1088 O  O   . HOH G 6 .   ? -7.028  -17.969 -0.077  1.00 35.98 ? 2061 HOH A O   1 
HETATM 1089 O  O   . HOH G 6 .   ? -8.368  -14.341 7.605   1.00 22.90 ? 2062 HOH A O   1 
HETATM 1090 O  O   . HOH G 6 .   ? -20.561 -11.433 4.098   1.00 16.16 ? 2063 HOH A O   1 
HETATM 1091 O  O   . HOH G 6 .   ? -19.010 -12.338 7.053   1.00 7.93  ? 2064 HOH A O   1 
HETATM 1092 O  O   . HOH G 6 .   ? 15.985  14.163  -3.892  1.00 32.28 ? 2065 HOH A O   1 
HETATM 1093 O  O   . HOH G 6 .   ? 12.743  16.060  -6.320  1.00 28.43 ? 2066 HOH A O   1 
HETATM 1094 O  O   . HOH G 6 .   ? 15.081  13.470  0.445   1.00 17.21 ? 2067 HOH A O   1 
HETATM 1095 O  O   . HOH G 6 .   ? 7.487   20.418  -1.055  1.00 32.31 ? 2068 HOH A O   1 
HETATM 1096 O  O   . HOH G 6 .   ? 3.723   18.685  -3.845  1.00 31.81 ? 2069 HOH A O   1 
HETATM 1097 O  O   . HOH G 6 .   ? 0.635   15.629  0.063   1.00 19.12 ? 2070 HOH A O   1 
HETATM 1098 O  O   . HOH G 6 .   ? -1.880  14.440  -2.340  1.00 22.59 ? 2071 HOH A O   1 
HETATM 1099 O  O   . HOH G 6 .   ? -5.815  11.384  -2.569  1.00 24.62 ? 2072 HOH A O   1 
HETATM 1100 O  O   . HOH G 6 .   ? -8.139  5.672   -8.105  1.00 27.69 ? 2073 HOH A O   1 
HETATM 1101 O  O   . HOH G 6 .   ? -9.999  -10.970 -6.312  1.00 17.52 ? 2074 HOH A O   1 
HETATM 1102 O  O   . HOH G 6 .   ? -8.606  -9.852  -8.666  1.00 22.55 ? 2075 HOH A O   1 
HETATM 1103 O  O   . HOH G 6 .   ? -7.655  -5.314  -15.519 1.00 28.95 ? 2076 HOH A O   1 
HETATM 1104 O  O   . HOH G 6 .   ? -10.062 -6.612  -10.646 1.00 16.46 ? 2077 HOH A O   1 
HETATM 1105 O  O   . HOH G 6 .   ? -15.963 -1.359  -2.868  1.00 28.32 ? 2078 HOH A O   1 
HETATM 1106 O  O   . HOH G 6 .   ? -15.467 -0.029  -7.491  1.00 21.94 ? 2079 HOH A O   1 
HETATM 1107 O  O   . HOH G 6 .   ? -14.297 0.642   1.106   1.00 17.64 ? 2080 HOH A O   1 
HETATM 1108 O  O   . HOH G 6 .   ? -11.832 5.260   -3.729  1.00 29.24 ? 2081 HOH A O   1 
HETATM 1109 O  O   . HOH G 6 .   ? -11.884 6.374   0.202   1.00 18.56 ? 2082 HOH A O   1 
HETATM 1110 O  O   . HOH G 6 .   ? -6.609  11.340  2.539   1.00 15.22 ? 2083 HOH A O   1 
HETATM 1111 O  O   . HOH G 6 .   ? 3.217   12.402  -1.256  1.00 15.25 ? 2084 HOH A O   1 
HETATM 1112 O  O   . HOH G 6 .   ? 1.903   17.396  3.603   1.00 12.30 ? 2085 HOH A O   1 
HETATM 1113 O  O   . HOH G 6 .   ? 13.796  18.181  4.395   1.00 20.17 ? 2086 HOH A O   1 
HETATM 1114 O  O   . HOH G 6 .   ? 15.505  6.450   7.423   1.00 28.40 ? 2087 HOH A O   1 
HETATM 1115 O  O   . HOH G 6 .   ? 15.394  11.029  4.234   1.00 3.81  ? 2088 HOH A O   1 
HETATM 1116 O  O   . HOH G 6 .   ? 12.128  7.908   9.525   1.00 13.13 ? 2089 HOH A O   1 
HETATM 1117 O  O   . HOH G 6 .   ? 1.754   9.325   10.418  1.00 25.49 ? 2090 HOH A O   1 
HETATM 1118 O  O   . HOH G 6 .   ? 4.439   6.388   12.389  1.00 11.88 ? 2091 HOH A O   1 
HETATM 1119 O  O   . HOH G 6 .   ? 2.128   7.342   12.423  1.00 16.04 ? 2092 HOH A O   1 
HETATM 1120 O  O   . HOH G 6 .   ? 3.796   2.241   12.837  1.00 16.70 ? 2093 HOH A O   1 
HETATM 1121 O  O   . HOH G 6 .   ? -7.187  8.805   6.798   1.00 24.35 ? 2094 HOH A O   1 
HETATM 1122 O  O   . HOH G 6 .   ? -5.744  7.870   11.923  1.00 28.20 ? 2095 HOH A O   1 
HETATM 1123 O  O   . HOH G 6 .   ? -5.612  5.517   15.340  1.00 28.13 ? 2096 HOH A O   1 
HETATM 1124 O  O   . HOH G 6 .   ? -10.948 6.476   7.192   1.00 18.01 ? 2097 HOH A O   1 
HETATM 1125 O  O   . HOH G 6 .   ? -14.623 -2.282  -0.959  1.00 19.72 ? 2098 HOH A O   1 
HETATM 1126 O  O   . HOH G 6 .   ? -14.759 -6.078  -1.230  1.00 3.45  ? 2099 HOH A O   1 
HETATM 1127 O  O   . HOH G 6 .   ? -18.395 -11.703 0.898   1.00 25.26 ? 2100 HOH A O   1 
HETATM 1128 O  O   . HOH G 6 .   ? -13.315 -11.849 -3.050  1.00 29.55 ? 2101 HOH A O   1 
HETATM 1129 O  O   . HOH G 6 .   ? -13.614 -16.337 -1.421  1.00 18.96 ? 2102 HOH A O   1 
HETATM 1130 O  O   . HOH G 6 .   ? -6.859  1.882   -10.404 1.00 14.64 ? 2103 HOH A O   1 
HETATM 1131 O  O   . HOH G 6 .   ? -5.399  6.687   -10.952 1.00 17.00 ? 2104 HOH A O   1 
HETATM 1132 O  O   . HOH G 6 .   ? -4.688  9.329   -11.651 1.00 14.84 ? 2105 HOH A O   1 
HETATM 1133 O  O   . HOH G 6 .   ? -3.111  8.902   -13.071 1.00 23.56 ? 2106 HOH A O   1 
HETATM 1134 O  O   . HOH G 6 .   ? 3.568   14.580  -6.015  1.00 27.62 ? 2107 HOH A O   1 
HETATM 1135 O  O   . HOH G 6 .   ? 1.776   13.308  -10.032 1.00 25.15 ? 2108 HOH A O   1 
HETATM 1136 O  O   . HOH G 6 .   ? 6.025   13.766  -8.076  1.00 31.39 ? 2109 HOH A O   1 
HETATM 1137 O  O   . HOH G 6 .   ? 7.803   13.934  -3.373  1.00 16.89 ? 2110 HOH A O   1 
HETATM 1138 O  O   . HOH G 6 .   ? 9.123   -0.219  9.271   1.00 11.10 ? 2111 HOH A O   1 
HETATM 1139 O  O   . HOH G 6 .   ? 6.417   -5.484  10.188  1.00 28.98 ? 2112 HOH A O   1 
HETATM 1140 O  O   . HOH G 6 .   ? -1.881  -2.482  14.065  1.00 33.36 ? 2113 HOH A O   1 
HETATM 1141 O  O   . HOH G 6 .   ? -11.595 -13.289 12.643  1.00 25.74 ? 2114 HOH A O   1 
HETATM 1142 O  O   . HOH G 6 .   ? -11.178 1.257   11.394  1.00 21.90 ? 2115 HOH A O   1 
HETATM 1143 O  O   . HOH G 6 .   ? -12.147 -3.526  16.736  1.00 35.09 ? 2116 HOH A O   1 
HETATM 1144 O  O   . HOH G 6 .   ? -11.722 3.791   -17.317 1.00 23.93 ? 2117 HOH A O   1 
HETATM 1145 O  O   . HOH G 6 .   ? -6.955  3.466   -14.080 1.00 11.07 ? 2118 HOH A O   1 
HETATM 1146 O  O   . HOH G 6 .   ? -9.965  6.825   -14.539 1.00 25.89 ? 2119 HOH A O   1 
HETATM 1147 O  O   . HOH G 6 .   ? -2.166  4.716   -22.109 1.00 9.51  ? 2120 HOH A O   1 
HETATM 1148 O  O   . HOH G 6 .   ? -9.557  8.023   -19.364 1.00 14.73 ? 2121 HOH A O   1 
HETATM 1149 O  O   . HOH G 6 .   ? -8.434  -0.790  -18.892 1.00 21.98 ? 2122 HOH A O   1 
HETATM 1150 O  O   . HOH G 6 .   ? -9.120  -1.560  -14.126 1.00 20.64 ? 2123 HOH A O   1 
HETATM 1151 O  O   . HOH G 6 .   ? -2.008  -2.379  -16.994 1.00 21.95 ? 2124 HOH A O   1 
HETATM 1152 O  O   . HOH G 6 .   ? -5.841  -5.207  -16.834 1.00 31.77 ? 2125 HOH A O   1 
HETATM 1153 O  O   . HOH G 6 .   ? -4.987  -10.939 -11.248 1.00 26.30 ? 2126 HOH A O   1 
HETATM 1154 O  O   . HOH G 6 .   ? -4.298  -6.371  -19.059 1.00 9.98  ? 2127 HOH A O   1 
HETATM 1155 O  O   . HOH G 6 .   ? -6.914  -16.858 6.823   1.00 9.20  ? 2128 HOH A O   1 
# 
loop_
_pdbx_poly_seq_scheme.asym_id 
_pdbx_poly_seq_scheme.entity_id 
_pdbx_poly_seq_scheme.seq_id 
_pdbx_poly_seq_scheme.mon_id 
_pdbx_poly_seq_scheme.ndb_seq_num 
_pdbx_poly_seq_scheme.pdb_seq_num 
_pdbx_poly_seq_scheme.auth_seq_num 
_pdbx_poly_seq_scheme.pdb_mon_id 
_pdbx_poly_seq_scheme.auth_mon_id 
_pdbx_poly_seq_scheme.pdb_strand_id 
_pdbx_poly_seq_scheme.pdb_ins_code 
_pdbx_poly_seq_scheme.hetero 
A 1 1   MET 1   1   1   MET MET A . n 
A 1 2   VAL 2   2   2   VAL VAL A . n 
A 1 3   ILE 3   3   3   ILE ILE A . n 
A 1 4   ALA 4   4   4   ALA ALA A . n 
A 1 5   THR 5   5   5   THR THR A . n 
A 1 6   ILE 6   6   6   ILE ILE A . n 
A 1 7   GLN 7   7   7   GLN GLN A . n 
A 1 8   ALA 8   8   8   ALA ALA A . n 
A 1 9   GLU 9   9   9   GLU GLU A . n 
A 1 10  ASP 10  10  10  ASP ASP A . n 
A 1 11  HIS 11  11  11  HIS HIS A . n 
A 1 12  SER 12  12  12  SER SER A . n 
A 1 13  GLN 13  13  13  GLN GLN A . n 
A 1 14  GLN 14  14  14  GLN GLN A . n 
A 1 15  SER 15  15  15  SER SER A . n 
A 1 16  GLY 16  16  16  GLY GLY A . n 
A 1 17  THR 17  17  17  THR THR A . n 
A 1 18  GLN 18  18  18  GLN GLN A . n 
A 1 19  GLN 19  19  19  GLN GLN A . n 
A 1 20  GLU 20  20  20  GLU GLU A . n 
A 1 21  THR 21  21  21  THR THR A . n 
A 1 22  THR 22  22  22  THR THR A . n 
A 1 23  THR 23  23  23  THR THR A . n 
A 1 24  ASP 24  24  24  ASP ASP A . n 
A 1 25  THR 25  25  25  THR THR A . n 
A 1 26  GLY 26  26  26  GLY GLY A . n 
A 1 27  GLY 27  27  27  GLY GLY A . n 
A 1 28  GLY 28  28  28  GLY GLY A . n 
A 1 29  LYS 29  29  29  LYS LYS A . n 
A 1 30  ASN 30  30  30  ASN ASN A . n 
A 1 31  VAL 31  31  31  VAL VAL A . n 
A 1 32  GLY 32  32  32  GLY GLY A . n 
A 1 33  TYR 33  33  33  TYR TYR A . n 
A 1 34  ILE 34  34  34  ILE ILE A . n 
A 1 35  ASP 35  35  35  ASP ASP A . n 
A 1 36  ALA 36  36  36  ALA ALA A . n 
A 1 37  GLY 37  37  37  GLY GLY A . n 
A 1 38  ASP 38  38  38  ASP ASP A . n 
A 1 39  TRP 39  39  39  TRP TRP A . n 
A 1 40  LEU 40  40  40  LEU LEU A . n 
A 1 41  SER 41  41  41  SER SER A . n 
A 1 42  TYR 42  42  42  TYR TYR A . n 
A 1 43  ALA 43  43  43  ALA ALA A . n 
A 1 44  GLY 44  44  44  GLY GLY A . n 
A 1 45  THR 45  45  45  THR THR A . n 
A 1 46  PRO 46  46  46  PRO PRO A . n 
A 1 47  VAL 47  47  47  VAL VAL A . n 
A 1 48  ASN 48  48  48  ASN ASN A . n 
A 1 49  ILE 49  49  49  ILE ILE A . n 
A 1 50  PRO 50  50  50  PRO PRO A . n 
A 1 51  SER 51  51  51  SER SER A . n 
A 1 52  SER 52  52  52  SER SER A . n 
A 1 53  GLY 53  53  53  GLY GLY A . n 
A 1 54  SER 54  54  54  SER SER A . n 
A 1 55  TYR 55  55  55  TYR TYR A . n 
A 1 56  LEU 56  56  56  LEU LEU A . n 
A 1 57  ILE 57  57  57  ILE ILE A . n 
A 1 58  GLU 58  58  58  GLU GLU A . n 
A 1 59  TYR 59  59  59  TYR TYR A . n 
A 1 60  ARG 60  60  60  ARG ARG A . n 
A 1 61  VAL 61  61  61  VAL VAL A . n 
A 1 62  ALA 62  62  62  ALA ALA A . n 
A 1 63  SER 63  63  63  SER SER A . n 
A 1 64  GLN 64  64  64  GLN GLN A . n 
A 1 65  ASN 65  65  65  ASN ASN A . n 
A 1 66  GLY 66  66  66  GLY GLY A . n 
A 1 67  GLY 67  67  67  GLY GLY A . n 
A 1 68  GLY 68  68  68  GLY GLY A . n 
A 1 69  SER 69  69  69  SER SER A . n 
A 1 70  LEU 70  70  70  LEU LEU A . n 
A 1 71  THR 71  71  71  THR THR A . n 
A 1 72  PHE 72  72  72  PHE PHE A . n 
A 1 73  GLU 73  73  73  GLU GLU A . n 
A 1 74  GLU 74  74  74  GLU GLU A . n 
A 1 75  ALA 75  75  75  ALA ALA A . n 
A 1 76  GLY 76  76  76  GLY GLY A . n 
A 1 77  GLY 77  77  77  GLY GLY A . n 
A 1 78  ALA 78  78  78  ALA ALA A . n 
A 1 79  PRO 79  79  79  PRO PRO A . n 
A 1 80  VAL 80  80  80  VAL VAL A . n 
A 1 81  HIS 81  81  81  HIS HIS A . n 
A 1 82  GLY 82  82  82  GLY GLY A . n 
A 1 83  THR 83  83  83  THR THR A . n 
A 1 84  ILE 84  84  84  ILE ILE A . n 
A 1 85  ALA 85  85  85  ALA ALA A . n 
A 1 86  ILE 86  86  86  ILE ILE A . n 
A 1 87  PRO 87  87  87  PRO PRO A . n 
A 1 88  ALA 88  88  88  ALA ALA A . n 
A 1 89  THR 89  89  89  THR THR A . n 
A 1 90  GLY 90  90  90  GLY GLY A . n 
A 1 91  GLY 91  91  91  GLY GLY A . n 
A 1 92  TRP 92  92  92  TRP TRP A . n 
A 1 93  GLN 93  93  93  GLN GLN A . n 
A 1 94  THR 94  94  94  THR THR A . n 
A 1 95  TRP 95  95  95  TRP TRP A . n 
A 1 96  THR 96  96  96  THR THR A . n 
A 1 97  THR 97  97  97  THR THR A . n 
A 1 98  ILE 98  98  98  ILE ILE A . n 
A 1 99  GLN 99  99  99  GLN GLN A . n 
A 1 100 HIS 100 100 100 HIS HIS A . n 
A 1 101 THR 101 101 101 THR THR A . n 
A 1 102 VAL 102 102 102 VAL VAL A . n 
A 1 103 ASN 103 103 103 ASN ASN A . n 
A 1 104 LEU 104 104 104 LEU LEU A . n 
A 1 105 SER 105 105 105 SER SER A . n 
A 1 106 ALA 106 106 106 ALA ALA A . n 
A 1 107 GLY 107 107 107 GLY GLY A . n 
A 1 108 SER 108 108 108 SER SER A . n 
A 1 109 HIS 109 109 109 HIS HIS A . n 
A 1 110 GLN 110 110 110 GLN GLN A . n 
A 1 111 PHE 111 111 111 PHE PHE A . n 
A 1 112 GLY 112 112 112 GLY GLY A . n 
A 1 113 ILE 113 113 113 ILE ILE A . n 
A 1 114 LYS 114 114 114 LYS LYS A . n 
A 1 115 ALA 115 115 115 ALA ALA A . n 
A 1 116 ASN 116 116 116 ASN ASN A . n 
A 1 117 ALA 117 117 117 ALA ALA A . n 
A 1 118 GLY 118 118 118 GLY GLY A . n 
A 1 119 GLY 119 119 119 GLY GLY A . n 
A 1 120 TRP 120 120 120 TRP TRP A . n 
A 1 121 ASN 121 121 121 ASN ASN A . n 
A 1 122 LEU 122 122 122 LEU LEU A . n 
A 1 123 ASN 123 123 123 ASN ASN A . n 
A 1 124 TRP 124 124 124 TRP TRP A . n 
A 1 125 ILE 125 125 125 ILE ILE A . n 
A 1 126 ARG 126 126 126 ARG ARG A . n 
A 1 127 ILE 127 127 127 ILE ILE A . n 
A 1 128 ASN 128 128 128 ASN ASN A . n 
A 1 129 LYS 129 129 129 LYS LYS A . n 
A 1 130 THR 130 130 130 THR THR A . n 
A 1 131 HIS 131 131 131 HIS HIS A . n 
# 
loop_
_pdbx_nonpoly_scheme.asym_id 
_pdbx_nonpoly_scheme.entity_id 
_pdbx_nonpoly_scheme.mon_id 
_pdbx_nonpoly_scheme.ndb_seq_num 
_pdbx_nonpoly_scheme.pdb_seq_num 
_pdbx_nonpoly_scheme.auth_seq_num 
_pdbx_nonpoly_scheme.pdb_mon_id 
_pdbx_nonpoly_scheme.auth_mon_id 
_pdbx_nonpoly_scheme.pdb_strand_id 
_pdbx_nonpoly_scheme.pdb_ins_code 
C 3 CA  1   1132 1132 CA  CA  A . 
D 4 CL  1   1137 1137 CL  CL  A . 
E 5 GOL 1   1138 1138 GOL GOL A . 
F 3 CA  1   1139 1139 CA  CA  A . 
G 6 HOH 1   2001 2001 HOH HOH A . 
G 6 HOH 2   2002 2002 HOH HOH A . 
G 6 HOH 3   2003 2003 HOH HOH A . 
G 6 HOH 4   2004 2004 HOH HOH A . 
G 6 HOH 5   2005 2005 HOH HOH A . 
G 6 HOH 6   2006 2006 HOH HOH A . 
G 6 HOH 7   2007 2007 HOH HOH A . 
G 6 HOH 8   2008 2008 HOH HOH A . 
G 6 HOH 9   2009 2009 HOH HOH A . 
G 6 HOH 10  2010 2010 HOH HOH A . 
G 6 HOH 11  2011 2011 HOH HOH A . 
G 6 HOH 12  2012 2012 HOH HOH A . 
G 6 HOH 13  2013 2013 HOH HOH A . 
G 6 HOH 14  2014 2014 HOH HOH A . 
G 6 HOH 15  2015 2015 HOH HOH A . 
G 6 HOH 16  2016 2016 HOH HOH A . 
G 6 HOH 17  2017 2017 HOH HOH A . 
G 6 HOH 18  2018 2018 HOH HOH A . 
G 6 HOH 19  2019 2019 HOH HOH A . 
G 6 HOH 20  2020 2020 HOH HOH A . 
G 6 HOH 21  2021 2021 HOH HOH A . 
G 6 HOH 22  2022 2022 HOH HOH A . 
G 6 HOH 23  2023 2023 HOH HOH A . 
G 6 HOH 24  2024 2024 HOH HOH A . 
G 6 HOH 25  2025 2025 HOH HOH A . 
G 6 HOH 26  2026 2026 HOH HOH A . 
G 6 HOH 27  2027 2027 HOH HOH A . 
G 6 HOH 28  2028 2028 HOH HOH A . 
G 6 HOH 29  2029 2029 HOH HOH A . 
G 6 HOH 30  2030 2030 HOH HOH A . 
G 6 HOH 31  2031 2031 HOH HOH A . 
G 6 HOH 32  2032 2032 HOH HOH A . 
G 6 HOH 33  2033 2033 HOH HOH A . 
G 6 HOH 34  2034 2034 HOH HOH A . 
G 6 HOH 35  2035 2035 HOH HOH A . 
G 6 HOH 36  2036 2036 HOH HOH A . 
G 6 HOH 37  2037 2037 HOH HOH A . 
G 6 HOH 38  2038 2038 HOH HOH A . 
G 6 HOH 39  2039 2039 HOH HOH A . 
G 6 HOH 40  2040 2040 HOH HOH A . 
G 6 HOH 41  2041 2041 HOH HOH A . 
G 6 HOH 42  2042 2042 HOH HOH A . 
G 6 HOH 43  2043 2043 HOH HOH A . 
G 6 HOH 44  2044 2044 HOH HOH A . 
G 6 HOH 45  2045 2045 HOH HOH A . 
G 6 HOH 46  2046 2046 HOH HOH A . 
G 6 HOH 47  2047 2047 HOH HOH A . 
G 6 HOH 48  2048 2048 HOH HOH A . 
G 6 HOH 49  2049 2049 HOH HOH A . 
G 6 HOH 50  2050 2050 HOH HOH A . 
G 6 HOH 51  2051 2051 HOH HOH A . 
G 6 HOH 52  2052 2052 HOH HOH A . 
G 6 HOH 53  2053 2053 HOH HOH A . 
G 6 HOH 54  2054 2054 HOH HOH A . 
G 6 HOH 55  2055 2055 HOH HOH A . 
G 6 HOH 56  2056 2056 HOH HOH A . 
G 6 HOH 57  2057 2057 HOH HOH A . 
G 6 HOH 58  2058 2058 HOH HOH A . 
G 6 HOH 59  2059 2059 HOH HOH A . 
G 6 HOH 60  2060 2060 HOH HOH A . 
G 6 HOH 61  2061 2061 HOH HOH A . 
G 6 HOH 62  2062 2062 HOH HOH A . 
G 6 HOH 63  2063 2063 HOH HOH A . 
G 6 HOH 64  2064 2064 HOH HOH A . 
G 6 HOH 65  2065 2065 HOH HOH A . 
G 6 HOH 66  2066 2066 HOH HOH A . 
G 6 HOH 67  2067 2067 HOH HOH A . 
G 6 HOH 68  2068 2068 HOH HOH A . 
G 6 HOH 69  2069 2069 HOH HOH A . 
G 6 HOH 70  2070 2070 HOH HOH A . 
G 6 HOH 71  2071 2071 HOH HOH A . 
G 6 HOH 72  2072 2072 HOH HOH A . 
G 6 HOH 73  2073 2073 HOH HOH A . 
G 6 HOH 74  2074 2074 HOH HOH A . 
G 6 HOH 75  2075 2075 HOH HOH A . 
G 6 HOH 76  2076 2076 HOH HOH A . 
G 6 HOH 77  2077 2077 HOH HOH A . 
G 6 HOH 78  2078 2078 HOH HOH A . 
G 6 HOH 79  2079 2079 HOH HOH A . 
G 6 HOH 80  2080 2080 HOH HOH A . 
G 6 HOH 81  2081 2081 HOH HOH A . 
G 6 HOH 82  2082 2082 HOH HOH A . 
G 6 HOH 83  2083 2083 HOH HOH A . 
G 6 HOH 84  2084 2084 HOH HOH A . 
G 6 HOH 85  2085 2085 HOH HOH A . 
G 6 HOH 86  2086 2086 HOH HOH A . 
G 6 HOH 87  2087 2087 HOH HOH A . 
G 6 HOH 88  2088 2088 HOH HOH A . 
G 6 HOH 89  2089 2089 HOH HOH A . 
G 6 HOH 90  2090 2090 HOH HOH A . 
G 6 HOH 91  2091 2091 HOH HOH A . 
G 6 HOH 92  2092 2092 HOH HOH A . 
G 6 HOH 93  2093 2093 HOH HOH A . 
G 6 HOH 94  2094 2094 HOH HOH A . 
G 6 HOH 95  2095 2095 HOH HOH A . 
G 6 HOH 96  2096 2096 HOH HOH A . 
G 6 HOH 97  2097 2097 HOH HOH A . 
G 6 HOH 98  2098 2098 HOH HOH A . 
G 6 HOH 99  2099 2099 HOH HOH A . 
G 6 HOH 100 2100 2100 HOH HOH A . 
G 6 HOH 101 2101 2101 HOH HOH A . 
G 6 HOH 102 2102 2102 HOH HOH A . 
G 6 HOH 103 2103 2103 HOH HOH A . 
G 6 HOH 104 2104 2104 HOH HOH A . 
G 6 HOH 105 2105 2105 HOH HOH A . 
G 6 HOH 106 2106 2106 HOH HOH A . 
G 6 HOH 107 2107 2107 HOH HOH A . 
G 6 HOH 108 2108 2108 HOH HOH A . 
G 6 HOH 109 2109 2109 HOH HOH A . 
G 6 HOH 110 2110 2110 HOH HOH A . 
G 6 HOH 111 2111 2111 HOH HOH A . 
G 6 HOH 112 2112 2112 HOH HOH A . 
G 6 HOH 113 2113 2113 HOH HOH A . 
G 6 HOH 114 2114 2114 HOH HOH A . 
G 6 HOH 115 2115 2115 HOH HOH A . 
G 6 HOH 116 2116 2116 HOH HOH A . 
G 6 HOH 117 2117 2117 HOH HOH A . 
G 6 HOH 118 2118 2118 HOH HOH A . 
G 6 HOH 119 2119 2119 HOH HOH A . 
G 6 HOH 120 2120 2120 HOH HOH A . 
G 6 HOH 121 2121 2121 HOH HOH A . 
G 6 HOH 122 2122 2122 HOH HOH A . 
G 6 HOH 123 2123 2123 HOH HOH A . 
G 6 HOH 124 2124 2124 HOH HOH A . 
G 6 HOH 125 2125 2125 HOH HOH A . 
G 6 HOH 126 2126 2126 HOH HOH A . 
G 6 HOH 127 2127 2127 HOH HOH A . 
G 6 HOH 128 2128 2128 HOH HOH A . 
# 
_pdbx_struct_assembly.id                   1 
_pdbx_struct_assembly.details              author_and_software_defined_assembly 
_pdbx_struct_assembly.method_details       PQS 
_pdbx_struct_assembly.oligomeric_details   monomeric 
_pdbx_struct_assembly.oligomeric_count     1 
# 
_pdbx_struct_assembly_gen.assembly_id       1 
_pdbx_struct_assembly_gen.oper_expression   1 
_pdbx_struct_assembly_gen.asym_id_list      A,B,C,D,E,F,G 
# 
_pdbx_struct_oper_list.id                   1 
_pdbx_struct_oper_list.type                 'identity operation' 
_pdbx_struct_oper_list.name                 1_555 
_pdbx_struct_oper_list.symmetry_operation   x,y,z 
_pdbx_struct_oper_list.matrix[1][1]         1.0000000000 
_pdbx_struct_oper_list.matrix[1][2]         0.0000000000 
_pdbx_struct_oper_list.matrix[1][3]         0.0000000000 
_pdbx_struct_oper_list.vector[1]            0.0000000000 
_pdbx_struct_oper_list.matrix[2][1]         0.0000000000 
_pdbx_struct_oper_list.matrix[2][2]         1.0000000000 
_pdbx_struct_oper_list.matrix[2][3]         0.0000000000 
_pdbx_struct_oper_list.vector[2]            0.0000000000 
_pdbx_struct_oper_list.matrix[3][1]         0.0000000000 
_pdbx_struct_oper_list.matrix[3][2]         0.0000000000 
_pdbx_struct_oper_list.matrix[3][3]         1.0000000000 
_pdbx_struct_oper_list.vector[3]            0.0000000000 
# 
_pdbx_struct_special_symmetry.id              1 
_pdbx_struct_special_symmetry.PDB_model_num   1 
_pdbx_struct_special_symmetry.auth_asym_id    A 
_pdbx_struct_special_symmetry.auth_comp_id    HOH 
_pdbx_struct_special_symmetry.auth_seq_id     2059 
_pdbx_struct_special_symmetry.PDB_ins_code    ? 
_pdbx_struct_special_symmetry.label_asym_id   G 
_pdbx_struct_special_symmetry.label_comp_id   HOH 
_pdbx_struct_special_symmetry.label_seq_id    . 
# 
loop_
_pdbx_struct_conn_angle.id 
_pdbx_struct_conn_angle.ptnr1_label_atom_id 
_pdbx_struct_conn_angle.ptnr1_label_alt_id 
_pdbx_struct_conn_angle.ptnr1_label_asym_id 
_pdbx_struct_conn_angle.ptnr1_label_comp_id 
_pdbx_struct_conn_angle.ptnr1_label_seq_id 
_pdbx_struct_conn_angle.ptnr1_auth_atom_id 
_pdbx_struct_conn_angle.ptnr1_auth_asym_id 
_pdbx_struct_conn_angle.ptnr1_auth_comp_id 
_pdbx_struct_conn_angle.ptnr1_auth_seq_id 
_pdbx_struct_conn_angle.ptnr1_PDB_ins_code 
_pdbx_struct_conn_angle.ptnr1_symmetry 
_pdbx_struct_conn_angle.ptnr2_label_atom_id 
_pdbx_struct_conn_angle.ptnr2_label_alt_id 
_pdbx_struct_conn_angle.ptnr2_label_asym_id 
_pdbx_struct_conn_angle.ptnr2_label_comp_id 
_pdbx_struct_conn_angle.ptnr2_label_seq_id 
_pdbx_struct_conn_angle.ptnr2_auth_atom_id 
_pdbx_struct_conn_angle.ptnr2_auth_asym_id 
_pdbx_struct_conn_angle.ptnr2_auth_comp_id 
_pdbx_struct_conn_angle.ptnr2_auth_seq_id 
_pdbx_struct_conn_angle.ptnr2_PDB_ins_code 
_pdbx_struct_conn_angle.ptnr2_symmetry 
_pdbx_struct_conn_angle.ptnr3_label_atom_id 
_pdbx_struct_conn_angle.ptnr3_label_alt_id 
_pdbx_struct_conn_angle.ptnr3_label_asym_id 
_pdbx_struct_conn_angle.ptnr3_label_comp_id 
_pdbx_struct_conn_angle.ptnr3_label_seq_id 
_pdbx_struct_conn_angle.ptnr3_auth_atom_id 
_pdbx_struct_conn_angle.ptnr3_auth_asym_id 
_pdbx_struct_conn_angle.ptnr3_auth_comp_id 
_pdbx_struct_conn_angle.ptnr3_auth_seq_id 
_pdbx_struct_conn_angle.ptnr3_PDB_ins_code 
_pdbx_struct_conn_angle.ptnr3_symmetry 
_pdbx_struct_conn_angle.value 
_pdbx_struct_conn_angle.value_esd 
1  OE1 ? A GLN 7   ? A GLN 7    ? 1_555 CA ? F CA . ? A CA 1139 ? 1_555 OE2 ? A GLU 9   ? A GLU 9    ? 1_555 87.2  ? 
2  OE1 ? A GLN 7   ? A GLN 7    ? 1_555 CA ? F CA . ? A CA 1139 ? 1_555 OE1 ? A GLU 9   ? A GLU 9    ? 1_555 98.0  ? 
3  OE2 ? A GLU 9   ? A GLU 9    ? 1_555 CA ? F CA . ? A CA 1139 ? 1_555 OE1 ? A GLU 9   ? A GLU 9    ? 1_555 51.6  ? 
4  OE1 ? A GLN 7   ? A GLN 7    ? 1_555 CA ? F CA . ? A CA 1139 ? 1_555 O   ? A LYS 29  ? A LYS 29   ? 1_555 164.1 ? 
5  OE2 ? A GLU 9   ? A GLU 9    ? 1_555 CA ? F CA . ? A CA 1139 ? 1_555 O   ? A LYS 29  ? A LYS 29   ? 1_555 80.6  ? 
6  OE1 ? A GLU 9   ? A GLU 9    ? 1_555 CA ? F CA . ? A CA 1139 ? 1_555 O   ? A LYS 29  ? A LYS 29   ? 1_555 82.4  ? 
7  OE1 ? A GLN 7   ? A GLN 7    ? 1_555 CA ? F CA . ? A CA 1139 ? 1_555 O   ? A ASN 123 ? A ASN 123  ? 1_555 82.8  ? 
8  OE2 ? A GLU 9   ? A GLU 9    ? 1_555 CA ? F CA . ? A CA 1139 ? 1_555 O   ? A ASN 123 ? A ASN 123  ? 1_555 128.0 ? 
9  OE1 ? A GLU 9   ? A GLU 9    ? 1_555 CA ? F CA . ? A CA 1139 ? 1_555 O   ? A ASN 123 ? A ASN 123  ? 1_555 79.5  ? 
10 O   ? A LYS 29  ? A LYS 29   ? 1_555 CA ? F CA . ? A CA 1139 ? 1_555 O   ? A ASN 123 ? A ASN 123  ? 1_555 112.7 ? 
11 OE1 ? A GLN 7   ? A GLN 7    ? 1_555 CA ? F CA . ? A CA 1139 ? 1_555 OD1 ? A ASN 123 ? A ASN 123  ? 1_555 105.0 ? 
12 OE2 ? A GLU 9   ? A GLU 9    ? 1_555 CA ? F CA . ? A CA 1139 ? 1_555 OD1 ? A ASN 123 ? A ASN 123  ? 1_555 155.9 ? 
13 OE1 ? A GLU 9   ? A GLU 9    ? 1_555 CA ? F CA . ? A CA 1139 ? 1_555 OD1 ? A ASN 123 ? A ASN 123  ? 1_555 142.8 ? 
14 O   ? A LYS 29  ? A LYS 29   ? 1_555 CA ? F CA . ? A CA 1139 ? 1_555 OD1 ? A ASN 123 ? A ASN 123  ? 1_555 83.2  ? 
15 O   ? A ASN 123 ? A ASN 123  ? 1_555 CA ? F CA . ? A CA 1139 ? 1_555 OD1 ? A ASN 123 ? A ASN 123  ? 1_555 74.9  ? 
16 OE1 ? A GLN 7   ? A GLN 7    ? 1_555 CA ? F CA . ? A CA 1139 ? 1_555 O   ? G HOH .   ? A HOH 2043 ? 1_555 80.5  ? 
17 OE2 ? A GLU 9   ? A GLU 9    ? 1_555 CA ? F CA . ? A CA 1139 ? 1_555 O   ? G HOH .   ? A HOH 2043 ? 1_555 72.8  ? 
18 OE1 ? A GLU 9   ? A GLU 9    ? 1_555 CA ? F CA . ? A CA 1139 ? 1_555 O   ? G HOH .   ? A HOH 2043 ? 1_555 124.3 ? 
19 O   ? A LYS 29  ? A LYS 29   ? 1_555 CA ? F CA . ? A CA 1139 ? 1_555 O   ? G HOH .   ? A HOH 2043 ? 1_555 86.2  ? 
20 O   ? A ASN 123 ? A ASN 123  ? 1_555 CA ? F CA . ? A CA 1139 ? 1_555 O   ? G HOH .   ? A HOH 2043 ? 1_555 152.5 ? 
21 OD1 ? A ASN 123 ? A ASN 123  ? 1_555 CA ? F CA . ? A CA 1139 ? 1_555 O   ? G HOH .   ? A HOH 2043 ? 1_555 88.5  ? 
22 O   ? A GLY 16  ? A GLY 16   ? 1_555 CA ? C CA . ? A CA 1132 ? 1_555 O   ? A TYR 33  ? A TYR 33   ? 1_555 88.9  ? 
23 O   ? A GLY 16  ? A GLY 16   ? 1_555 CA ? C CA . ? A CA 1132 ? 1_555 OD2 ? A ASP 35  ? A ASP 35   ? 1_555 170.5 ? 
24 O   ? A TYR 33  ? A TYR 33   ? 1_555 CA ? C CA . ? A CA 1132 ? 1_555 OD2 ? A ASP 35  ? A ASP 35   ? 1_555 94.2  ? 
25 O   ? A GLY 16  ? A GLY 16   ? 1_555 CA ? C CA . ? A CA 1132 ? 1_555 OD2 ? A ASP 38  ? A ASP 38   ? 1_555 90.4  ? 
26 O   ? A TYR 33  ? A TYR 33   ? 1_555 CA ? C CA . ? A CA 1132 ? 1_555 OD2 ? A ASP 38  ? A ASP 38   ? 1_555 95.0  ? 
27 OD2 ? A ASP 35  ? A ASP 35   ? 1_555 CA ? C CA . ? A CA 1132 ? 1_555 OD2 ? A ASP 38  ? A ASP 38   ? 1_555 98.3  ? 
28 O   ? A GLY 16  ? A GLY 16   ? 1_555 CA ? C CA . ? A CA 1132 ? 1_555 O   ? G HOH .   ? A HOH 2027 ? 1_555 84.1  ? 
29 O   ? A TYR 33  ? A TYR 33   ? 1_555 CA ? C CA . ? A CA 1132 ? 1_555 O   ? G HOH .   ? A HOH 2027 ? 1_555 96.5  ? 
30 OD2 ? A ASP 35  ? A ASP 35   ? 1_555 CA ? C CA . ? A CA 1132 ? 1_555 O   ? G HOH .   ? A HOH 2027 ? 1_555 86.6  ? 
31 OD2 ? A ASP 38  ? A ASP 38   ? 1_555 CA ? C CA . ? A CA 1132 ? 1_555 O   ? G HOH .   ? A HOH 2027 ? 1_555 167.1 ? 
32 O   ? A GLY 16  ? A GLY 16   ? 1_555 CA ? C CA . ? A CA 1132 ? 1_555 O   ? G HOH .   ? A HOH 2052 ? 1_555 91.3  ? 
33 O   ? A TYR 33  ? A TYR 33   ? 1_555 CA ? C CA . ? A CA 1132 ? 1_555 O   ? G HOH .   ? A HOH 2052 ? 1_555 173.6 ? 
34 OD2 ? A ASP 35  ? A ASP 35   ? 1_555 CA ? C CA . ? A CA 1132 ? 1_555 O   ? G HOH .   ? A HOH 2052 ? 1_555 86.6  ? 
35 OD2 ? A ASP 38  ? A ASP 38   ? 1_555 CA ? C CA . ? A CA 1132 ? 1_555 O   ? G HOH .   ? A HOH 2052 ? 1_555 78.6  ? 
36 O   ? G HOH .   ? A HOH 2027 ? 1_555 CA ? C CA . ? A CA 1132 ? 1_555 O   ? G HOH .   ? A HOH 2052 ? 1_555 89.9  ? 
# 
loop_
_pdbx_audit_revision_history.ordinal 
_pdbx_audit_revision_history.data_content_type 
_pdbx_audit_revision_history.major_revision 
_pdbx_audit_revision_history.minor_revision 
_pdbx_audit_revision_history.revision_date 
1 'Structure model' 1 0 2004-03-11 
2 'Structure model' 1 1 2011-05-07 
3 'Structure model' 1 2 2011-07-13 
4 'Structure model' 2 0 2020-07-29 
5 'Structure model' 2 1 2023-12-13 
# 
loop_
_pdbx_audit_revision_details.ordinal 
_pdbx_audit_revision_details.revision_ordinal 
_pdbx_audit_revision_details.data_content_type 
_pdbx_audit_revision_details.provider 
_pdbx_audit_revision_details.type 
_pdbx_audit_revision_details.description 
_pdbx_audit_revision_details.details 
1 1 'Structure model' repository 'Initial release' ?                          ? 
2 4 'Structure model' repository Remediation       'Carbohydrate remediation' ? 
# 
loop_
_pdbx_audit_revision_group.ordinal 
_pdbx_audit_revision_group.revision_ordinal 
_pdbx_audit_revision_group.data_content_type 
_pdbx_audit_revision_group.group 
1  2 'Structure model' 'Version format compliance' 
2  3 'Structure model' 'Version format compliance' 
3  4 'Structure model' 'Atomic model'              
4  4 'Structure model' 'Data collection'           
5  4 'Structure model' 'Derived calculations'      
6  4 'Structure model' Other                       
7  4 'Structure model' 'Structure summary'         
8  5 'Structure model' 'Data collection'           
9  5 'Structure model' 'Database references'       
10 5 'Structure model' 'Refinement description'    
11 5 'Structure model' 'Structure summary'         
# 
loop_
_pdbx_audit_revision_category.ordinal 
_pdbx_audit_revision_category.revision_ordinal 
_pdbx_audit_revision_category.data_content_type 
_pdbx_audit_revision_category.category 
1  4 'Structure model' atom_site                     
2  4 'Structure model' chem_comp                     
3  4 'Structure model' entity                        
4  4 'Structure model' pdbx_branch_scheme            
5  4 'Structure model' pdbx_chem_comp_identifier     
6  4 'Structure model' pdbx_database_status          
7  4 'Structure model' pdbx_entity_branch            
8  4 'Structure model' pdbx_entity_branch_descriptor 
9  4 'Structure model' pdbx_entity_branch_link       
10 4 'Structure model' pdbx_entity_branch_list       
11 4 'Structure model' pdbx_entity_nonpoly           
12 4 'Structure model' pdbx_nonpoly_scheme           
13 4 'Structure model' pdbx_struct_assembly_gen      
14 4 'Structure model' pdbx_struct_conn_angle        
15 4 'Structure model' pdbx_struct_special_symmetry  
16 4 'Structure model' struct_asym                   
17 4 'Structure model' struct_conn                   
18 4 'Structure model' struct_conn_type              
19 4 'Structure model' struct_site                   
20 4 'Structure model' struct_site_gen               
21 5 'Structure model' chem_comp                     
22 5 'Structure model' chem_comp_atom                
23 5 'Structure model' chem_comp_bond                
24 5 'Structure model' database_2                    
25 5 'Structure model' pdbx_initial_refinement_model 
# 
loop_
_pdbx_audit_revision_item.ordinal 
_pdbx_audit_revision_item.revision_ordinal 
_pdbx_audit_revision_item.data_content_type 
_pdbx_audit_revision_item.item 
1  4 'Structure model' '_atom_site.B_iso_or_equiv'                   
2  4 'Structure model' '_atom_site.Cartn_x'                          
3  4 'Structure model' '_atom_site.Cartn_y'                          
4  4 'Structure model' '_atom_site.Cartn_z'                          
5  4 'Structure model' '_atom_site.auth_asym_id'                     
6  4 'Structure model' '_atom_site.auth_atom_id'                     
7  4 'Structure model' '_atom_site.auth_comp_id'                     
8  4 'Structure model' '_atom_site.auth_seq_id'                      
9  4 'Structure model' '_atom_site.label_asym_id'                    
10 4 'Structure model' '_atom_site.label_atom_id'                    
11 4 'Structure model' '_atom_site.label_comp_id'                    
12 4 'Structure model' '_atom_site.label_entity_id'                  
13 4 'Structure model' '_atom_site.type_symbol'                      
14 4 'Structure model' '_chem_comp.name'                             
15 4 'Structure model' '_chem_comp.type'                             
16 4 'Structure model' '_entity.formula_weight'                      
17 4 'Structure model' '_entity.pdbx_description'                    
18 4 'Structure model' '_entity.pdbx_number_of_molecules'            
19 4 'Structure model' '_entity.src_method'                          
20 4 'Structure model' '_entity.type'                                
21 4 'Structure model' '_pdbx_database_status.status_code_sf'        
22 4 'Structure model' '_pdbx_struct_assembly_gen.asym_id_list'      
23 4 'Structure model' '_pdbx_struct_conn_angle.ptnr1_auth_comp_id'  
24 4 'Structure model' '_pdbx_struct_conn_angle.ptnr1_auth_seq_id'   
25 4 'Structure model' '_pdbx_struct_conn_angle.ptnr1_label_asym_id' 
26 4 'Structure model' '_pdbx_struct_conn_angle.ptnr1_label_atom_id' 
27 4 'Structure model' '_pdbx_struct_conn_angle.ptnr1_label_comp_id' 
28 4 'Structure model' '_pdbx_struct_conn_angle.ptnr1_label_seq_id'  
29 4 'Structure model' '_pdbx_struct_conn_angle.ptnr2_auth_seq_id'   
30 4 'Structure model' '_pdbx_struct_conn_angle.ptnr2_label_asym_id' 
31 4 'Structure model' '_pdbx_struct_conn_angle.ptnr3_auth_comp_id'  
32 4 'Structure model' '_pdbx_struct_conn_angle.ptnr3_auth_seq_id'   
33 4 'Structure model' '_pdbx_struct_conn_angle.ptnr3_label_asym_id' 
34 4 'Structure model' '_pdbx_struct_conn_angle.ptnr3_label_atom_id' 
35 4 'Structure model' '_pdbx_struct_conn_angle.ptnr3_label_comp_id' 
36 4 'Structure model' '_pdbx_struct_conn_angle.ptnr3_label_seq_id'  
37 4 'Structure model' '_pdbx_struct_conn_angle.value'               
38 4 'Structure model' '_pdbx_struct_special_symmetry.label_asym_id' 
39 4 'Structure model' '_struct_conn.conn_type_id'                   
40 4 'Structure model' '_struct_conn.id'                             
41 4 'Structure model' '_struct_conn.pdbx_dist_value'                
42 4 'Structure model' '_struct_conn.pdbx_leaving_atom_flag'         
43 4 'Structure model' '_struct_conn.ptnr1_auth_asym_id'             
44 4 'Structure model' '_struct_conn.ptnr1_auth_comp_id'             
45 4 'Structure model' '_struct_conn.ptnr1_auth_seq_id'              
46 4 'Structure model' '_struct_conn.ptnr1_label_asym_id'            
47 4 'Structure model' '_struct_conn.ptnr1_label_atom_id'            
48 4 'Structure model' '_struct_conn.ptnr1_label_comp_id'            
49 4 'Structure model' '_struct_conn.ptnr1_label_seq_id'             
50 4 'Structure model' '_struct_conn.ptnr2_auth_asym_id'             
51 4 'Structure model' '_struct_conn.ptnr2_auth_comp_id'             
52 4 'Structure model' '_struct_conn.ptnr2_auth_seq_id'              
53 4 'Structure model' '_struct_conn.ptnr2_label_asym_id'            
54 4 'Structure model' '_struct_conn.ptnr2_label_atom_id'            
55 4 'Structure model' '_struct_conn.ptnr2_label_comp_id'            
56 4 'Structure model' '_struct_conn.ptnr2_label_seq_id'             
57 4 'Structure model' '_struct_conn_type.id'                        
58 5 'Structure model' '_chem_comp.pdbx_synonyms'                    
59 5 'Structure model' '_database_2.pdbx_DOI'                        
60 5 'Structure model' '_database_2.pdbx_database_accession'         
# 
loop_
_software.name 
_software.classification 
_software.version 
_software.citation_id 
_software.pdbx_ordinal 
REFMAC refinement       5.1.24 ? 1 
MOSFLM 'data reduction' .      ? 2 
SCALA  'data scaling'   .      ? 3 
AMoRE  phasing          .      ? 4 
# 
_pdbx_validate_close_contact.id               1 
_pdbx_validate_close_contact.PDB_model_num    1 
_pdbx_validate_close_contact.auth_atom_id_1   O 
_pdbx_validate_close_contact.auth_asym_id_1   A 
_pdbx_validate_close_contact.auth_comp_id_1   HOH 
_pdbx_validate_close_contact.auth_seq_id_1    2105 
_pdbx_validate_close_contact.PDB_ins_code_1   ? 
_pdbx_validate_close_contact.label_alt_id_1   ? 
_pdbx_validate_close_contact.auth_atom_id_2   O 
_pdbx_validate_close_contact.auth_asym_id_2   A 
_pdbx_validate_close_contact.auth_comp_id_2   HOH 
_pdbx_validate_close_contact.auth_seq_id_2    2106 
_pdbx_validate_close_contact.PDB_ins_code_2   ? 
_pdbx_validate_close_contact.label_alt_id_2   ? 
_pdbx_validate_close_contact.dist             2.17 
# 
_pdbx_validate_symm_contact.id                1 
_pdbx_validate_symm_contact.PDB_model_num     1 
_pdbx_validate_symm_contact.auth_atom_id_1    CE 
_pdbx_validate_symm_contact.auth_asym_id_1    A 
_pdbx_validate_symm_contact.auth_comp_id_1    MET 
_pdbx_validate_symm_contact.auth_seq_id_1     1 
_pdbx_validate_symm_contact.PDB_ins_code_1    ? 
_pdbx_validate_symm_contact.label_alt_id_1    ? 
_pdbx_validate_symm_contact.site_symmetry_1   1_555 
_pdbx_validate_symm_contact.auth_atom_id_2    O 
_pdbx_validate_symm_contact.auth_asym_id_2    A 
_pdbx_validate_symm_contact.auth_comp_id_2    HOH 
_pdbx_validate_symm_contact.auth_seq_id_2     2058 
_pdbx_validate_symm_contact.PDB_ins_code_2    ? 
_pdbx_validate_symm_contact.label_alt_id_2    ? 
_pdbx_validate_symm_contact.site_symmetry_2   2_555 
_pdbx_validate_symm_contact.dist              2.15 
# 
loop_
_chem_comp_atom.comp_id 
_chem_comp_atom.atom_id 
_chem_comp_atom.type_symbol 
_chem_comp_atom.pdbx_aromatic_flag 
_chem_comp_atom.pdbx_stereo_config 
_chem_comp_atom.pdbx_ordinal 
ALA N    N  N N 1   
ALA CA   C  N S 2   
ALA C    C  N N 3   
ALA O    O  N N 4   
ALA CB   C  N N 5   
ALA OXT  O  N N 6   
ALA H    H  N N 7   
ALA H2   H  N N 8   
ALA HA   H  N N 9   
ALA HB1  H  N N 10  
ALA HB2  H  N N 11  
ALA HB3  H  N N 12  
ALA HXT  H  N N 13  
ARG N    N  N N 14  
ARG CA   C  N S 15  
ARG C    C  N N 16  
ARG O    O  N N 17  
ARG CB   C  N N 18  
ARG CG   C  N N 19  
ARG CD   C  N N 20  
ARG NE   N  N N 21  
ARG CZ   C  N N 22  
ARG NH1  N  N N 23  
ARG NH2  N  N N 24  
ARG OXT  O  N N 25  
ARG H    H  N N 26  
ARG H2   H  N N 27  
ARG HA   H  N N 28  
ARG HB2  H  N N 29  
ARG HB3  H  N N 30  
ARG HG2  H  N N 31  
ARG HG3  H  N N 32  
ARG HD2  H  N N 33  
ARG HD3  H  N N 34  
ARG HE   H  N N 35  
ARG HH11 H  N N 36  
ARG HH12 H  N N 37  
ARG HH21 H  N N 38  
ARG HH22 H  N N 39  
ARG HXT  H  N N 40  
ASN N    N  N N 41  
ASN CA   C  N S 42  
ASN C    C  N N 43  
ASN O    O  N N 44  
ASN CB   C  N N 45  
ASN CG   C  N N 46  
ASN OD1  O  N N 47  
ASN ND2  N  N N 48  
ASN OXT  O  N N 49  
ASN H    H  N N 50  
ASN H2   H  N N 51  
ASN HA   H  N N 52  
ASN HB2  H  N N 53  
ASN HB3  H  N N 54  
ASN HD21 H  N N 55  
ASN HD22 H  N N 56  
ASN HXT  H  N N 57  
ASP N    N  N N 58  
ASP CA   C  N S 59  
ASP C    C  N N 60  
ASP O    O  N N 61  
ASP CB   C  N N 62  
ASP CG   C  N N 63  
ASP OD1  O  N N 64  
ASP OD2  O  N N 65  
ASP OXT  O  N N 66  
ASP H    H  N N 67  
ASP H2   H  N N 68  
ASP HA   H  N N 69  
ASP HB2  H  N N 70  
ASP HB3  H  N N 71  
ASP HD2  H  N N 72  
ASP HXT  H  N N 73  
BGC C2   C  N R 74  
BGC C3   C  N S 75  
BGC C4   C  N S 76  
BGC C5   C  N R 77  
BGC C6   C  N N 78  
BGC C1   C  N R 79  
BGC O1   O  N N 80  
BGC O2   O  N N 81  
BGC O3   O  N N 82  
BGC O4   O  N N 83  
BGC O5   O  N N 84  
BGC O6   O  N N 85  
BGC H2   H  N N 86  
BGC H3   H  N N 87  
BGC H4   H  N N 88  
BGC H5   H  N N 89  
BGC H61  H  N N 90  
BGC H62  H  N N 91  
BGC H1   H  N N 92  
BGC HO1  H  N N 93  
BGC HO2  H  N N 94  
BGC HO3  H  N N 95  
BGC HO4  H  N N 96  
BGC HO6  H  N N 97  
CA  CA   CA N N 98  
CL  CL   CL N N 99  
GLN N    N  N N 100 
GLN CA   C  N S 101 
GLN C    C  N N 102 
GLN O    O  N N 103 
GLN CB   C  N N 104 
GLN CG   C  N N 105 
GLN CD   C  N N 106 
GLN OE1  O  N N 107 
GLN NE2  N  N N 108 
GLN OXT  O  N N 109 
GLN H    H  N N 110 
GLN H2   H  N N 111 
GLN HA   H  N N 112 
GLN HB2  H  N N 113 
GLN HB3  H  N N 114 
GLN HG2  H  N N 115 
GLN HG3  H  N N 116 
GLN HE21 H  N N 117 
GLN HE22 H  N N 118 
GLN HXT  H  N N 119 
GLU N    N  N N 120 
GLU CA   C  N S 121 
GLU C    C  N N 122 
GLU O    O  N N 123 
GLU CB   C  N N 124 
GLU CG   C  N N 125 
GLU CD   C  N N 126 
GLU OE1  O  N N 127 
GLU OE2  O  N N 128 
GLU OXT  O  N N 129 
GLU H    H  N N 130 
GLU H2   H  N N 131 
GLU HA   H  N N 132 
GLU HB2  H  N N 133 
GLU HB3  H  N N 134 
GLU HG2  H  N N 135 
GLU HG3  H  N N 136 
GLU HE2  H  N N 137 
GLU HXT  H  N N 138 
GLY N    N  N N 139 
GLY CA   C  N N 140 
GLY C    C  N N 141 
GLY O    O  N N 142 
GLY OXT  O  N N 143 
GLY H    H  N N 144 
GLY H2   H  N N 145 
GLY HA2  H  N N 146 
GLY HA3  H  N N 147 
GLY HXT  H  N N 148 
GOL C1   C  N N 149 
GOL O1   O  N N 150 
GOL C2   C  N N 151 
GOL O2   O  N N 152 
GOL C3   C  N N 153 
GOL O3   O  N N 154 
GOL H11  H  N N 155 
GOL H12  H  N N 156 
GOL HO1  H  N N 157 
GOL H2   H  N N 158 
GOL HO2  H  N N 159 
GOL H31  H  N N 160 
GOL H32  H  N N 161 
GOL HO3  H  N N 162 
HIS N    N  N N 163 
HIS CA   C  N S 164 
HIS C    C  N N 165 
HIS O    O  N N 166 
HIS CB   C  N N 167 
HIS CG   C  Y N 168 
HIS ND1  N  Y N 169 
HIS CD2  C  Y N 170 
HIS CE1  C  Y N 171 
HIS NE2  N  Y N 172 
HIS OXT  O  N N 173 
HIS H    H  N N 174 
HIS H2   H  N N 175 
HIS HA   H  N N 176 
HIS HB2  H  N N 177 
HIS HB3  H  N N 178 
HIS HD1  H  N N 179 
HIS HD2  H  N N 180 
HIS HE1  H  N N 181 
HIS HE2  H  N N 182 
HIS HXT  H  N N 183 
HOH O    O  N N 184 
HOH H1   H  N N 185 
HOH H2   H  N N 186 
ILE N    N  N N 187 
ILE CA   C  N S 188 
ILE C    C  N N 189 
ILE O    O  N N 190 
ILE CB   C  N S 191 
ILE CG1  C  N N 192 
ILE CG2  C  N N 193 
ILE CD1  C  N N 194 
ILE OXT  O  N N 195 
ILE H    H  N N 196 
ILE H2   H  N N 197 
ILE HA   H  N N 198 
ILE HB   H  N N 199 
ILE HG12 H  N N 200 
ILE HG13 H  N N 201 
ILE HG21 H  N N 202 
ILE HG22 H  N N 203 
ILE HG23 H  N N 204 
ILE HD11 H  N N 205 
ILE HD12 H  N N 206 
ILE HD13 H  N N 207 
ILE HXT  H  N N 208 
LEU N    N  N N 209 
LEU CA   C  N S 210 
LEU C    C  N N 211 
LEU O    O  N N 212 
LEU CB   C  N N 213 
LEU CG   C  N N 214 
LEU CD1  C  N N 215 
LEU CD2  C  N N 216 
LEU OXT  O  N N 217 
LEU H    H  N N 218 
LEU H2   H  N N 219 
LEU HA   H  N N 220 
LEU HB2  H  N N 221 
LEU HB3  H  N N 222 
LEU HG   H  N N 223 
LEU HD11 H  N N 224 
LEU HD12 H  N N 225 
LEU HD13 H  N N 226 
LEU HD21 H  N N 227 
LEU HD22 H  N N 228 
LEU HD23 H  N N 229 
LEU HXT  H  N N 230 
LYS N    N  N N 231 
LYS CA   C  N S 232 
LYS C    C  N N 233 
LYS O    O  N N 234 
LYS CB   C  N N 235 
LYS CG   C  N N 236 
LYS CD   C  N N 237 
LYS CE   C  N N 238 
LYS NZ   N  N N 239 
LYS OXT  O  N N 240 
LYS H    H  N N 241 
LYS H2   H  N N 242 
LYS HA   H  N N 243 
LYS HB2  H  N N 244 
LYS HB3  H  N N 245 
LYS HG2  H  N N 246 
LYS HG3  H  N N 247 
LYS HD2  H  N N 248 
LYS HD3  H  N N 249 
LYS HE2  H  N N 250 
LYS HE3  H  N N 251 
LYS HZ1  H  N N 252 
LYS HZ2  H  N N 253 
LYS HZ3  H  N N 254 
LYS HXT  H  N N 255 
MET N    N  N N 256 
MET CA   C  N S 257 
MET C    C  N N 258 
MET O    O  N N 259 
MET CB   C  N N 260 
MET CG   C  N N 261 
MET SD   S  N N 262 
MET CE   C  N N 263 
MET OXT  O  N N 264 
MET H    H  N N 265 
MET H2   H  N N 266 
MET HA   H  N N 267 
MET HB2  H  N N 268 
MET HB3  H  N N 269 
MET HG2  H  N N 270 
MET HG3  H  N N 271 
MET HE1  H  N N 272 
MET HE2  H  N N 273 
MET HE3  H  N N 274 
MET HXT  H  N N 275 
PHE N    N  N N 276 
PHE CA   C  N S 277 
PHE C    C  N N 278 
PHE O    O  N N 279 
PHE CB   C  N N 280 
PHE CG   C  Y N 281 
PHE CD1  C  Y N 282 
PHE CD2  C  Y N 283 
PHE CE1  C  Y N 284 
PHE CE2  C  Y N 285 
PHE CZ   C  Y N 286 
PHE OXT  O  N N 287 
PHE H    H  N N 288 
PHE H2   H  N N 289 
PHE HA   H  N N 290 
PHE HB2  H  N N 291 
PHE HB3  H  N N 292 
PHE HD1  H  N N 293 
PHE HD2  H  N N 294 
PHE HE1  H  N N 295 
PHE HE2  H  N N 296 
PHE HZ   H  N N 297 
PHE HXT  H  N N 298 
PRO N    N  N N 299 
PRO CA   C  N S 300 
PRO C    C  N N 301 
PRO O    O  N N 302 
PRO CB   C  N N 303 
PRO CG   C  N N 304 
PRO CD   C  N N 305 
PRO OXT  O  N N 306 
PRO H    H  N N 307 
PRO HA   H  N N 308 
PRO HB2  H  N N 309 
PRO HB3  H  N N 310 
PRO HG2  H  N N 311 
PRO HG3  H  N N 312 
PRO HD2  H  N N 313 
PRO HD3  H  N N 314 
PRO HXT  H  N N 315 
SER N    N  N N 316 
SER CA   C  N S 317 
SER C    C  N N 318 
SER O    O  N N 319 
SER CB   C  N N 320 
SER OG   O  N N 321 
SER OXT  O  N N 322 
SER H    H  N N 323 
SER H2   H  N N 324 
SER HA   H  N N 325 
SER HB2  H  N N 326 
SER HB3  H  N N 327 
SER HG   H  N N 328 
SER HXT  H  N N 329 
THR N    N  N N 330 
THR CA   C  N S 331 
THR C    C  N N 332 
THR O    O  N N 333 
THR CB   C  N R 334 
THR OG1  O  N N 335 
THR CG2  C  N N 336 
THR OXT  O  N N 337 
THR H    H  N N 338 
THR H2   H  N N 339 
THR HA   H  N N 340 
THR HB   H  N N 341 
THR HG1  H  N N 342 
THR HG21 H  N N 343 
THR HG22 H  N N 344 
THR HG23 H  N N 345 
THR HXT  H  N N 346 
TRP N    N  N N 347 
TRP CA   C  N S 348 
TRP C    C  N N 349 
TRP O    O  N N 350 
TRP CB   C  N N 351 
TRP CG   C  Y N 352 
TRP CD1  C  Y N 353 
TRP CD2  C  Y N 354 
TRP NE1  N  Y N 355 
TRP CE2  C  Y N 356 
TRP CE3  C  Y N 357 
TRP CZ2  C  Y N 358 
TRP CZ3  C  Y N 359 
TRP CH2  C  Y N 360 
TRP OXT  O  N N 361 
TRP H    H  N N 362 
TRP H2   H  N N 363 
TRP HA   H  N N 364 
TRP HB2  H  N N 365 
TRP HB3  H  N N 366 
TRP HD1  H  N N 367 
TRP HE1  H  N N 368 
TRP HE3  H  N N 369 
TRP HZ2  H  N N 370 
TRP HZ3  H  N N 371 
TRP HH2  H  N N 372 
TRP HXT  H  N N 373 
TYR N    N  N N 374 
TYR CA   C  N S 375 
TYR C    C  N N 376 
TYR O    O  N N 377 
TYR CB   C  N N 378 
TYR CG   C  Y N 379 
TYR CD1  C  Y N 380 
TYR CD2  C  Y N 381 
TYR CE1  C  Y N 382 
TYR CE2  C  Y N 383 
TYR CZ   C  Y N 384 
TYR OH   O  N N 385 
TYR OXT  O  N N 386 
TYR H    H  N N 387 
TYR H2   H  N N 388 
TYR HA   H  N N 389 
TYR HB2  H  N N 390 
TYR HB3  H  N N 391 
TYR HD1  H  N N 392 
TYR HD2  H  N N 393 
TYR HE1  H  N N 394 
TYR HE2  H  N N 395 
TYR HH   H  N N 396 
TYR HXT  H  N N 397 
VAL N    N  N N 398 
VAL CA   C  N S 399 
VAL C    C  N N 400 
VAL O    O  N N 401 
VAL CB   C  N N 402 
VAL CG1  C  N N 403 
VAL CG2  C  N N 404 
VAL OXT  O  N N 405 
VAL H    H  N N 406 
VAL H2   H  N N 407 
VAL HA   H  N N 408 
VAL HB   H  N N 409 
VAL HG11 H  N N 410 
VAL HG12 H  N N 411 
VAL HG13 H  N N 412 
VAL HG21 H  N N 413 
VAL HG22 H  N N 414 
VAL HG23 H  N N 415 
VAL HXT  H  N N 416 
# 
loop_
_chem_comp_bond.comp_id 
_chem_comp_bond.atom_id_1 
_chem_comp_bond.atom_id_2 
_chem_comp_bond.value_order 
_chem_comp_bond.pdbx_aromatic_flag 
_chem_comp_bond.pdbx_stereo_config 
_chem_comp_bond.pdbx_ordinal 
ALA N   CA   sing N N 1   
ALA N   H    sing N N 2   
ALA N   H2   sing N N 3   
ALA CA  C    sing N N 4   
ALA CA  CB   sing N N 5   
ALA CA  HA   sing N N 6   
ALA C   O    doub N N 7   
ALA C   OXT  sing N N 8   
ALA CB  HB1  sing N N 9   
ALA CB  HB2  sing N N 10  
ALA CB  HB3  sing N N 11  
ALA OXT HXT  sing N N 12  
ARG N   CA   sing N N 13  
ARG N   H    sing N N 14  
ARG N   H2   sing N N 15  
ARG CA  C    sing N N 16  
ARG CA  CB   sing N N 17  
ARG CA  HA   sing N N 18  
ARG C   O    doub N N 19  
ARG C   OXT  sing N N 20  
ARG CB  CG   sing N N 21  
ARG CB  HB2  sing N N 22  
ARG CB  HB3  sing N N 23  
ARG CG  CD   sing N N 24  
ARG CG  HG2  sing N N 25  
ARG CG  HG3  sing N N 26  
ARG CD  NE   sing N N 27  
ARG CD  HD2  sing N N 28  
ARG CD  HD3  sing N N 29  
ARG NE  CZ   sing N N 30  
ARG NE  HE   sing N N 31  
ARG CZ  NH1  sing N N 32  
ARG CZ  NH2  doub N N 33  
ARG NH1 HH11 sing N N 34  
ARG NH1 HH12 sing N N 35  
ARG NH2 HH21 sing N N 36  
ARG NH2 HH22 sing N N 37  
ARG OXT HXT  sing N N 38  
ASN N   CA   sing N N 39  
ASN N   H    sing N N 40  
ASN N   H2   sing N N 41  
ASN CA  C    sing N N 42  
ASN CA  CB   sing N N 43  
ASN CA  HA   sing N N 44  
ASN C   O    doub N N 45  
ASN C   OXT  sing N N 46  
ASN CB  CG   sing N N 47  
ASN CB  HB2  sing N N 48  
ASN CB  HB3  sing N N 49  
ASN CG  OD1  doub N N 50  
ASN CG  ND2  sing N N 51  
ASN ND2 HD21 sing N N 52  
ASN ND2 HD22 sing N N 53  
ASN OXT HXT  sing N N 54  
ASP N   CA   sing N N 55  
ASP N   H    sing N N 56  
ASP N   H2   sing N N 57  
ASP CA  C    sing N N 58  
ASP CA  CB   sing N N 59  
ASP CA  HA   sing N N 60  
ASP C   O    doub N N 61  
ASP C   OXT  sing N N 62  
ASP CB  CG   sing N N 63  
ASP CB  HB2  sing N N 64  
ASP CB  HB3  sing N N 65  
ASP CG  OD1  doub N N 66  
ASP CG  OD2  sing N N 67  
ASP OD2 HD2  sing N N 68  
ASP OXT HXT  sing N N 69  
BGC C2  C3   sing N N 70  
BGC C2  C1   sing N N 71  
BGC C2  O2   sing N N 72  
BGC C2  H2   sing N N 73  
BGC C3  C4   sing N N 74  
BGC C3  O3   sing N N 75  
BGC C3  H3   sing N N 76  
BGC C4  C5   sing N N 77  
BGC C4  O4   sing N N 78  
BGC C4  H4   sing N N 79  
BGC C5  C6   sing N N 80  
BGC C5  O5   sing N N 81  
BGC C5  H5   sing N N 82  
BGC C6  O6   sing N N 83  
BGC C6  H61  sing N N 84  
BGC C6  H62  sing N N 85  
BGC C1  O1   sing N N 86  
BGC C1  O5   sing N N 87  
BGC C1  H1   sing N N 88  
BGC O1  HO1  sing N N 89  
BGC O2  HO2  sing N N 90  
BGC O3  HO3  sing N N 91  
BGC O4  HO4  sing N N 92  
BGC O6  HO6  sing N N 93  
GLN N   CA   sing N N 94  
GLN N   H    sing N N 95  
GLN N   H2   sing N N 96  
GLN CA  C    sing N N 97  
GLN CA  CB   sing N N 98  
GLN CA  HA   sing N N 99  
GLN C   O    doub N N 100 
GLN C   OXT  sing N N 101 
GLN CB  CG   sing N N 102 
GLN CB  HB2  sing N N 103 
GLN CB  HB3  sing N N 104 
GLN CG  CD   sing N N 105 
GLN CG  HG2  sing N N 106 
GLN CG  HG3  sing N N 107 
GLN CD  OE1  doub N N 108 
GLN CD  NE2  sing N N 109 
GLN NE2 HE21 sing N N 110 
GLN NE2 HE22 sing N N 111 
GLN OXT HXT  sing N N 112 
GLU N   CA   sing N N 113 
GLU N   H    sing N N 114 
GLU N   H2   sing N N 115 
GLU CA  C    sing N N 116 
GLU CA  CB   sing N N 117 
GLU CA  HA   sing N N 118 
GLU C   O    doub N N 119 
GLU C   OXT  sing N N 120 
GLU CB  CG   sing N N 121 
GLU CB  HB2  sing N N 122 
GLU CB  HB3  sing N N 123 
GLU CG  CD   sing N N 124 
GLU CG  HG2  sing N N 125 
GLU CG  HG3  sing N N 126 
GLU CD  OE1  doub N N 127 
GLU CD  OE2  sing N N 128 
GLU OE2 HE2  sing N N 129 
GLU OXT HXT  sing N N 130 
GLY N   CA   sing N N 131 
GLY N   H    sing N N 132 
GLY N   H2   sing N N 133 
GLY CA  C    sing N N 134 
GLY CA  HA2  sing N N 135 
GLY CA  HA3  sing N N 136 
GLY C   O    doub N N 137 
GLY C   OXT  sing N N 138 
GLY OXT HXT  sing N N 139 
GOL C1  O1   sing N N 140 
GOL C1  C2   sing N N 141 
GOL C1  H11  sing N N 142 
GOL C1  H12  sing N N 143 
GOL O1  HO1  sing N N 144 
GOL C2  O2   sing N N 145 
GOL C2  C3   sing N N 146 
GOL C2  H2   sing N N 147 
GOL O2  HO2  sing N N 148 
GOL C3  O3   sing N N 149 
GOL C3  H31  sing N N 150 
GOL C3  H32  sing N N 151 
GOL O3  HO3  sing N N 152 
HIS N   CA   sing N N 153 
HIS N   H    sing N N 154 
HIS N   H2   sing N N 155 
HIS CA  C    sing N N 156 
HIS CA  CB   sing N N 157 
HIS CA  HA   sing N N 158 
HIS C   O    doub N N 159 
HIS C   OXT  sing N N 160 
HIS CB  CG   sing N N 161 
HIS CB  HB2  sing N N 162 
HIS CB  HB3  sing N N 163 
HIS CG  ND1  sing Y N 164 
HIS CG  CD2  doub Y N 165 
HIS ND1 CE1  doub Y N 166 
HIS ND1 HD1  sing N N 167 
HIS CD2 NE2  sing Y N 168 
HIS CD2 HD2  sing N N 169 
HIS CE1 NE2  sing Y N 170 
HIS CE1 HE1  sing N N 171 
HIS NE2 HE2  sing N N 172 
HIS OXT HXT  sing N N 173 
HOH O   H1   sing N N 174 
HOH O   H2   sing N N 175 
ILE N   CA   sing N N 176 
ILE N   H    sing N N 177 
ILE N   H2   sing N N 178 
ILE CA  C    sing N N 179 
ILE CA  CB   sing N N 180 
ILE CA  HA   sing N N 181 
ILE C   O    doub N N 182 
ILE C   OXT  sing N N 183 
ILE CB  CG1  sing N N 184 
ILE CB  CG2  sing N N 185 
ILE CB  HB   sing N N 186 
ILE CG1 CD1  sing N N 187 
ILE CG1 HG12 sing N N 188 
ILE CG1 HG13 sing N N 189 
ILE CG2 HG21 sing N N 190 
ILE CG2 HG22 sing N N 191 
ILE CG2 HG23 sing N N 192 
ILE CD1 HD11 sing N N 193 
ILE CD1 HD12 sing N N 194 
ILE CD1 HD13 sing N N 195 
ILE OXT HXT  sing N N 196 
LEU N   CA   sing N N 197 
LEU N   H    sing N N 198 
LEU N   H2   sing N N 199 
LEU CA  C    sing N N 200 
LEU CA  CB   sing N N 201 
LEU CA  HA   sing N N 202 
LEU C   O    doub N N 203 
LEU C   OXT  sing N N 204 
LEU CB  CG   sing N N 205 
LEU CB  HB2  sing N N 206 
LEU CB  HB3  sing N N 207 
LEU CG  CD1  sing N N 208 
LEU CG  CD2  sing N N 209 
LEU CG  HG   sing N N 210 
LEU CD1 HD11 sing N N 211 
LEU CD1 HD12 sing N N 212 
LEU CD1 HD13 sing N N 213 
LEU CD2 HD21 sing N N 214 
LEU CD2 HD22 sing N N 215 
LEU CD2 HD23 sing N N 216 
LEU OXT HXT  sing N N 217 
LYS N   CA   sing N N 218 
LYS N   H    sing N N 219 
LYS N   H2   sing N N 220 
LYS CA  C    sing N N 221 
LYS CA  CB   sing N N 222 
LYS CA  HA   sing N N 223 
LYS C   O    doub N N 224 
LYS C   OXT  sing N N 225 
LYS CB  CG   sing N N 226 
LYS CB  HB2  sing N N 227 
LYS CB  HB3  sing N N 228 
LYS CG  CD   sing N N 229 
LYS CG  HG2  sing N N 230 
LYS CG  HG3  sing N N 231 
LYS CD  CE   sing N N 232 
LYS CD  HD2  sing N N 233 
LYS CD  HD3  sing N N 234 
LYS CE  NZ   sing N N 235 
LYS CE  HE2  sing N N 236 
LYS CE  HE3  sing N N 237 
LYS NZ  HZ1  sing N N 238 
LYS NZ  HZ2  sing N N 239 
LYS NZ  HZ3  sing N N 240 
LYS OXT HXT  sing N N 241 
MET N   CA   sing N N 242 
MET N   H    sing N N 243 
MET N   H2   sing N N 244 
MET CA  C    sing N N 245 
MET CA  CB   sing N N 246 
MET CA  HA   sing N N 247 
MET C   O    doub N N 248 
MET C   OXT  sing N N 249 
MET CB  CG   sing N N 250 
MET CB  HB2  sing N N 251 
MET CB  HB3  sing N N 252 
MET CG  SD   sing N N 253 
MET CG  HG2  sing N N 254 
MET CG  HG3  sing N N 255 
MET SD  CE   sing N N 256 
MET CE  HE1  sing N N 257 
MET CE  HE2  sing N N 258 
MET CE  HE3  sing N N 259 
MET OXT HXT  sing N N 260 
PHE N   CA   sing N N 261 
PHE N   H    sing N N 262 
PHE N   H2   sing N N 263 
PHE CA  C    sing N N 264 
PHE CA  CB   sing N N 265 
PHE CA  HA   sing N N 266 
PHE C   O    doub N N 267 
PHE C   OXT  sing N N 268 
PHE CB  CG   sing N N 269 
PHE CB  HB2  sing N N 270 
PHE CB  HB3  sing N N 271 
PHE CG  CD1  doub Y N 272 
PHE CG  CD2  sing Y N 273 
PHE CD1 CE1  sing Y N 274 
PHE CD1 HD1  sing N N 275 
PHE CD2 CE2  doub Y N 276 
PHE CD2 HD2  sing N N 277 
PHE CE1 CZ   doub Y N 278 
PHE CE1 HE1  sing N N 279 
PHE CE2 CZ   sing Y N 280 
PHE CE2 HE2  sing N N 281 
PHE CZ  HZ   sing N N 282 
PHE OXT HXT  sing N N 283 
PRO N   CA   sing N N 284 
PRO N   CD   sing N N 285 
PRO N   H    sing N N 286 
PRO CA  C    sing N N 287 
PRO CA  CB   sing N N 288 
PRO CA  HA   sing N N 289 
PRO C   O    doub N N 290 
PRO C   OXT  sing N N 291 
PRO CB  CG   sing N N 292 
PRO CB  HB2  sing N N 293 
PRO CB  HB3  sing N N 294 
PRO CG  CD   sing N N 295 
PRO CG  HG2  sing N N 296 
PRO CG  HG3  sing N N 297 
PRO CD  HD2  sing N N 298 
PRO CD  HD3  sing N N 299 
PRO OXT HXT  sing N N 300 
SER N   CA   sing N N 301 
SER N   H    sing N N 302 
SER N   H2   sing N N 303 
SER CA  C    sing N N 304 
SER CA  CB   sing N N 305 
SER CA  HA   sing N N 306 
SER C   O    doub N N 307 
SER C   OXT  sing N N 308 
SER CB  OG   sing N N 309 
SER CB  HB2  sing N N 310 
SER CB  HB3  sing N N 311 
SER OG  HG   sing N N 312 
SER OXT HXT  sing N N 313 
THR N   CA   sing N N 314 
THR N   H    sing N N 315 
THR N   H2   sing N N 316 
THR CA  C    sing N N 317 
THR CA  CB   sing N N 318 
THR CA  HA   sing N N 319 
THR C   O    doub N N 320 
THR C   OXT  sing N N 321 
THR CB  OG1  sing N N 322 
THR CB  CG2  sing N N 323 
THR CB  HB   sing N N 324 
THR OG1 HG1  sing N N 325 
THR CG2 HG21 sing N N 326 
THR CG2 HG22 sing N N 327 
THR CG2 HG23 sing N N 328 
THR OXT HXT  sing N N 329 
TRP N   CA   sing N N 330 
TRP N   H    sing N N 331 
TRP N   H2   sing N N 332 
TRP CA  C    sing N N 333 
TRP CA  CB   sing N N 334 
TRP CA  HA   sing N N 335 
TRP C   O    doub N N 336 
TRP C   OXT  sing N N 337 
TRP CB  CG   sing N N 338 
TRP CB  HB2  sing N N 339 
TRP CB  HB3  sing N N 340 
TRP CG  CD1  doub Y N 341 
TRP CG  CD2  sing Y N 342 
TRP CD1 NE1  sing Y N 343 
TRP CD1 HD1  sing N N 344 
TRP CD2 CE2  doub Y N 345 
TRP CD2 CE3  sing Y N 346 
TRP NE1 CE2  sing Y N 347 
TRP NE1 HE1  sing N N 348 
TRP CE2 CZ2  sing Y N 349 
TRP CE3 CZ3  doub Y N 350 
TRP CE3 HE3  sing N N 351 
TRP CZ2 CH2  doub Y N 352 
TRP CZ2 HZ2  sing N N 353 
TRP CZ3 CH2  sing Y N 354 
TRP CZ3 HZ3  sing N N 355 
TRP CH2 HH2  sing N N 356 
TRP OXT HXT  sing N N 357 
TYR N   CA   sing N N 358 
TYR N   H    sing N N 359 
TYR N   H2   sing N N 360 
TYR CA  C    sing N N 361 
TYR CA  CB   sing N N 362 
TYR CA  HA   sing N N 363 
TYR C   O    doub N N 364 
TYR C   OXT  sing N N 365 
TYR CB  CG   sing N N 366 
TYR CB  HB2  sing N N 367 
TYR CB  HB3  sing N N 368 
TYR CG  CD1  doub Y N 369 
TYR CG  CD2  sing Y N 370 
TYR CD1 CE1  sing Y N 371 
TYR CD1 HD1  sing N N 372 
TYR CD2 CE2  doub Y N 373 
TYR CD2 HD2  sing N N 374 
TYR CE1 CZ   doub Y N 375 
TYR CE1 HE1  sing N N 376 
TYR CE2 CZ   sing Y N 377 
TYR CE2 HE2  sing N N 378 
TYR CZ  OH   sing N N 379 
TYR OH  HH   sing N N 380 
TYR OXT HXT  sing N N 381 
VAL N   CA   sing N N 382 
VAL N   H    sing N N 383 
VAL N   H2   sing N N 384 
VAL CA  C    sing N N 385 
VAL CA  CB   sing N N 386 
VAL CA  HA   sing N N 387 
VAL C   O    doub N N 388 
VAL C   OXT  sing N N 389 
VAL CB  CG1  sing N N 390 
VAL CB  CG2  sing N N 391 
VAL CB  HB   sing N N 392 
VAL CG1 HG11 sing N N 393 
VAL CG1 HG12 sing N N 394 
VAL CG1 HG13 sing N N 395 
VAL CG2 HG21 sing N N 396 
VAL CG2 HG22 sing N N 397 
VAL CG2 HG23 sing N N 398 
VAL OXT HXT  sing N N 399 
# 
loop_
_pdbx_branch_scheme.asym_id 
_pdbx_branch_scheme.entity_id 
_pdbx_branch_scheme.mon_id 
_pdbx_branch_scheme.num 
_pdbx_branch_scheme.pdb_asym_id 
_pdbx_branch_scheme.pdb_mon_id 
_pdbx_branch_scheme.pdb_seq_num 
_pdbx_branch_scheme.auth_asym_id 
_pdbx_branch_scheme.auth_mon_id 
_pdbx_branch_scheme.auth_seq_num 
_pdbx_branch_scheme.hetero 
B 2 BGC 1 B BGC 1 A BGC 1136 n 
B 2 BGC 2 B BGC 2 A BGC 1135 n 
B 2 BGC 3 B BGC 3 A BGC 1134 n 
B 2 BGC 4 B BGC 4 A BGC 1133 n 
# 
loop_
_pdbx_chem_comp_identifier.comp_id 
_pdbx_chem_comp_identifier.type 
_pdbx_chem_comp_identifier.program 
_pdbx_chem_comp_identifier.program_version 
_pdbx_chem_comp_identifier.identifier 
BGC 'CONDENSED IUPAC CARBOHYDRATE SYMBOL' GMML     1.0 DGlcpb            
BGC 'COMMON NAME'                         GMML     1.0 b-D-glucopyranose 
BGC 'IUPAC CARBOHYDRATE SYMBOL'           PDB-CARE 1.0 b-D-Glcp          
BGC 'SNFG CARBOHYDRATE SYMBOL'            GMML     1.0 Glc               
# 
_pdbx_entity_branch.entity_id   2 
_pdbx_entity_branch.type        oligosaccharide 
# 
loop_
_pdbx_entity_branch_descriptor.ordinal 
_pdbx_entity_branch_descriptor.entity_id 
_pdbx_entity_branch_descriptor.descriptor 
_pdbx_entity_branch_descriptor.type 
_pdbx_entity_branch_descriptor.program 
_pdbx_entity_branch_descriptor.program_version 
1 2 DGlcpb1-4DGlcpb1-3DGlcpb1-4DGlcpb1-ROH                                    'Glycam Condensed Sequence' GMML       1.0   
2 2 'WURCS=2.0/1,4,3/[a2122h-1b_1-5]/1-1-1-1/a4-b1_b3-c1_c4-d1'               WURCS                       PDB2Glycan 1.1.0 
3 2 '[][b-D-Glcp]{[(4+1)][b-D-Glcp]{[(3+1)][b-D-Glcp]{[(4+1)][b-D-Glcp]{}}}}' LINUCS                      PDB-CARE   ?     
# 
loop_
_pdbx_entity_branch_link.link_id 
_pdbx_entity_branch_link.entity_id 
_pdbx_entity_branch_link.entity_branch_list_num_1 
_pdbx_entity_branch_link.comp_id_1 
_pdbx_entity_branch_link.atom_id_1 
_pdbx_entity_branch_link.leaving_atom_id_1 
_pdbx_entity_branch_link.entity_branch_list_num_2 
_pdbx_entity_branch_link.comp_id_2 
_pdbx_entity_branch_link.atom_id_2 
_pdbx_entity_branch_link.leaving_atom_id_2 
_pdbx_entity_branch_link.value_order 
_pdbx_entity_branch_link.details 
1 2 2 BGC C1 O1 1 BGC O4 HO4 sing ? 
2 2 3 BGC C1 O1 2 BGC O3 HO3 sing ? 
3 2 4 BGC C1 O1 3 BGC O4 HO4 sing ? 
# 
loop_
_pdbx_entity_branch_list.entity_id 
_pdbx_entity_branch_list.comp_id 
_pdbx_entity_branch_list.num 
_pdbx_entity_branch_list.hetero 
2 BGC 1 n 
2 BGC 2 n 
2 BGC 3 n 
2 BGC 4 n 
# 
loop_
_pdbx_entity_nonpoly.entity_id 
_pdbx_entity_nonpoly.name 
_pdbx_entity_nonpoly.comp_id 
3 'CALCIUM ION'  CA  
4 'CHLORIDE ION' CL  
5 GLYCEROL       GOL 
6 water          HOH 
# 
_pdbx_initial_refinement_model.id               1 
_pdbx_initial_refinement_model.entity_id_list   ? 
_pdbx_initial_refinement_model.type             'experimental model' 
_pdbx_initial_refinement_model.source_name      PDB 
_pdbx_initial_refinement_model.accession_code   1GMM 
_pdbx_initial_refinement_model.details          'PDB ENTRY 1GMM' 
# 
